data_8BV9
# 
_entry.id   8BV9 
# 
_audit_conform.dict_name       mmcif_pdbx.dic 
_audit_conform.dict_version    5.406 
_audit_conform.dict_location   http://mmcif.pdb.org/dictionaries/ascii/mmcif_pdbx.dic 
# 
loop_
_database_2.database_id 
_database_2.database_code 
_database_2.pdbx_database_accession 
_database_2.pdbx_DOI 
PDB   8BV9         pdb_00008bv9 10.2210/pdb8bv9/pdb 
WWPDB D_1292127184 ?            ?                   
# 
loop_
_pdbx_audit_revision_history.ordinal 
_pdbx_audit_revision_history.data_content_type 
_pdbx_audit_revision_history.major_revision 
_pdbx_audit_revision_history.minor_revision 
_pdbx_audit_revision_history.revision_date 
_pdbx_audit_revision_history.part_number 
1 'Structure model' 1 0 2023-10-18 ? 
2 'Structure model' 1 1 2023-10-25 ? 
3 'Structure model' 1 2 2024-10-23 ? 
4 'Structure model' 2 0 2025-11-05 ? 
# 
loop_
_pdbx_audit_revision_details.ordinal 
_pdbx_audit_revision_details.revision_ordinal 
_pdbx_audit_revision_details.data_content_type 
_pdbx_audit_revision_details.provider 
_pdbx_audit_revision_details.type 
_pdbx_audit_revision_details.description 
_pdbx_audit_revision_details.details 
1 1 'Structure model' repository 'Initial release'        ?                 ? 
2 4 'Structure model' author     'Coordinate replacement' 'Chirality error' 
'The most important reason for the correction is the Cis/Trans isomer of Pro79.' 
# 
loop_
_pdbx_audit_revision_group.ordinal 
_pdbx_audit_revision_group.revision_ordinal 
_pdbx_audit_revision_group.data_content_type 
_pdbx_audit_revision_group.group 
1  2 'Structure model' 'Database references'     
2  3 'Structure model' 'Structure summary'       
3  4 'Structure model' Advisory                  
4  4 'Structure model' 'Atomic model'            
5  4 'Structure model' 'Data collection'         
6  4 'Structure model' 'Database references'     
7  4 'Structure model' 'Derived calculations'    
8  4 'Structure model' 'Non-polymer description' 
9  4 'Structure model' Other                     
10 4 'Structure model' 'Polymer sequence'        
11 4 'Structure model' 'Refinement description'  
12 4 'Structure model' 'Source and taxonomy'     
13 4 'Structure model' 'Structure summary'       
# 
loop_
_pdbx_audit_revision_category.ordinal 
_pdbx_audit_revision_category.revision_ordinal 
_pdbx_audit_revision_category.data_content_type 
_pdbx_audit_revision_category.category 
1  2 'Structure model' citation_author                 
2  3 'Structure model' pdbx_entry_details              
3  3 'Structure model' pdbx_modification_feature       
4  4 'Structure model' atom_site                       
5  4 'Structure model' atom_site_anisotrop             
6  4 'Structure model' atom_sites                      
7  4 'Structure model' chem_comp                       
8  4 'Structure model' chem_comp_atom                  
9  4 'Structure model' chem_comp_bond                  
10 4 'Structure model' entity                          
11 4 'Structure model' entity_poly                     
12 4 'Structure model' entity_poly_seq                 
13 4 'Structure model' entity_src_gen                  
14 4 'Structure model' pdbx_contact_author             
15 4 'Structure model' pdbx_entity_nonpoly             
16 4 'Structure model' pdbx_modification_feature       
17 4 'Structure model' pdbx_nonpoly_scheme             
18 4 'Structure model' pdbx_poly_seq_scheme            
19 4 'Structure model' pdbx_refine_tls                 
20 4 'Structure model' pdbx_refine_tls_group           
21 4 'Structure model' pdbx_struct_assembly_gen        
22 4 'Structure model' pdbx_struct_assembly_prop       
23 4 'Structure model' pdbx_struct_sheet_hbond         
24 4 'Structure model' pdbx_unobs_or_zero_occ_residues 
25 4 'Structure model' pdbx_validate_close_contact     
26 4 'Structure model' pdbx_validate_peptide_omega     
27 4 'Structure model' pdbx_validate_planes            
28 4 'Structure model' pdbx_validate_symm_contact      
29 4 'Structure model' pdbx_validate_torsion           
30 4 'Structure model' refine                          
31 4 'Structure model' refine_hist                     
32 4 'Structure model' refine_ls_restr                 
33 4 'Structure model' refine_ls_shell                 
34 4 'Structure model' reflns                          
35 4 'Structure model' software                        
36 4 'Structure model' struct_asym                     
37 4 'Structure model' struct_conf                     
38 4 'Structure model' struct_conn                     
39 4 'Structure model' struct_mon_prot_cis             
40 4 'Structure model' struct_ref                      
41 4 'Structure model' struct_ref_seq                  
42 4 'Structure model' struct_ref_seq_dif              
43 4 'Structure model' struct_sheet_range              
# 
loop_
_pdbx_audit_revision_item.ordinal 
_pdbx_audit_revision_item.revision_ordinal 
_pdbx_audit_revision_item.data_content_type 
_pdbx_audit_revision_item.item 
1  2 'Structure model' '_citation_author.identifier_ORCID'                        
2  3 'Structure model' '_pdbx_entry_details.has_protein_modification'             
3  4 'Structure model' '_atom_sites.fract_transf_matrix[2][1]'                    
4  4 'Structure model' '_atom_sites.fract_transf_matrix[3][2]'                    
5  4 'Structure model' '_chem_comp.formula'                                       
6  4 'Structure model' '_chem_comp.formula_weight'                                
7  4 'Structure model' '_chem_comp.id'                                            
8  4 'Structure model' '_chem_comp.mon_nstd_flag'                                 
9  4 'Structure model' '_chem_comp.name'                                          
10 4 'Structure model' '_chem_comp.pdbx_synonyms'                                 
11 4 'Structure model' '_chem_comp.type'                                          
12 4 'Structure model' '_entity_poly.pdbx_seq_one_letter_code'                    
13 4 'Structure model' '_entity_poly.pdbx_seq_one_letter_code_can'                
14 4 'Structure model' '_entity_src_gen.pdbx_end_seq_num'                         
15 4 'Structure model' '_pdbx_modification_feature.label_seq_id'                  
16 4 'Structure model' '_pdbx_modification_feature.modified_residue_label_seq_id' 
17 4 'Structure model' '_pdbx_struct_assembly_gen.asym_id_list'                   
18 4 'Structure model' '_pdbx_struct_assembly_prop.value'                         
19 4 'Structure model' '_pdbx_struct_sheet_hbond.range_1_label_seq_id'            
20 4 'Structure model' '_pdbx_struct_sheet_hbond.range_2_auth_comp_id'            
21 4 'Structure model' '_pdbx_struct_sheet_hbond.range_2_auth_seq_id'             
22 4 'Structure model' '_pdbx_struct_sheet_hbond.range_2_label_comp_id'           
23 4 'Structure model' '_pdbx_struct_sheet_hbond.range_2_label_seq_id'            
24 4 'Structure model' '_refine.B_iso_mean'                                       
25 4 'Structure model' '_refine.aniso_B[1][1]'                                    
26 4 'Structure model' '_refine.aniso_B[1][3]'                                    
27 4 'Structure model' '_refine.aniso_B[2][2]'                                    
28 4 'Structure model' '_refine.aniso_B[3][3]'                                    
29 4 'Structure model' '_refine.correlation_coeff_Fo_to_Fc'                       
30 4 'Structure model' '_refine.correlation_coeff_Fo_to_Fc_free'                  
31 4 'Structure model' '_refine.details'                                          
32 4 'Structure model' '_refine.ls_R_factor_R_free'                               
33 4 'Structure model' '_refine.ls_R_factor_R_work'                               
34 4 'Structure model' '_refine.ls_R_factor_all'                                  
35 4 'Structure model' '_refine.ls_R_factor_obs'                                  
36 4 'Structure model' '_refine.ls_d_res_high'                                    
37 4 'Structure model' '_refine.ls_d_res_low'                                     
38 4 'Structure model' '_refine.ls_number_reflns_R_free'                          
39 4 'Structure model' '_refine.ls_number_reflns_R_work'                          
40 4 'Structure model' '_refine.ls_number_reflns_obs'                             
41 4 'Structure model' '_refine.ls_percent_reflns_R_free'                         
42 4 'Structure model' '_refine.ls_percent_reflns_obs'                            
43 4 'Structure model' '_refine.overall_SU_B'                                     
44 4 'Structure model' '_refine.overall_SU_ML'                                    
45 4 'Structure model' '_refine.pdbx_overall_ESU_R'                               
46 4 'Structure model' '_refine.pdbx_overall_ESU_R_Free'                          
47 4 'Structure model' '_refine.pdbx_solvent_vdw_probe_radii'                     
48 4 'Structure model' '_refine.pdbx_stereochemistry_target_values'               
49 4 'Structure model' '_refine.solvent_model_details'                            
50 4 'Structure model' '_refine_hist.d_res_high'                                  
51 4 'Structure model' '_refine_hist.d_res_low'                                   
52 4 'Structure model' '_refine_hist.number_atoms_solvent'                        
53 4 'Structure model' '_refine_hist.number_atoms_total'                          
54 4 'Structure model' '_refine_hist.pdbx_number_atoms_ligand'                    
55 4 'Structure model' '_reflns.d_resolution_low'                                 
56 4 'Structure model' '_software.version'                                        
57 4 'Structure model' '_struct_conf.beg_label_seq_id'                            
58 4 'Structure model' '_struct_conf.end_label_seq_id'                            
59 4 'Structure model' '_struct_conn.pdbx_dist_value'                             
60 4 'Structure model' '_struct_conn.ptnr1_label_seq_id'                          
61 4 'Structure model' '_struct_conn.ptnr2_label_seq_id'                          
62 4 'Structure model' '_struct_ref.pdbx_align_begin'                             
63 4 'Structure model' '_struct_ref.pdbx_seq_one_letter_code'                     
64 4 'Structure model' '_struct_ref_seq.db_align_beg'                             
65 4 'Structure model' '_struct_ref_seq.pdbx_auth_seq_align_beg'                  
66 4 'Structure model' '_struct_ref_seq.seq_align_end'                            
67 4 'Structure model' '_struct_sheet_range.beg_label_seq_id'                     
68 4 'Structure model' '_struct_sheet_range.end_auth_comp_id'                     
69 4 'Structure model' '_struct_sheet_range.end_auth_seq_id'                      
70 4 'Structure model' '_struct_sheet_range.end_label_comp_id'                    
71 4 'Structure model' '_struct_sheet_range.end_label_seq_id'                     
# 
_pdbx_database_status.status_code                     REL 
_pdbx_database_status.status_code_sf                  REL 
_pdbx_database_status.status_code_mr                  ? 
_pdbx_database_status.entry_id                        8BV9 
_pdbx_database_status.recvd_initial_deposition_date   2023-01-18 
_pdbx_database_status.SG_entry                        N 
_pdbx_database_status.deposit_site                    PDBE 
_pdbx_database_status.process_site                    PDBE 
_pdbx_database_status.status_code_cs                  ? 
_pdbx_database_status.status_code_nmr_data            ? 
_pdbx_database_status.methods_development_category    ? 
_pdbx_database_status.pdb_format_compatible           Y 
# 
_pdbx_contact_author.id                 3 
_pdbx_contact_author.email              jgavira@iact.ugr-csic.es 
_pdbx_contact_author.name_first         Jose 
_pdbx_contact_author.name_last          Gavira 
_pdbx_contact_author.name_mi            A 
_pdbx_contact_author.role               'principal investigator/group leader' 
_pdbx_contact_author.identifier_ORCID   0000-0002-7386-6484 
# 
loop_
_audit_author.name 
_audit_author.pdbx_ordinal 
_audit_author.identifier_ORCID 
'Gavira, J.A.'           1 0000-0002-7386-6484 
'Martinez-Rodriguez, S.' 2 0000-0001-6675-1550 
# 
_citation.abstract                  ? 
_citation.abstract_id_CAS           ? 
_citation.book_id_ISBN              ? 
_citation.book_publisher            ? 
_citation.book_publisher_city       ? 
_citation.book_title                ? 
_citation.coordinate_linkage        ? 
_citation.country                   US 
_citation.database_id_Medline       ? 
_citation.details                   ? 
_citation.id                        primary 
_citation.journal_abbrev            Biochem.Biophys.Res.Commun. 
_citation.journal_id_ASTM           BBRCA9 
_citation.journal_id_CSD            0146 
_citation.journal_id_ISSN           1090-2104 
_citation.journal_full              ? 
_citation.journal_issue             ? 
_citation.journal_volume            682 
_citation.language                  ? 
_citation.page_first                85 
_citation.page_last                 90 
_citation.title                     
'First 3-D structural evidence of a native-like intertwined dimer in the acylphosphatase family.' 
_citation.year                      2023 
_citation.database_id_CSD           ? 
_citation.pdbx_database_id_DOI      10.1016/j.bbrc.2023.09.053 
_citation.pdbx_database_id_PubMed   37804591 
_citation.pdbx_database_id_patent   ? 
_citation.unpublished_flag          ? 
# 
loop_
_citation_author.citation_id 
_citation_author.name 
_citation_author.ordinal 
_citation_author.identifier_ORCID 
primary 'Martinez-Rodriguez, S.' 1 0000-0001-6675-1550 
primary 'Camara-Artigas, A.'     2 ?                   
primary 'Gavira, J.A.'           3 0000-0002-7386-6484 
# 
loop_
_entity.id 
_entity.type 
_entity.src_method 
_entity.pdbx_description 
_entity.formula_weight 
_entity.pdbx_number_of_molecules 
_entity.pdbx_ec 
_entity.pdbx_mutation 
_entity.pdbx_fragment 
_entity.details 
1 polymer     man Acylphosphatase 10425.834 1  3.6.1.7 ? ? ? 
2 non-polymer syn 1,2-ETHANEDIOL  62.068    3  ?       ? ? ? 
3 non-polymer syn 'SULFATE ION'   96.063    3  ?       ? ? ? 
4 water       nat water           18.015    10 ?       ? ? ? 
# 
_entity_name_com.entity_id   1 
_entity_name_com.name        'Acylphosphate phosphohydrolase' 
# 
_entity_poly.entity_id                      1 
_entity_poly.type                           'polypeptide(L)' 
_entity_poly.nstd_linkage                   no 
_entity_poly.nstd_monomer                   no 
_entity_poly.pdbx_seq_one_letter_code       
;SKVCIIAWVYGRVQGVGFRYTTQYEAKRLGLTGYAKNLDDGSVEVVACGEEGQVEKLMQWLKSGGPRSARVERVLSEPHH
PSGELTDFRIRLE
;
_entity_poly.pdbx_seq_one_letter_code_can   
;SKVCIIAWVYGRVQGVGFRYTTQYEAKRLGLTGYAKNLDDGSVEVVACGEEGQVEKLMQWLKSGGPRSARVERVLSEPHH
PSGELTDFRIRLE
;
_entity_poly.pdbx_strand_id                 A 
_entity_poly.pdbx_target_identifier         ? 
# 
loop_
_pdbx_entity_nonpoly.entity_id 
_pdbx_entity_nonpoly.name 
_pdbx_entity_nonpoly.comp_id 
2 1,2-ETHANEDIOL EDO 
3 'SULFATE ION'  SO4 
4 water          HOH 
# 
loop_
_entity_poly_seq.entity_id 
_entity_poly_seq.num 
_entity_poly_seq.mon_id 
_entity_poly_seq.hetero 
1 1  SER n 
1 2  LYS n 
1 3  VAL n 
1 4  CYS n 
1 5  ILE n 
1 6  ILE n 
1 7  ALA n 
1 8  TRP n 
1 9  VAL n 
1 10 TYR n 
1 11 GLY n 
1 12 ARG n 
1 13 VAL n 
1 14 GLN n 
1 15 GLY n 
1 16 VAL n 
1 17 GLY n 
1 18 PHE n 
1 19 ARG n 
1 20 TYR n 
1 21 THR n 
1 22 THR n 
1 23 GLN n 
1 24 TYR n 
1 25 GLU n 
1 26 ALA n 
1 27 LYS n 
1 28 ARG n 
1 29 LEU n 
1 30 GLY n 
1 31 LEU n 
1 32 THR n 
1 33 GLY n 
1 34 TYR n 
1 35 ALA n 
1 36 LYS n 
1 37 ASN n 
1 38 LEU n 
1 39 ASP n 
1 40 ASP n 
1 41 GLY n 
1 42 SER n 
1 43 VAL n 
1 44 GLU n 
1 45 VAL n 
1 46 VAL n 
1 47 ALA n 
1 48 CYS n 
1 49 GLY n 
1 50 GLU n 
1 51 GLU n 
1 52 GLY n 
1 53 GLN n 
1 54 VAL n 
1 55 GLU n 
1 56 LYS n 
1 57 LEU n 
1 58 MET n 
1 59 GLN n 
1 60 TRP n 
1 61 LEU n 
1 62 LYS n 
1 63 SER n 
1 64 GLY n 
1 65 GLY n 
1 66 PRO n 
1 67 ARG n 
1 68 SER n 
1 69 ALA n 
1 70 ARG n 
1 71 VAL n 
1 72 GLU n 
1 73 ARG n 
1 74 VAL n 
1 75 LEU n 
1 76 SER n 
1 77 GLU n 
1 78 PRO n 
1 79 HIS n 
1 80 HIS n 
1 81 PRO n 
1 82 SER n 
1 83 GLY n 
1 84 GLU n 
1 85 LEU n 
1 86 THR n 
1 87 ASP n 
1 88 PHE n 
1 89 ARG n 
1 90 ILE n 
1 91 ARG n 
1 92 LEU n 
1 93 GLU n 
# 
_entity_src_gen.entity_id                          1 
_entity_src_gen.pdbx_src_id                        1 
_entity_src_gen.pdbx_alt_source_flag               sample 
_entity_src_gen.pdbx_seq_type                      'Biological sequence' 
_entity_src_gen.pdbx_beg_seq_num                   1 
_entity_src_gen.pdbx_end_seq_num                   93 
_entity_src_gen.gene_src_common_name               ? 
_entity_src_gen.gene_src_genus                     ? 
_entity_src_gen.pdbx_gene_src_gene                 'yccX, Z1320, ECs1052' 
_entity_src_gen.gene_src_species                   ? 
_entity_src_gen.gene_src_strain                    ? 
_entity_src_gen.gene_src_tissue                    ? 
_entity_src_gen.gene_src_tissue_fraction           ? 
_entity_src_gen.gene_src_details                   ? 
_entity_src_gen.pdbx_gene_src_fragment             ? 
_entity_src_gen.pdbx_gene_src_scientific_name      'Escherichia coli' 
_entity_src_gen.pdbx_gene_src_ncbi_taxonomy_id     562 
_entity_src_gen.pdbx_gene_src_variant              ? 
_entity_src_gen.pdbx_gene_src_cell_line            ? 
_entity_src_gen.pdbx_gene_src_atcc                 ? 
_entity_src_gen.pdbx_gene_src_organ                ? 
_entity_src_gen.pdbx_gene_src_organelle            ? 
_entity_src_gen.pdbx_gene_src_cell                 ? 
_entity_src_gen.pdbx_gene_src_cellular_location    ? 
_entity_src_gen.host_org_common_name               ? 
_entity_src_gen.pdbx_host_org_scientific_name      'Escherichia coli BL21(DE3)' 
_entity_src_gen.pdbx_host_org_ncbi_taxonomy_id     469008 
_entity_src_gen.host_org_genus                     ? 
_entity_src_gen.pdbx_host_org_gene                 ? 
_entity_src_gen.pdbx_host_org_organ                ? 
_entity_src_gen.host_org_species                   ? 
_entity_src_gen.pdbx_host_org_tissue               ? 
_entity_src_gen.pdbx_host_org_tissue_fraction      ? 
_entity_src_gen.pdbx_host_org_strain               ? 
_entity_src_gen.pdbx_host_org_variant              ? 
_entity_src_gen.pdbx_host_org_cell_line            ? 
_entity_src_gen.pdbx_host_org_atcc                 ? 
_entity_src_gen.pdbx_host_org_culture_collection   ? 
_entity_src_gen.pdbx_host_org_cell                 ? 
_entity_src_gen.pdbx_host_org_organelle            ? 
_entity_src_gen.pdbx_host_org_cellular_location    ? 
_entity_src_gen.pdbx_host_org_vector_type          Plasmid 
_entity_src_gen.pdbx_host_org_vector               ? 
_entity_src_gen.host_org_details                   ? 
_entity_src_gen.expression_system_id               ? 
_entity_src_gen.plasmid_name                       pET-22b 
_entity_src_gen.plasmid_details                    ? 
_entity_src_gen.pdbx_description                   ? 
# 
loop_
_chem_comp.id 
_chem_comp.type 
_chem_comp.mon_nstd_flag 
_chem_comp.name 
_chem_comp.pdbx_synonyms 
_chem_comp.formula 
_chem_comp.formula_weight 
ALA 'L-peptide linking' y ALANINE         ?                 'C3 H7 N O2'     89.093  
ARG 'L-peptide linking' y ARGININE        ?                 'C6 H15 N4 O2 1' 175.209 
ASN 'L-peptide linking' y ASPARAGINE      ?                 'C4 H8 N2 O3'    132.118 
ASP 'L-peptide linking' y 'ASPARTIC ACID' ?                 'C4 H7 N O4'     133.103 
CYS 'L-peptide linking' y CYSTEINE        ?                 'C3 H7 N O2 S'   121.158 
EDO non-polymer         . 1,2-ETHANEDIOL  'ETHYLENE GLYCOL' 'C2 H6 O2'       62.068  
GLN 'L-peptide linking' y GLUTAMINE       ?                 'C5 H10 N2 O3'   146.144 
GLU 'L-peptide linking' y 'GLUTAMIC ACID' ?                 'C5 H9 N O4'     147.129 
GLY 'peptide linking'   y GLYCINE         ?                 'C2 H5 N O2'     75.067  
HIS 'L-peptide linking' y HISTIDINE       ?                 'C6 H10 N3 O2 1' 156.162 
HOH non-polymer         . WATER           ?                 'H2 O'           18.015  
ILE 'L-peptide linking' y ISOLEUCINE      ?                 'C6 H13 N O2'    131.173 
LEU 'L-peptide linking' y LEUCINE         ?                 'C6 H13 N O2'    131.173 
LYS 'L-peptide linking' y LYSINE          ?                 'C6 H15 N2 O2 1' 147.195 
MET 'L-peptide linking' y METHIONINE      ?                 'C5 H11 N O2 S'  149.211 
PHE 'L-peptide linking' y PHENYLALANINE   ?                 'C9 H11 N O2'    165.189 
PRO 'L-peptide linking' y PROLINE         ?                 'C5 H9 N O2'     115.130 
SER 'L-peptide linking' y SERINE          ?                 'C3 H7 N O3'     105.093 
SO4 non-polymer         . 'SULFATE ION'   ?                 'O4 S -2'        96.063  
THR 'L-peptide linking' y THREONINE       ?                 'C4 H9 N O3'     119.119 
TRP 'L-peptide linking' y TRYPTOPHAN      ?                 'C11 H12 N2 O2'  204.225 
TYR 'L-peptide linking' y TYROSINE        ?                 'C9 H11 N O3'    181.189 
VAL 'L-peptide linking' y VALINE          ?                 'C5 H11 N O2'    117.146 
# 
loop_
_pdbx_poly_seq_scheme.asym_id 
_pdbx_poly_seq_scheme.entity_id 
_pdbx_poly_seq_scheme.seq_id 
_pdbx_poly_seq_scheme.mon_id 
_pdbx_poly_seq_scheme.ndb_seq_num 
_pdbx_poly_seq_scheme.pdb_seq_num 
_pdbx_poly_seq_scheme.auth_seq_num 
_pdbx_poly_seq_scheme.pdb_mon_id 
_pdbx_poly_seq_scheme.auth_mon_id 
_pdbx_poly_seq_scheme.pdb_strand_id 
_pdbx_poly_seq_scheme.pdb_ins_code 
_pdbx_poly_seq_scheme.hetero 
A 1 1  SER 1  2  2  SER SER A . n 
A 1 2  LYS 2  3  3  LYS LYS A . n 
A 1 3  VAL 3  4  4  VAL VAL A . n 
A 1 4  CYS 4  5  5  CYS CYS A . n 
A 1 5  ILE 5  6  6  ILE ILE A . n 
A 1 6  ILE 6  7  7  ILE ILE A . n 
A 1 7  ALA 7  8  8  ALA ALA A . n 
A 1 8  TRP 8  9  9  TRP TRP A . n 
A 1 9  VAL 9  10 10 VAL VAL A . n 
A 1 10 TYR 10 11 11 TYR TYR A . n 
A 1 11 GLY 11 12 12 GLY GLY A . n 
A 1 12 ARG 12 13 13 ARG ARG A . n 
A 1 13 VAL 13 14 14 VAL VAL A . n 
A 1 14 GLN 14 15 15 GLN GLN A . n 
A 1 15 GLY 15 16 16 GLY GLY A . n 
A 1 16 VAL 16 17 17 VAL VAL A . n 
A 1 17 GLY 17 18 18 GLY GLY A . n 
A 1 18 PHE 18 19 19 PHE PHE A . n 
A 1 19 ARG 19 20 20 ARG ARG A . n 
A 1 20 TYR 20 21 21 TYR TYR A . n 
A 1 21 THR 21 22 22 THR THR A . n 
A 1 22 THR 22 23 23 THR THR A . n 
A 1 23 GLN 23 24 24 GLN GLN A . n 
A 1 24 TYR 24 25 25 TYR TYR A . n 
A 1 25 GLU 25 26 26 GLU GLU A . n 
A 1 26 ALA 26 27 27 ALA ALA A . n 
A 1 27 LYS 27 28 28 LYS LYS A . n 
A 1 28 ARG 28 29 29 ARG ARG A . n 
A 1 29 LEU 29 30 30 LEU LEU A . n 
A 1 30 GLY 30 31 31 GLY GLY A . n 
A 1 31 LEU 31 32 32 LEU LEU A . n 
A 1 32 THR 32 33 33 THR THR A . n 
A 1 33 GLY 33 34 34 GLY GLY A . n 
A 1 34 TYR 34 35 35 TYR TYR A . n 
A 1 35 ALA 35 36 36 ALA ALA A . n 
A 1 36 LYS 36 37 37 LYS LYS A . n 
A 1 37 ASN 37 38 38 ASN ASN A . n 
A 1 38 LEU 38 39 39 LEU LEU A . n 
A 1 39 ASP 39 40 40 ASP ASP A . n 
A 1 40 ASP 40 41 41 ASP ASP A . n 
A 1 41 GLY 41 42 42 GLY GLY A . n 
A 1 42 SER 42 43 43 SER SER A . n 
A 1 43 VAL 43 44 44 VAL VAL A . n 
A 1 44 GLU 44 45 45 GLU GLU A . n 
A 1 45 VAL 45 46 46 VAL VAL A . n 
A 1 46 VAL 46 47 47 VAL VAL A . n 
A 1 47 ALA 47 48 48 ALA ALA A . n 
A 1 48 CYS 48 49 49 CYS CYS A . n 
A 1 49 GLY 49 50 50 GLY GLY A . n 
A 1 50 GLU 50 51 51 GLU GLU A . n 
A 1 51 GLU 51 52 52 GLU GLU A . n 
A 1 52 GLY 52 53 53 GLY GLY A . n 
A 1 53 GLN 53 54 54 GLN GLN A . n 
A 1 54 VAL 54 55 55 VAL VAL A . n 
A 1 55 GLU 55 56 56 GLU GLU A . n 
A 1 56 LYS 56 57 57 LYS LYS A . n 
A 1 57 LEU 57 58 58 LEU LEU A . n 
A 1 58 MET 58 59 59 MET MET A . n 
A 1 59 GLN 59 60 60 GLN GLN A . n 
A 1 60 TRP 60 61 61 TRP TRP A . n 
A 1 61 LEU 61 62 62 LEU LEU A . n 
A 1 62 LYS 62 63 63 LYS LYS A . n 
A 1 63 SER 63 64 64 SER SER A . n 
A 1 64 GLY 64 65 65 GLY GLY A . n 
A 1 65 GLY 65 66 66 GLY GLY A . n 
A 1 66 PRO 66 67 67 PRO PRO A . n 
A 1 67 ARG 67 68 68 ARG ARG A . n 
A 1 68 SER 68 69 69 SER SER A . n 
A 1 69 ALA 69 70 70 ALA ALA A . n 
A 1 70 ARG 70 71 71 ARG ARG A . n 
A 1 71 VAL 71 72 72 VAL VAL A . n 
A 1 72 GLU 72 73 73 GLU GLU A . n 
A 1 73 ARG 73 74 74 ARG ARG A . n 
A 1 74 VAL 74 75 75 VAL VAL A . n 
A 1 75 LEU 75 76 76 LEU LEU A . n 
A 1 76 SER 76 77 77 SER SER A . n 
A 1 77 GLU 77 78 78 GLU GLU A . n 
A 1 78 PRO 78 79 79 PRO PRO A . n 
A 1 79 HIS 79 80 80 HIS HIS A . n 
A 1 80 HIS 80 81 81 HIS HIS A . n 
A 1 81 PRO 81 82 82 PRO PRO A . n 
A 1 82 SER 82 83 83 SER SER A . n 
A 1 83 GLY 83 84 84 GLY GLY A . n 
A 1 84 GLU 84 85 85 GLU GLU A . n 
A 1 85 LEU 85 86 86 LEU LEU A . n 
A 1 86 THR 86 87 87 THR THR A . n 
A 1 87 ASP 87 88 88 ASP ASP A . n 
A 1 88 PHE 88 89 89 PHE PHE A . n 
A 1 89 ARG 89 90 90 ARG ARG A . n 
A 1 90 ILE 90 91 91 ILE ILE A . n 
A 1 91 ARG 91 92 92 ARG ARG A . n 
A 1 92 LEU 92 93 93 LEU LEU A . n 
A 1 93 GLU 93 94 94 GLU GLU A . n 
# 
loop_
_pdbx_nonpoly_scheme.asym_id 
_pdbx_nonpoly_scheme.entity_id 
_pdbx_nonpoly_scheme.mon_id 
_pdbx_nonpoly_scheme.ndb_seq_num 
_pdbx_nonpoly_scheme.pdb_seq_num 
_pdbx_nonpoly_scheme.auth_seq_num 
_pdbx_nonpoly_scheme.pdb_mon_id 
_pdbx_nonpoly_scheme.auth_mon_id 
_pdbx_nonpoly_scheme.pdb_strand_id 
_pdbx_nonpoly_scheme.pdb_ins_code 
B 2 EDO 1  101 102 EDO EDO A . 
C 2 EDO 1  102 103 EDO EDO A . 
D 2 EDO 1  103 104 EDO EDO A . 
E 3 SO4 1  104 1   SO4 SO4 A . 
F 3 SO4 1  105 2   SO4 SO4 A . 
G 3 SO4 1  106 3   SO4 SO4 A . 
H 4 HOH 1  201 1   HOH HOH A . 
H 4 HOH 2  202 8   HOH HOH A . 
H 4 HOH 3  203 4   HOH HOH A . 
H 4 HOH 4  204 10  HOH HOH A . 
H 4 HOH 5  205 6   HOH HOH A . 
H 4 HOH 6  206 9   HOH HOH A . 
H 4 HOH 7  207 5   HOH HOH A . 
H 4 HOH 8  208 2   HOH HOH A . 
H 4 HOH 9  209 7   HOH HOH A . 
H 4 HOH 10 210 3   HOH HOH A . 
# 
loop_
_software.citation_id 
_software.classification 
_software.compiler_name 
_software.compiler_version 
_software.contact_author 
_software.contact_author_email 
_software.date 
_software.description 
_software.dependencies 
_software.hardware 
_software.language 
_software.location 
_software.mods 
_software.name 
_software.os 
_software.os_version 
_software.type 
_software.version 
_software.pdbx_reference_DOI 
_software.pdbx_ordinal 
? refinement       ? ? ? ? ? ? ? ? ? ? ? REFMAC   ? ? ? 5.8.0431 ? 1 
? 'data reduction' ? ? ? ? ? ? ? ? ? ? ? autoPROC ? ? ? .        ? 2 
? 'data scaling'   ? ? ? ? ? ? ? ? ? ? ? Aimless  ? ? ? .        ? 3 
? phasing          ? ? ? ? ? ? ? ? ? ? ? PHENIX   ? ? ? .        ? 4 
# 
_cell.angle_alpha                  90.000 
_cell.angle_alpha_esd              ? 
_cell.angle_beta                   90.000 
_cell.angle_beta_esd               ? 
_cell.angle_gamma                  90.000 
_cell.angle_gamma_esd              ? 
_cell.entry_id                     8BV9 
_cell.details                      ? 
_cell.formula_units_Z              ? 
_cell.length_a                     40.415 
_cell.length_a_esd                 ? 
_cell.length_b                     81.944 
_cell.length_b_esd                 ? 
_cell.length_c                     63.994 
_cell.length_c_esd                 ? 
_cell.volume                       ? 
_cell.volume_esd                   ? 
_cell.Z_PDB                        8 
_cell.reciprocal_angle_alpha       ? 
_cell.reciprocal_angle_beta        ? 
_cell.reciprocal_angle_gamma       ? 
_cell.reciprocal_angle_alpha_esd   ? 
_cell.reciprocal_angle_beta_esd    ? 
_cell.reciprocal_angle_gamma_esd   ? 
_cell.reciprocal_length_a          ? 
_cell.reciprocal_length_b          ? 
_cell.reciprocal_length_c          ? 
_cell.reciprocal_length_a_esd      ? 
_cell.reciprocal_length_b_esd      ? 
_cell.reciprocal_length_c_esd      ? 
_cell.pdbx_unique_axis             ? 
_cell.pdbx_esd_method              ? 
# 
_symmetry.entry_id                         8BV9 
_symmetry.cell_setting                     ? 
_symmetry.Int_Tables_number                21 
_symmetry.space_group_name_Hall            ? 
_symmetry.space_group_name_H-M             'C 2 2 2' 
_symmetry.pdbx_full_space_group_name_H-M   ? 
# 
_exptl.absorpt_coefficient_mu     ? 
_exptl.absorpt_correction_T_max   ? 
_exptl.absorpt_correction_T_min   ? 
_exptl.absorpt_correction_type    ? 
_exptl.absorpt_process_details    ? 
_exptl.entry_id                   8BV9 
_exptl.crystals_number            1 
_exptl.details                    ? 
_exptl.method                     'X-RAY DIFFRACTION' 
_exptl.method_details             ? 
# 
_exptl_crystal.colour                       ? 
_exptl_crystal.density_diffrn               ? 
_exptl_crystal.density_Matthews             2.34 
_exptl_crystal.density_method               ? 
_exptl_crystal.density_percent_sol          47.4 
_exptl_crystal.description                  Neddle 
_exptl_crystal.F_000                        ? 
_exptl_crystal.id                           1 
_exptl_crystal.preparation                  ? 
_exptl_crystal.size_max                     ? 
_exptl_crystal.size_mid                     ? 
_exptl_crystal.size_min                     ? 
_exptl_crystal.size_rad                     ? 
_exptl_crystal.colour_lustre                ? 
_exptl_crystal.colour_modifier              ? 
_exptl_crystal.colour_primary               ? 
_exptl_crystal.density_meas                 ? 
_exptl_crystal.density_meas_esd             ? 
_exptl_crystal.density_meas_gt              ? 
_exptl_crystal.density_meas_lt              ? 
_exptl_crystal.density_meas_temp            ? 
_exptl_crystal.density_meas_temp_esd        ? 
_exptl_crystal.density_meas_temp_gt         ? 
_exptl_crystal.density_meas_temp_lt         ? 
_exptl_crystal.pdbx_crystal_image_url       ? 
_exptl_crystal.pdbx_crystal_image_format    ? 
_exptl_crystal.pdbx_mosaicity               ? 
_exptl_crystal.pdbx_mosaicity_esd           ? 
_exptl_crystal.pdbx_mosaic_method           ? 
_exptl_crystal.pdbx_mosaic_block_size       ? 
_exptl_crystal.pdbx_mosaic_block_size_esd   ? 
# 
_exptl_crystal_grow.apparatus       ? 
_exptl_crystal_grow.atmosphere      ? 
_exptl_crystal_grow.crystal_id      1 
_exptl_crystal_grow.details         ? 
_exptl_crystal_grow.method          'VAPOR DIFFUSION, HANGING DROP' 
_exptl_crystal_grow.method_ref      ? 
_exptl_crystal_grow.pH              8.0 
_exptl_crystal_grow.pressure        ? 
_exptl_crystal_grow.pressure_esd    ? 
_exptl_crystal_grow.seeding         ? 
_exptl_crystal_grow.seeding_ref     ? 
_exptl_crystal_grow.temp_details    ? 
_exptl_crystal_grow.temp_esd        ? 
_exptl_crystal_grow.time            ? 
_exptl_crystal_grow.pdbx_details    '0.2 M AS 30% w/v PEG4K' 
_exptl_crystal_grow.pdbx_pH_range   4.0-9.0 
_exptl_crystal_grow.temp            293 
# 
_diffrn.ambient_environment              ? 
_diffrn.ambient_temp                     100 
_diffrn.ambient_temp_details             ? 
_diffrn.ambient_temp_esd                 ? 
_diffrn.crystal_id                       1 
_diffrn.crystal_support                  ? 
_diffrn.crystal_treatment                ? 
_diffrn.details                          ? 
_diffrn.id                               1 
_diffrn.ambient_pressure                 ? 
_diffrn.ambient_pressure_esd             ? 
_diffrn.ambient_pressure_gt              ? 
_diffrn.ambient_pressure_lt              ? 
_diffrn.ambient_temp_gt                  ? 
_diffrn.ambient_temp_lt                  ? 
_diffrn.pdbx_serial_crystal_experiment   N 
# 
_diffrn_detector.details                      ? 
_diffrn_detector.detector                     PIXEL 
_diffrn_detector.diffrn_id                    1 
_diffrn_detector.type                         'DECTRIS EIGER X 4M' 
_diffrn_detector.area_resol_mean              ? 
_diffrn_detector.dtime                        ? 
_diffrn_detector.pdbx_frames_total            ? 
_diffrn_detector.pdbx_collection_time_total   ? 
_diffrn_detector.pdbx_collection_date         2021-11-18 
_diffrn_detector.pdbx_frequency               ? 
_diffrn_detector.id                           ? 
_diffrn_detector.number_of_axes               ? 
# 
_diffrn_radiation.collimation                      ? 
_diffrn_radiation.diffrn_id                        1 
_diffrn_radiation.filter_edge                      ? 
_diffrn_radiation.inhomogeneity                    ? 
_diffrn_radiation.monochromator                    Si 
_diffrn_radiation.polarisn_norm                    ? 
_diffrn_radiation.polarisn_ratio                   ? 
_diffrn_radiation.probe                            ? 
_diffrn_radiation.type                             ? 
_diffrn_radiation.xray_symbol                      ? 
_diffrn_radiation.wavelength_id                    1 
_diffrn_radiation.pdbx_monochromatic_or_laue_m_l   M 
_diffrn_radiation.pdbx_wavelength_list             ? 
_diffrn_radiation.pdbx_wavelength                  ? 
_diffrn_radiation.pdbx_diffrn_protocol             'SINGLE WAVELENGTH' 
_diffrn_radiation.pdbx_analyzer                    ? 
_diffrn_radiation.pdbx_scattering_type             x-ray 
# 
_diffrn_radiation_wavelength.id           1 
_diffrn_radiation_wavelength.wavelength   0.9677 
_diffrn_radiation_wavelength.wt           1.0 
# 
_diffrn_source.current                     ? 
_diffrn_source.details                     ? 
_diffrn_source.diffrn_id                   1 
_diffrn_source.power                       ? 
_diffrn_source.size                        ? 
_diffrn_source.source                      SYNCHROTRON 
_diffrn_source.target                      ? 
_diffrn_source.type                        'ESRF BEAMLINE MASSIF-3' 
_diffrn_source.voltage                     ? 
_diffrn_source.take-off_angle              ? 
_diffrn_source.pdbx_wavelength_list        0.9677 
_diffrn_source.pdbx_wavelength             ? 
_diffrn_source.pdbx_synchrotron_beamline   MASSIF-3 
_diffrn_source.pdbx_synchrotron_site       ESRF 
# 
_reflns.B_iso_Wilson_estimate                          68.94 
_reflns.entry_id                                       8BV9 
_reflns.data_reduction_details                         ? 
_reflns.data_reduction_method                          ? 
_reflns.d_resolution_high                              2.55 
_reflns.d_resolution_low                               41.97 
_reflns.details                                        ? 
_reflns.limit_h_max                                    ? 
_reflns.limit_h_min                                    ? 
_reflns.limit_k_max                                    ? 
_reflns.limit_k_min                                    ? 
_reflns.limit_l_max                                    ? 
_reflns.limit_l_min                                    ? 
_reflns.number_all                                     ? 
_reflns.number_obs                                     3631 
_reflns.observed_criterion                             ? 
_reflns.observed_criterion_F_max                       ? 
_reflns.observed_criterion_F_min                       ? 
_reflns.observed_criterion_I_max                       ? 
_reflns.observed_criterion_I_min                       ? 
_reflns.observed_criterion_sigma_F                     ? 
_reflns.observed_criterion_sigma_I                     ? 
_reflns.percent_possible_obs                           99 
_reflns.R_free_details                                 ? 
_reflns.Rmerge_F_all                                   ? 
_reflns.Rmerge_F_obs                                   ? 
_reflns.Friedel_coverage                               ? 
_reflns.number_gt                                      ? 
_reflns.threshold_expression                           ? 
_reflns.pdbx_redundancy                                6.5 
_reflns.pdbx_netI_over_av_sigmaI                       ? 
_reflns.pdbx_netI_over_sigmaI                          10.2 
_reflns.pdbx_res_netI_over_av_sigmaI_2                 ? 
_reflns.pdbx_res_netI_over_sigmaI_2                    ? 
_reflns.pdbx_chi_squared                               ? 
_reflns.pdbx_scaling_rejects                           ? 
_reflns.pdbx_d_res_high_opt                            ? 
_reflns.pdbx_d_res_low_opt                             ? 
_reflns.pdbx_d_res_opt_method                          ? 
_reflns.phase_calculation_details                      ? 
_reflns.pdbx_Rrim_I_all                                0.109 
_reflns.pdbx_Rpim_I_all                                0.053 
_reflns.pdbx_d_opt                                     ? 
_reflns.pdbx_number_measured_all                       ? 
_reflns.pdbx_diffrn_id                                 1 
_reflns.pdbx_ordinal                                   1 
_reflns.pdbx_CC_half                                   0.998 
_reflns.pdbx_CC_star                                   ? 
_reflns.pdbx_R_split                                   ? 
_reflns.pdbx_Rmerge_I_obs                              0.094 
_reflns.pdbx_Rmerge_I_all                              ? 
_reflns.pdbx_Rsym_value                                ? 
_reflns.pdbx_CC_split_method                           ? 
_reflns.pdbx_aniso_diffraction_limit_axis_1_ortho[1]   ? 
_reflns.pdbx_aniso_diffraction_limit_axis_1_ortho[2]   ? 
_reflns.pdbx_aniso_diffraction_limit_axis_1_ortho[3]   ? 
_reflns.pdbx_aniso_diffraction_limit_axis_2_ortho[1]   ? 
_reflns.pdbx_aniso_diffraction_limit_axis_2_ortho[2]   ? 
_reflns.pdbx_aniso_diffraction_limit_axis_2_ortho[3]   ? 
_reflns.pdbx_aniso_diffraction_limit_axis_3_ortho[1]   ? 
_reflns.pdbx_aniso_diffraction_limit_axis_3_ortho[2]   ? 
_reflns.pdbx_aniso_diffraction_limit_axis_3_ortho[3]   ? 
_reflns.pdbx_aniso_diffraction_limit_1                 ? 
_reflns.pdbx_aniso_diffraction_limit_2                 ? 
_reflns.pdbx_aniso_diffraction_limit_3                 ? 
_reflns.pdbx_aniso_B_tensor_eigenvector_1_ortho[1]     ? 
_reflns.pdbx_aniso_B_tensor_eigenvector_1_ortho[2]     ? 
_reflns.pdbx_aniso_B_tensor_eigenvector_1_ortho[3]     ? 
_reflns.pdbx_aniso_B_tensor_eigenvector_2_ortho[1]     ? 
_reflns.pdbx_aniso_B_tensor_eigenvector_2_ortho[2]     ? 
_reflns.pdbx_aniso_B_tensor_eigenvector_2_ortho[3]     ? 
_reflns.pdbx_aniso_B_tensor_eigenvector_3_ortho[1]     ? 
_reflns.pdbx_aniso_B_tensor_eigenvector_3_ortho[2]     ? 
_reflns.pdbx_aniso_B_tensor_eigenvector_3_ortho[3]     ? 
_reflns.pdbx_aniso_B_tensor_eigenvalue_1               ? 
_reflns.pdbx_aniso_B_tensor_eigenvalue_2               ? 
_reflns.pdbx_aniso_B_tensor_eigenvalue_3               ? 
_reflns.pdbx_orthogonalization_convention              ? 
_reflns.pdbx_percent_possible_ellipsoidal              ? 
_reflns.pdbx_percent_possible_spherical                ? 
_reflns.pdbx_percent_possible_ellipsoidal_anomalous    ? 
_reflns.pdbx_percent_possible_spherical_anomalous      ? 
_reflns.pdbx_redundancy_anomalous                      ? 
_reflns.pdbx_CC_half_anomalous                         ? 
_reflns.pdbx_absDiff_over_sigma_anomalous              ? 
_reflns.pdbx_percent_possible_anomalous                ? 
_reflns.pdbx_observed_signal_threshold                 ? 
_reflns.pdbx_signal_type                               ? 
_reflns.pdbx_signal_details                            ? 
_reflns.pdbx_signal_software_id                        ? 
# 
_reflns_shell.d_res_high                                    2.55 
_reflns_shell.d_res_low                                     2.67 
_reflns_shell.meanI_over_sigI_all                           ? 
_reflns_shell.meanI_over_sigI_obs                           1.5 
_reflns_shell.number_measured_all                           ? 
_reflns_shell.number_measured_obs                           ? 
_reflns_shell.number_possible                               ? 
_reflns_shell.number_unique_all                             ? 
_reflns_shell.number_unique_obs                             431 
_reflns_shell.percent_possible_obs                          ? 
_reflns_shell.Rmerge_F_all                                  ? 
_reflns_shell.Rmerge_F_obs                                  ? 
_reflns_shell.meanI_over_sigI_gt                            ? 
_reflns_shell.meanI_over_uI_all                             ? 
_reflns_shell.meanI_over_uI_gt                              ? 
_reflns_shell.number_measured_gt                            ? 
_reflns_shell.number_unique_gt                              ? 
_reflns_shell.percent_possible_gt                           ? 
_reflns_shell.Rmerge_F_gt                                   ? 
_reflns_shell.Rmerge_I_gt                                   ? 
_reflns_shell.pdbx_redundancy                               ? 
_reflns_shell.pdbx_chi_squared                              ? 
_reflns_shell.pdbx_netI_over_sigmaI_all                     ? 
_reflns_shell.pdbx_netI_over_sigmaI_obs                     ? 
_reflns_shell.pdbx_Rrim_I_all                               ? 
_reflns_shell.pdbx_Rpim_I_all                               ? 
_reflns_shell.pdbx_rejects                                  ? 
_reflns_shell.pdbx_ordinal                                  1 
_reflns_shell.pdbx_diffrn_id                                1 
_reflns_shell.pdbx_CC_half                                  0.44 
_reflns_shell.pdbx_CC_star                                  ? 
_reflns_shell.pdbx_R_split                                  ? 
_reflns_shell.percent_possible_all                          ? 
_reflns_shell.Rmerge_I_all                                  ? 
_reflns_shell.Rmerge_I_obs                                  0.981 
_reflns_shell.pdbx_Rsym_value                               ? 
_reflns_shell.pdbx_percent_possible_ellipsoidal             ? 
_reflns_shell.pdbx_percent_possible_spherical               ? 
_reflns_shell.pdbx_percent_possible_ellipsoidal_anomalous   ? 
_reflns_shell.pdbx_percent_possible_spherical_anomalous     ? 
_reflns_shell.pdbx_redundancy_anomalous                     ? 
_reflns_shell.pdbx_CC_half_anomalous                        ? 
_reflns_shell.pdbx_absDiff_over_sigma_anomalous             ? 
_reflns_shell.pdbx_percent_possible_anomalous               ? 
# 
_refine.aniso_B[1][1]                            -1.259 
_refine.aniso_B[1][2]                            0.000 
_refine.aniso_B[1][3]                            0.000 
_refine.aniso_B[2][2]                            2.055 
_refine.aniso_B[2][3]                            0.000 
_refine.aniso_B[3][3]                            -0.796 
_refine.B_iso_max                                ? 
_refine.B_iso_mean                               67.180 
_refine.B_iso_min                                ? 
_refine.correlation_coeff_Fo_to_Fc               0.954 
_refine.correlation_coeff_Fo_to_Fc_free          0.946 
_refine.details                                  'Hydrogens have been added in their riding positions' 
_refine.diff_density_max                         ? 
_refine.diff_density_max_esd                     ? 
_refine.diff_density_min                         ? 
_refine.diff_density_min_esd                     ? 
_refine.diff_density_rms                         ? 
_refine.diff_density_rms_esd                     ? 
_refine.entry_id                                 8BV9 
_refine.pdbx_refine_id                           'X-RAY DIFFRACTION' 
_refine.ls_abs_structure_details                 ? 
_refine.ls_abs_structure_Flack                   ? 
_refine.ls_abs_structure_Flack_esd               ? 
_refine.ls_abs_structure_Rogers                  ? 
_refine.ls_abs_structure_Rogers_esd              ? 
_refine.ls_d_res_high                            2.552 
_refine.ls_d_res_low                             41.006 
_refine.ls_extinction_coef                       ? 
_refine.ls_extinction_coef_esd                   ? 
_refine.ls_extinction_expression                 ? 
_refine.ls_extinction_method                     ? 
_refine.ls_goodness_of_fit_all                   ? 
_refine.ls_goodness_of_fit_all_esd               ? 
_refine.ls_goodness_of_fit_obs                   ? 
_refine.ls_goodness_of_fit_obs_esd               ? 
_refine.ls_hydrogen_treatment                    ? 
_refine.ls_matrix_type                           ? 
_refine.ls_number_constraints                    ? 
_refine.ls_number_parameters                     ? 
_refine.ls_number_reflns_all                     ? 
_refine.ls_number_reflns_obs                     3630 
_refine.ls_number_reflns_R_free                  162 
_refine.ls_number_reflns_R_work                  3468 
_refine.ls_number_restraints                     ? 
_refine.ls_percent_reflns_obs                    98.534 
_refine.ls_percent_reflns_R_free                 4.463 
_refine.ls_R_factor_all                          0.208 
_refine.ls_R_factor_obs                          ? 
_refine.ls_R_factor_R_free                       0.2782 
_refine.ls_R_factor_R_free_error                 ? 
_refine.ls_R_factor_R_free_error_details         ? 
_refine.ls_R_factor_R_work                       0.2049 
_refine.ls_R_Fsqd_factor_obs                     ? 
_refine.ls_R_I_factor_obs                        ? 
_refine.ls_redundancy_reflns_all                 ? 
_refine.ls_redundancy_reflns_obs                 ? 
_refine.ls_restrained_S_all                      ? 
_refine.ls_restrained_S_obs                      ? 
_refine.ls_shift_over_esd_max                    ? 
_refine.ls_shift_over_esd_mean                   ? 
_refine.ls_structure_factor_coef                 ? 
_refine.ls_weighting_details                     ? 
_refine.ls_weighting_scheme                      ? 
_refine.ls_wR_factor_all                         ? 
_refine.ls_wR_factor_obs                         ? 
_refine.ls_wR_factor_R_free                      ? 
_refine.ls_wR_factor_R_work                      ? 
_refine.occupancy_max                            ? 
_refine.occupancy_min                            ? 
_refine.solvent_model_details                    'MASK BULK SOLVENT' 
_refine.solvent_model_param_bsol                 ? 
_refine.solvent_model_param_ksol                 ? 
_refine.correlation_coeff_I_to_Fcsqd_work        ? 
_refine.correlation_coeff_I_to_Fcsqd_free        ? 
_refine.pdbx_R_complete                          ? 
_refine.ls_R_factor_gt                           ? 
_refine.ls_goodness_of_fit_gt                    ? 
_refine.ls_goodness_of_fit_ref                   ? 
_refine.ls_shift_over_su_max                     ? 
_refine.ls_shift_over_su_max_lt                  ? 
_refine.ls_shift_over_su_mean                    ? 
_refine.ls_shift_over_su_mean_lt                 ? 
_refine.pdbx_ls_sigma_I                          ? 
_refine.pdbx_ls_sigma_F                          ? 
_refine.pdbx_ls_sigma_Fsqd                       ? 
_refine.pdbx_data_cutoff_high_absF               ? 
_refine.pdbx_data_cutoff_high_rms_absF           ? 
_refine.pdbx_data_cutoff_low_absF                ? 
_refine.pdbx_isotropic_thermal_model             ? 
_refine.pdbx_ls_cross_valid_method               THROUGHOUT 
_refine.pdbx_method_to_determine_struct          'MOLECULAR REPLACEMENT' 
_refine.pdbx_starting_model                      ? 
_refine.pdbx_stereochemistry_target_values       ? 
_refine.pdbx_R_Free_selection_details            RANDOM 
_refine.pdbx_stereochem_target_val_spec_case     ? 
_refine.pdbx_overall_ESU_R                       0.953 
_refine.pdbx_overall_ESU_R_Free                  0.349 
_refine.pdbx_solvent_vdw_probe_radii             1.200 
_refine.pdbx_solvent_ion_probe_radii             0.800 
_refine.pdbx_solvent_shrinkage_radii             0.800 
_refine.pdbx_real_space_R                        ? 
_refine.pdbx_density_correlation                 ? 
_refine.pdbx_pd_number_of_powder_patterns        ? 
_refine.pdbx_pd_number_of_points                 ? 
_refine.pdbx_pd_meas_number_of_points            ? 
_refine.pdbx_pd_proc_ls_prof_R_factor            ? 
_refine.pdbx_pd_proc_ls_prof_wR_factor           ? 
_refine.pdbx_pd_Marquardt_correlation_coeff      ? 
_refine.pdbx_pd_Fsqrd_R_factor                   ? 
_refine.pdbx_pd_ls_matrix_band_width             ? 
_refine.pdbx_overall_phase_error                 ? 
_refine.pdbx_overall_SU_R_free_Cruickshank_DPI   ? 
_refine.pdbx_overall_SU_R_free_Blow_DPI          ? 
_refine.pdbx_overall_SU_R_Blow_DPI               ? 
_refine.pdbx_TLS_residual_ADP_flag               ? 
_refine.pdbx_diffrn_id                           1 
_refine.overall_SU_B                             12.890 
_refine.overall_SU_ML                            0.262 
_refine.overall_SU_R_Cruickshank_DPI             ? 
_refine.overall_SU_R_free                        ? 
_refine.overall_FOM_free_R_set                   ? 
_refine.overall_FOM_work_R_set                   ? 
_refine.pdbx_average_fsc_overall                 ? 
_refine.pdbx_average_fsc_work                    ? 
_refine.pdbx_average_fsc_free                    ? 
# 
_refine_hist.pdbx_refine_id                   'X-RAY DIFFRACTION' 
_refine_hist.cycle_id                         LAST 
_refine_hist.details                          ? 
_refine_hist.d_res_high                       2.552 
_refine_hist.d_res_low                        41.006 
_refine_hist.number_atoms_solvent             10 
_refine_hist.number_atoms_total               769 
_refine_hist.number_reflns_all                ? 
_refine_hist.number_reflns_obs                ? 
_refine_hist.number_reflns_R_free             ? 
_refine_hist.number_reflns_R_work             ? 
_refine_hist.R_factor_all                     ? 
_refine_hist.R_factor_obs                     ? 
_refine_hist.R_factor_R_free                  ? 
_refine_hist.R_factor_R_work                  ? 
_refine_hist.pdbx_number_residues_total       ? 
_refine_hist.pdbx_B_iso_mean_ligand           ? 
_refine_hist.pdbx_B_iso_mean_solvent          ? 
_refine_hist.pdbx_number_atoms_protein        732 
_refine_hist.pdbx_number_atoms_nucleic_acid   0 
_refine_hist.pdbx_number_atoms_ligand         27 
_refine_hist.pdbx_number_atoms_lipid          ? 
_refine_hist.pdbx_number_atoms_carb           ? 
_refine_hist.pdbx_pseudo_atom_details         ? 
# 
loop_
_refine_ls_restr.pdbx_refine_id 
_refine_ls_restr.criterion 
_refine_ls_restr.dev_ideal 
_refine_ls_restr.dev_ideal_target 
_refine_ls_restr.number 
_refine_ls_restr.rejects 
_refine_ls_restr.type 
_refine_ls_restr.weight 
_refine_ls_restr.pdbx_Zscore 
_refine_ls_restr.pdbx_restraint_function 
'X-RAY DIFFRACTION' ? 0.007  0.012  807  ? r_bond_refined_d               ? ? ? 
'X-RAY DIFFRACTION' ? 0.001  0.016  773  ? r_bond_other_d                 ? ? ? 
'X-RAY DIFFRACTION' ? 1.675  1.862  1085 ? r_angle_refined_deg            ? ? ? 
'X-RAY DIFFRACTION' ? 0.548  1.783  1773 ? r_angle_other_deg              ? ? ? 
'X-RAY DIFFRACTION' ? 7.316  5.000  100  ? r_dihedral_angle_1_deg         ? ? ? 
'X-RAY DIFFRACTION' ? 8.118  5.000  11   ? r_dihedral_angle_2_deg         ? ? ? 
'X-RAY DIFFRACTION' ? 14.795 10.000 143  ? r_dihedral_angle_3_deg         ? ? ? 
'X-RAY DIFFRACTION' ? 12.575 10.000 38   ? r_dihedral_angle_6_deg         ? ? ? 
'X-RAY DIFFRACTION' ? 0.068  0.200  114  ? r_chiral_restr                 ? ? ? 
'X-RAY DIFFRACTION' ? 0.005  0.020  978  ? r_gen_planes_refined           ? ? ? 
'X-RAY DIFFRACTION' ? 0.001  0.020  202  ? r_gen_planes_other             ? ? ? 
'X-RAY DIFFRACTION' ? 0.193  0.200  117  ? r_nbd_refined                  ? ? ? 
'X-RAY DIFFRACTION' ? 0.195  0.200  599  ? r_symmetry_nbd_other           ? ? ? 
'X-RAY DIFFRACTION' ? 0.171  0.200  347  ? r_nbtor_refined                ? ? ? 
'X-RAY DIFFRACTION' ? 0.081  0.200  421  ? r_symmetry_nbtor_other         ? ? ? 
'X-RAY DIFFRACTION' ? 0.122  0.200  13   ? r_xyhbond_nbd_refined          ? ? ? 
'X-RAY DIFFRACTION' ? 0.148  0.200  34   ? r_symmetry_nbd_refined         ? ? ? 
'X-RAY DIFFRACTION' ? 0.161  0.200  75   ? r_nbd_other                    ? ? ? 
'X-RAY DIFFRACTION' ? 0.366  0.200  7    ? r_symmetry_xyhbond_nbd_refined ? ? ? 
'X-RAY DIFFRACTION' ? 0.023  0.200  3    ? r_xyhbond_nbd_other            ? ? ? 
'X-RAY DIFFRACTION' ? 6.033  6.167  385  ? r_mcbond_it                    ? ? ? 
'X-RAY DIFFRACTION' ? 5.988  6.168  385  ? r_mcbond_other                 ? ? ? 
'X-RAY DIFFRACTION' ? 8.538  11.120 484  ? r_mcangle_it                   ? ? ? 
'X-RAY DIFFRACTION' ? 8.544  11.123 485  ? r_mcangle_other                ? ? ? 
'X-RAY DIFFRACTION' ? 7.780  7.380  422  ? r_scbond_it                    ? ? ? 
'X-RAY DIFFRACTION' ? 7.593  7.283  411  ? r_scbond_other                 ? ? ? 
'X-RAY DIFFRACTION' ? 11.988 13.150 599  ? r_scangle_it                   ? ? ? 
'X-RAY DIFFRACTION' ? 11.710 12.975 582  ? r_scangle_other                ? ? ? 
'X-RAY DIFFRACTION' ? 15.205 66.988 815  ? r_lrange_it                    ? ? ? 
'X-RAY DIFFRACTION' ? 15.196 66.981 816  ? r_lrange_other                 ? ? ? 
# 
loop_
_refine_ls_shell.pdbx_refine_id 
_refine_ls_shell.d_res_high 
_refine_ls_shell.d_res_low 
_refine_ls_shell.number_reflns_all 
_refine_ls_shell.number_reflns_obs 
_refine_ls_shell.number_reflns_R_free 
_refine_ls_shell.number_reflns_R_work 
_refine_ls_shell.percent_reflns_obs 
_refine_ls_shell.percent_reflns_R_free 
_refine_ls_shell.R_factor_all 
_refine_ls_shell.R_factor_obs 
_refine_ls_shell.R_factor_R_free_error 
_refine_ls_shell.R_factor_R_work 
_refine_ls_shell.redundancy_reflns_all 
_refine_ls_shell.redundancy_reflns_obs 
_refine_ls_shell.wR_factor_all 
_refine_ls_shell.wR_factor_obs 
_refine_ls_shell.wR_factor_R_free 
_refine_ls_shell.wR_factor_R_work 
_refine_ls_shell.pdbx_R_complete 
_refine_ls_shell.correlation_coeff_Fo_to_Fc 
_refine_ls_shell.correlation_coeff_Fo_to_Fc_free 
_refine_ls_shell.correlation_coeff_I_to_Fcsqd_work 
_refine_ls_shell.correlation_coeff_I_to_Fcsqd_free 
_refine_ls_shell.pdbx_total_number_of_bins_used 
_refine_ls_shell.pdbx_phase_error 
_refine_ls_shell.pdbx_fsc_work 
_refine_ls_shell.pdbx_fsc_free 
_refine_ls_shell.R_factor_R_free 
'X-RAY DIFFRACTION' 2.552  2.618  257 . 17 238 99.2218  . 0.338 . . 0.336 . . . . . 0.306 . . . . . 20 . 0.933 0.917 0.365 
'X-RAY DIFFRACTION' 2.618  2.689  269 . 11 258 100.0000 . 0.322 . . 0.311 . . . . . 0.271 . . . . . 20 . 0.936 0.788 0.652 
'X-RAY DIFFRACTION' 2.689  2.767  232 . 13 218 99.5690  . 0.306 . . 0.298 . . . . . 0.260 . . . . . 20 . 0.943 0.840 0.452 
'X-RAY DIFFRACTION' 2.767  2.851  256 . 11 244 99.6094  . 0.296 . . 0.297 . . . . . 0.241 . . . . . 20 . 0.937 0.946 0.278 
'X-RAY DIFFRACTION' 2.851  2.944  237 . 5  231 99.5781  . 0.303 . . 0.302 . . . . . 0.241 . . . . . 20 . 0.937 0.938 0.331 
'X-RAY DIFFRACTION' 2.944  3.047  232 . 10 220 99.1379  . 0.252 . . 0.242 . . . . . 0.203 . . . . . 20 . 0.959 0.921 0.497 
'X-RAY DIFFRACTION' 3.047  3.162  217 . 9  206 99.0783  . 0.245 . . 0.239 . . . . . 0.204 . . . . . 20 . 0.958 0.919 0.379 
'X-RAY DIFFRACTION' 3.162  3.290  218 . 12 205 99.5413  . 0.204 . . 0.198 . . . . . 0.171 . . . . . 20 . 0.974 0.945 0.319 
'X-RAY DIFFRACTION' 3.290  3.435  206 . 7  197 99.0291  . 0.197 . . 0.200 . . . . . 0.193 . . . . . 20 . 0.972 0.995 0.112 
'X-RAY DIFFRACTION' 3.435  3.602  199 . 8  183 95.9799  . 0.214 . . 0.209 . . . . . 0.191 . . . . . 20 . 0.971 0.898 0.339 
'X-RAY DIFFRACTION' 3.602  3.795  187 . 9  161 90.9091  . 0.187 . . 0.185 . . . . . 0.188 . . . . . 20 . 0.984 0.974 0.222 
'X-RAY DIFFRACTION' 3.795  4.023  180 . 7  171 98.8889  . 0.218 . . 0.213 . . . . . 0.201 . . . . . 20 . 0.972 0.943 0.346 
'X-RAY DIFFRACTION' 4.023  4.298  168 . 11 157 100.0000 . 0.173 . . 0.171 . . . . . 0.169 . . . . . 20 . 0.986 0.987 0.192 
'X-RAY DIFFRACTION' 4.298  4.638  165 . 6  158 99.3939  . 0.140 . . 0.138 . . . . . 0.137 . . . . . 20 . 0.989 0.995 0.170 
'X-RAY DIFFRACTION' 4.638  5.074  153 . 5  147 99.3464  . 0.162 . . 0.159 . . . . . 0.166 . . . . . 20 . 0.986 0.919 0.347 
'X-RAY DIFFRACTION' 5.074  5.662  134 . 7  126 99.2537  . 0.152 . . 0.144 . . . . . 0.144 . . . . . 20 . 0.987 0.960 0.339 
'X-RAY DIFFRACTION' 5.662  6.517  121 . 3  115 97.5207  . 0.231 . . 0.230 . . . . . 0.239 . . . . . 20 . 0.974 0.977 0.303 
'X-RAY DIFFRACTION' 6.517  7.932  104 . 3  100 99.0385  . 0.201 . . 0.205 . . . . . 0.202 . . . . . 20 . 0.973 0.986 0.076 
'X-RAY DIFFRACTION' 7.932  11.013 87  . 5  79  96.5517  . 0.171 . . 0.165 . . . . . 0.182 . . . . . 20 . 0.983 0.971 0.292 
'X-RAY DIFFRACTION' 11.013 41.006 61  . 3  54  93.4426  . 0.369 . . 0.364 . . . . . 0.386 . . . . . 20 . 0.926 0.773 0.670 
# 
_struct.entry_id                     8BV9 
_struct.title                        'Acylphosphatase from E. coli' 
_struct.pdbx_model_details           ? 
_struct.pdbx_formula_weight          ? 
_struct.pdbx_formula_weight_method   ? 
_struct.pdbx_model_type_details      ? 
_struct.pdbx_CASP_flag               N 
# 
_struct_keywords.entry_id        8BV9 
_struct_keywords.text            'ALPHA AND BETA PROTEINS, HYDROLASE, AMYLOID, PHOSPHATASE, Intertwined' 
_struct_keywords.pdbx_keywords   HYDROLASE 
# 
loop_
_struct_asym.id 
_struct_asym.pdbx_blank_PDB_chainid_flag 
_struct_asym.pdbx_modified 
_struct_asym.entity_id 
_struct_asym.details 
A N N 1 ? 
B N N 2 ? 
C N N 2 ? 
D N N 2 ? 
E N N 3 ? 
F N N 3 ? 
G N N 3 ? 
H N N 4 ? 
# 
_struct_ref.id                         1 
_struct_ref.db_name                    UNP 
_struct_ref.db_code                    ACYP_ECO57 
_struct_ref.pdbx_db_accession          P0AB66 
_struct_ref.pdbx_db_isoform            ? 
_struct_ref.entity_id                  1 
_struct_ref.pdbx_seq_one_letter_code   
;SKVCIIAWVYGRVQGVGFRYTTQYEAKRLGLTGYAKNLDDGSVEVVACGEEGQVEKLMQWLKSGGPRSARVERVLSEPHH
PSGELTDFRIR
;
_struct_ref.pdbx_align_begin           2 
# 
_struct_ref_seq.align_id                      1 
_struct_ref_seq.ref_id                        1 
_struct_ref_seq.pdbx_PDB_id_code              8BV9 
_struct_ref_seq.pdbx_strand_id                A 
_struct_ref_seq.seq_align_beg                 1 
_struct_ref_seq.pdbx_seq_align_beg_ins_code   ? 
_struct_ref_seq.seq_align_end                 91 
_struct_ref_seq.pdbx_seq_align_end_ins_code   ? 
_struct_ref_seq.pdbx_db_accession             P0AB66 
_struct_ref_seq.db_align_beg                  2 
_struct_ref_seq.pdbx_db_align_beg_ins_code    ? 
_struct_ref_seq.db_align_end                  92 
_struct_ref_seq.pdbx_db_align_end_ins_code    ? 
_struct_ref_seq.pdbx_auth_seq_align_beg       2 
_struct_ref_seq.pdbx_auth_seq_align_end       92 
# 
loop_
_struct_ref_seq_dif.align_id 
_struct_ref_seq_dif.pdbx_pdb_id_code 
_struct_ref_seq_dif.mon_id 
_struct_ref_seq_dif.pdbx_pdb_strand_id 
_struct_ref_seq_dif.seq_num 
_struct_ref_seq_dif.pdbx_pdb_ins_code 
_struct_ref_seq_dif.pdbx_seq_db_name 
_struct_ref_seq_dif.pdbx_seq_db_accession_code 
_struct_ref_seq_dif.db_mon_id 
_struct_ref_seq_dif.pdbx_seq_db_seq_num 
_struct_ref_seq_dif.details 
_struct_ref_seq_dif.pdbx_auth_seq_num 
_struct_ref_seq_dif.pdbx_ordinal 
1 8BV9 LEU A 92 ? UNP P0AB66 ? ? 'expression tag' 93 1 
1 8BV9 GLU A 93 ? UNP P0AB66 ? ? 'expression tag' 94 2 
# 
_pdbx_struct_assembly.id                   1 
_pdbx_struct_assembly.details              author_defined_assembly 
_pdbx_struct_assembly.method_details       ? 
_pdbx_struct_assembly.oligomeric_details   monomeric 
_pdbx_struct_assembly.oligomeric_count     1 
# 
loop_
_pdbx_struct_assembly_prop.biol_id 
_pdbx_struct_assembly_prop.type 
_pdbx_struct_assembly_prop.value 
_pdbx_struct_assembly_prop.details 
1 'ABSA (A^2)' 940  ? 
1 MORE         -34  ? 
1 'SSA (A^2)'  6480 ? 
# 
_pdbx_struct_assembly_gen.assembly_id       1 
_pdbx_struct_assembly_gen.oper_expression   1 
_pdbx_struct_assembly_gen.asym_id_list      A,B,C,D,E,F,G,H 
# 
_pdbx_struct_assembly_auth_evidence.id                     1 
_pdbx_struct_assembly_auth_evidence.assembly_id            1 
_pdbx_struct_assembly_auth_evidence.experimental_support   none 
_pdbx_struct_assembly_auth_evidence.details                ? 
# 
_pdbx_struct_oper_list.id                   1 
_pdbx_struct_oper_list.type                 'identity operation' 
_pdbx_struct_oper_list.name                 1_555 
_pdbx_struct_oper_list.symmetry_operation   x,y,z 
_pdbx_struct_oper_list.matrix[1][1]         1.0000000000 
_pdbx_struct_oper_list.matrix[1][2]         0.0000000000 
_pdbx_struct_oper_list.matrix[1][3]         0.0000000000 
_pdbx_struct_oper_list.vector[1]            0.0000000000 
_pdbx_struct_oper_list.matrix[2][1]         0.0000000000 
_pdbx_struct_oper_list.matrix[2][2]         1.0000000000 
_pdbx_struct_oper_list.matrix[2][3]         0.0000000000 
_pdbx_struct_oper_list.vector[2]            0.0000000000 
_pdbx_struct_oper_list.matrix[3][1]         0.0000000000 
_pdbx_struct_oper_list.matrix[3][2]         0.0000000000 
_pdbx_struct_oper_list.matrix[3][3]         1.0000000000 
_pdbx_struct_oper_list.vector[3]            0.0000000000 
# 
loop_
_struct_conf.conf_type_id 
_struct_conf.id 
_struct_conf.pdbx_PDB_helix_id 
_struct_conf.beg_label_comp_id 
_struct_conf.beg_label_asym_id 
_struct_conf.beg_label_seq_id 
_struct_conf.pdbx_beg_PDB_ins_code 
_struct_conf.end_label_comp_id 
_struct_conf.end_label_asym_id 
_struct_conf.end_label_seq_id 
_struct_conf.pdbx_end_PDB_ins_code 
_struct_conf.beg_auth_comp_id 
_struct_conf.beg_auth_asym_id 
_struct_conf.beg_auth_seq_id 
_struct_conf.end_auth_comp_id 
_struct_conf.end_auth_asym_id 
_struct_conf.end_auth_seq_id 
_struct_conf.pdbx_PDB_helix_class 
_struct_conf.details 
_struct_conf.pdbx_PDB_helix_length 
HELX_P HELX_P1 AA1 GLY A 17 ? LEU A 29 ? GLY A 18 LEU A 30 1 ? 13 
HELX_P HELX_P2 AA2 GLU A 51 ? SER A 63 ? GLU A 52 SER A 64 1 ? 13 
HELX_P HELX_P3 AA3 HIS A 80 ? LEU A 85 ? HIS A 81 LEU A 86 5 ? 6  
# 
_struct_conf_type.id          HELX_P 
_struct_conf_type.criteria    ? 
_struct_conf_type.reference   ? 
# 
_struct_conn.id                            disulf1 
_struct_conn.conn_type_id                  disulf 
_struct_conn.pdbx_leaving_atom_flag        ? 
_struct_conn.pdbx_PDB_id                   ? 
_struct_conn.ptnr1_label_asym_id           A 
_struct_conn.ptnr1_label_comp_id           CYS 
_struct_conn.ptnr1_label_seq_id            4 
_struct_conn.ptnr1_label_atom_id           SG 
_struct_conn.pdbx_ptnr1_label_alt_id       ? 
_struct_conn.pdbx_ptnr1_PDB_ins_code       ? 
_struct_conn.pdbx_ptnr1_standard_comp_id   ? 
_struct_conn.ptnr1_symmetry                1_555 
_struct_conn.ptnr2_label_asym_id           A 
_struct_conn.ptnr2_label_comp_id           CYS 
_struct_conn.ptnr2_label_seq_id            48 
_struct_conn.ptnr2_label_atom_id           SG 
_struct_conn.pdbx_ptnr2_label_alt_id       ? 
_struct_conn.pdbx_ptnr2_PDB_ins_code       ? 
_struct_conn.ptnr1_auth_asym_id            A 
_struct_conn.ptnr1_auth_comp_id            CYS 
_struct_conn.ptnr1_auth_seq_id             5 
_struct_conn.ptnr2_auth_asym_id            A 
_struct_conn.ptnr2_auth_comp_id            CYS 
_struct_conn.ptnr2_auth_seq_id             49 
_struct_conn.ptnr2_symmetry                1_555 
_struct_conn.pdbx_ptnr3_label_atom_id      ? 
_struct_conn.pdbx_ptnr3_label_seq_id       ? 
_struct_conn.pdbx_ptnr3_label_comp_id      ? 
_struct_conn.pdbx_ptnr3_label_asym_id      ? 
_struct_conn.pdbx_ptnr3_label_alt_id       ? 
_struct_conn.pdbx_ptnr3_PDB_ins_code       ? 
_struct_conn.details                       ? 
_struct_conn.pdbx_dist_value               2.070 
_struct_conn.pdbx_value_order              ? 
_struct_conn.pdbx_role                     ? 
# 
_struct_conn_type.id          disulf 
_struct_conn_type.criteria    ? 
_struct_conn_type.reference   ? 
# 
_pdbx_modification_feature.ordinal                            1 
_pdbx_modification_feature.label_comp_id                      CYS 
_pdbx_modification_feature.label_asym_id                      A 
_pdbx_modification_feature.label_seq_id                       4 
_pdbx_modification_feature.label_alt_id                       ? 
_pdbx_modification_feature.modified_residue_label_comp_id     CYS 
_pdbx_modification_feature.modified_residue_label_asym_id     A 
_pdbx_modification_feature.modified_residue_label_seq_id      48 
_pdbx_modification_feature.modified_residue_label_alt_id      ? 
_pdbx_modification_feature.auth_comp_id                       CYS 
_pdbx_modification_feature.auth_asym_id                       A 
_pdbx_modification_feature.auth_seq_id                        5 
_pdbx_modification_feature.PDB_ins_code                       ? 
_pdbx_modification_feature.symmetry                           1_555 
_pdbx_modification_feature.modified_residue_auth_comp_id      CYS 
_pdbx_modification_feature.modified_residue_auth_asym_id      A 
_pdbx_modification_feature.modified_residue_auth_seq_id       49 
_pdbx_modification_feature.modified_residue_PDB_ins_code      ? 
_pdbx_modification_feature.modified_residue_symmetry          1_555 
_pdbx_modification_feature.comp_id_linking_atom               SG 
_pdbx_modification_feature.modified_residue_id_linking_atom   SG 
_pdbx_modification_feature.modified_residue_id                . 
_pdbx_modification_feature.ref_pcm_id                         . 
_pdbx_modification_feature.ref_comp_id                        . 
_pdbx_modification_feature.type                               None 
_pdbx_modification_feature.category                           'Disulfide bridge' 
# 
_struct_mon_prot_cis.pdbx_id                1 
_struct_mon_prot_cis.label_comp_id          GLU 
_struct_mon_prot_cis.label_seq_id           77 
_struct_mon_prot_cis.label_asym_id          A 
_struct_mon_prot_cis.label_alt_id           . 
_struct_mon_prot_cis.pdbx_PDB_ins_code      ? 
_struct_mon_prot_cis.auth_comp_id           GLU 
_struct_mon_prot_cis.auth_seq_id            78 
_struct_mon_prot_cis.auth_asym_id           A 
_struct_mon_prot_cis.pdbx_label_comp_id_2   PRO 
_struct_mon_prot_cis.pdbx_label_seq_id_2    78 
_struct_mon_prot_cis.pdbx_label_asym_id_2   A 
_struct_mon_prot_cis.pdbx_PDB_ins_code_2    ? 
_struct_mon_prot_cis.pdbx_auth_comp_id_2    PRO 
_struct_mon_prot_cis.pdbx_auth_seq_id_2     79 
_struct_mon_prot_cis.pdbx_auth_asym_id_2    A 
_struct_mon_prot_cis.pdbx_PDB_model_num     1 
_struct_mon_prot_cis.pdbx_omega_angle       -17.10 
# 
_struct_sheet.id               AA1 
_struct_sheet.type             ? 
_struct_sheet.number_strands   4 
_struct_sheet.details          ? 
# 
loop_
_struct_sheet_order.sheet_id 
_struct_sheet_order.range_id_1 
_struct_sheet_order.range_id_2 
_struct_sheet_order.offset 
_struct_sheet_order.sense 
AA1 1 2 ? anti-parallel 
AA1 2 3 ? anti-parallel 
AA1 3 4 ? anti-parallel 
# 
loop_
_struct_sheet_range.sheet_id 
_struct_sheet_range.id 
_struct_sheet_range.beg_label_comp_id 
_struct_sheet_range.beg_label_asym_id 
_struct_sheet_range.beg_label_seq_id 
_struct_sheet_range.pdbx_beg_PDB_ins_code 
_struct_sheet_range.end_label_comp_id 
_struct_sheet_range.end_label_asym_id 
_struct_sheet_range.end_label_seq_id 
_struct_sheet_range.pdbx_end_PDB_ins_code 
_struct_sheet_range.beg_auth_comp_id 
_struct_sheet_range.beg_auth_asym_id 
_struct_sheet_range.beg_auth_seq_id 
_struct_sheet_range.end_auth_comp_id 
_struct_sheet_range.end_auth_asym_id 
_struct_sheet_range.end_auth_seq_id 
AA1 1 THR A 32 ? ASN A 37 ? THR A 33 ASN A 38 
AA1 2 VAL A 43 ? GLU A 50 ? VAL A 44 GLU A 51 
AA1 3 LYS A 2  ? ARG A 12 ? LYS A 3  ARG A 13 
AA1 4 ARG A 70 ? GLU A 77 ? ARG A 71 GLU A 78 
# 
loop_
_pdbx_struct_sheet_hbond.sheet_id 
_pdbx_struct_sheet_hbond.range_id_1 
_pdbx_struct_sheet_hbond.range_id_2 
_pdbx_struct_sheet_hbond.range_1_label_atom_id 
_pdbx_struct_sheet_hbond.range_1_label_comp_id 
_pdbx_struct_sheet_hbond.range_1_label_asym_id 
_pdbx_struct_sheet_hbond.range_1_label_seq_id 
_pdbx_struct_sheet_hbond.range_1_PDB_ins_code 
_pdbx_struct_sheet_hbond.range_1_auth_atom_id 
_pdbx_struct_sheet_hbond.range_1_auth_comp_id 
_pdbx_struct_sheet_hbond.range_1_auth_asym_id 
_pdbx_struct_sheet_hbond.range_1_auth_seq_id 
_pdbx_struct_sheet_hbond.range_2_label_atom_id 
_pdbx_struct_sheet_hbond.range_2_label_comp_id 
_pdbx_struct_sheet_hbond.range_2_label_asym_id 
_pdbx_struct_sheet_hbond.range_2_label_seq_id 
_pdbx_struct_sheet_hbond.range_2_PDB_ins_code 
_pdbx_struct_sheet_hbond.range_2_auth_atom_id 
_pdbx_struct_sheet_hbond.range_2_auth_comp_id 
_pdbx_struct_sheet_hbond.range_2_auth_asym_id 
_pdbx_struct_sheet_hbond.range_2_auth_seq_id 
AA1 1 2 N THR A 32 ? N THR A 33 O CYS A 48 ? O CYS A 49 
AA1 2 3 O VAL A 45 ? O VAL A 46 N ALA A 7  ? N ALA A 8  
AA1 3 4 N TYR A 10 ? N TYR A 11 O ARG A 73 ? O ARG A 74 
# 
_pdbx_entry_details.entry_id                   8BV9 
_pdbx_entry_details.nonpolymer_details         ? 
_pdbx_entry_details.sequence_details           ? 
_pdbx_entry_details.compound_details           ? 
_pdbx_entry_details.source_details             ? 
_pdbx_entry_details.has_ligand_of_interest     N 
_pdbx_entry_details.has_protein_modification   Y 
# 
_pdbx_validate_close_contact.id               1 
_pdbx_validate_close_contact.PDB_model_num    1 
_pdbx_validate_close_contact.auth_atom_id_1   NH2 
_pdbx_validate_close_contact.auth_asym_id_1   A 
_pdbx_validate_close_contact.auth_comp_id_1   ARG 
_pdbx_validate_close_contact.auth_seq_id_1    29 
_pdbx_validate_close_contact.PDB_ins_code_1   ? 
_pdbx_validate_close_contact.label_alt_id_1   A 
_pdbx_validate_close_contact.auth_atom_id_2   O 
_pdbx_validate_close_contact.auth_asym_id_2   A 
_pdbx_validate_close_contact.auth_comp_id_2   HOH 
_pdbx_validate_close_contact.auth_seq_id_2    201 
_pdbx_validate_close_contact.PDB_ins_code_2   ? 
_pdbx_validate_close_contact.label_alt_id_2   ? 
_pdbx_validate_close_contact.dist             2.12 
# 
loop_
_pdbx_validate_symm_contact.id 
_pdbx_validate_symm_contact.PDB_model_num 
_pdbx_validate_symm_contact.auth_atom_id_1 
_pdbx_validate_symm_contact.auth_asym_id_1 
_pdbx_validate_symm_contact.auth_comp_id_1 
_pdbx_validate_symm_contact.auth_seq_id_1 
_pdbx_validate_symm_contact.PDB_ins_code_1 
_pdbx_validate_symm_contact.label_alt_id_1 
_pdbx_validate_symm_contact.site_symmetry_1 
_pdbx_validate_symm_contact.auth_atom_id_2 
_pdbx_validate_symm_contact.auth_asym_id_2 
_pdbx_validate_symm_contact.auth_comp_id_2 
_pdbx_validate_symm_contact.auth_seq_id_2 
_pdbx_validate_symm_contact.PDB_ins_code_2 
_pdbx_validate_symm_contact.label_alt_id_2 
_pdbx_validate_symm_contact.site_symmetry_2 
_pdbx_validate_symm_contact.dist 
1 1 O1 A EDO 103 ? ? 1_555 O1 A EDO 103 ? ? 3_555 1.96 
2 1 O2 A SO4 105 ? ? 1_555 O2 A SO4 105 ? ? 3_556 2.19 
# 
_pdbx_validate_torsion.id              1 
_pdbx_validate_torsion.PDB_model_num   1 
_pdbx_validate_torsion.auth_comp_id    SER 
_pdbx_validate_torsion.auth_asym_id    A 
_pdbx_validate_torsion.auth_seq_id     64 
_pdbx_validate_torsion.PDB_ins_code    ? 
_pdbx_validate_torsion.label_alt_id    ? 
_pdbx_validate_torsion.phi             -69.35 
_pdbx_validate_torsion.psi             1.32 
# 
_pdbx_validate_peptide_omega.id               1 
_pdbx_validate_peptide_omega.PDB_model_num    1 
_pdbx_validate_peptide_omega.auth_comp_id_1   ASP 
_pdbx_validate_peptide_omega.auth_asym_id_1   A 
_pdbx_validate_peptide_omega.auth_seq_id_1    88 
_pdbx_validate_peptide_omega.PDB_ins_code_1   ? 
_pdbx_validate_peptide_omega.label_alt_id_1   ? 
_pdbx_validate_peptide_omega.auth_comp_id_2   PHE 
_pdbx_validate_peptide_omega.auth_asym_id_2   A 
_pdbx_validate_peptide_omega.auth_seq_id_2    89 
_pdbx_validate_peptide_omega.PDB_ins_code_2   ? 
_pdbx_validate_peptide_omega.label_alt_id_2   ? 
_pdbx_validate_peptide_omega.omega            -149.42 
# 
_pdbx_validate_planes.id              1 
_pdbx_validate_planes.PDB_model_num   1 
_pdbx_validate_planes.auth_comp_id    ARG 
_pdbx_validate_planes.auth_asym_id    A 
_pdbx_validate_planes.auth_seq_id     68 
_pdbx_validate_planes.PDB_ins_code    ? 
_pdbx_validate_planes.label_alt_id    A 
_pdbx_validate_planes.rmsd            0.104 
_pdbx_validate_planes.type            'SIDE CHAIN' 
# 
loop_
_chem_comp_atom.comp_id 
_chem_comp_atom.atom_id 
_chem_comp_atom.type_symbol 
_chem_comp_atom.pdbx_aromatic_flag 
_chem_comp_atom.pdbx_stereo_config 
_chem_comp_atom.pdbx_ordinal 
ALA N    N N N 1   
ALA CA   C N S 2   
ALA C    C N N 3   
ALA O    O N N 4   
ALA CB   C N N 5   
ALA OXT  O N N 6   
ALA H    H N N 7   
ALA H2   H N N 8   
ALA HA   H N N 9   
ALA HB1  H N N 10  
ALA HB2  H N N 11  
ALA HB3  H N N 12  
ALA HXT  H N N 13  
ARG N    N N N 14  
ARG CA   C N S 15  
ARG C    C N N 16  
ARG O    O N N 17  
ARG CB   C N N 18  
ARG CG   C N N 19  
ARG CD   C N N 20  
ARG NE   N N N 21  
ARG CZ   C N N 22  
ARG NH1  N N N 23  
ARG NH2  N N N 24  
ARG OXT  O N N 25  
ARG H    H N N 26  
ARG H2   H N N 27  
ARG HA   H N N 28  
ARG HB2  H N N 29  
ARG HB3  H N N 30  
ARG HG2  H N N 31  
ARG HG3  H N N 32  
ARG HD2  H N N 33  
ARG HD3  H N N 34  
ARG HE   H N N 35  
ARG HH11 H N N 36  
ARG HH12 H N N 37  
ARG HH21 H N N 38  
ARG HH22 H N N 39  
ARG HXT  H N N 40  
ASN N    N N N 41  
ASN CA   C N S 42  
ASN C    C N N 43  
ASN O    O N N 44  
ASN CB   C N N 45  
ASN CG   C N N 46  
ASN OD1  O N N 47  
ASN ND2  N N N 48  
ASN OXT  O N N 49  
ASN H    H N N 50  
ASN H2   H N N 51  
ASN HA   H N N 52  
ASN HB2  H N N 53  
ASN HB3  H N N 54  
ASN HD21 H N N 55  
ASN HD22 H N N 56  
ASN HXT  H N N 57  
ASP N    N N N 58  
ASP CA   C N S 59  
ASP C    C N N 60  
ASP O    O N N 61  
ASP CB   C N N 62  
ASP CG   C N N 63  
ASP OD1  O N N 64  
ASP OD2  O N N 65  
ASP OXT  O N N 66  
ASP H    H N N 67  
ASP H2   H N N 68  
ASP HA   H N N 69  
ASP HB2  H N N 70  
ASP HB3  H N N 71  
ASP HD2  H N N 72  
ASP HXT  H N N 73  
CYS N    N N N 74  
CYS CA   C N R 75  
CYS C    C N N 76  
CYS O    O N N 77  
CYS CB   C N N 78  
CYS SG   S N N 79  
CYS OXT  O N N 80  
CYS H    H N N 81  
CYS H2   H N N 82  
CYS HA   H N N 83  
CYS HB2  H N N 84  
CYS HB3  H N N 85  
CYS HG   H N N 86  
CYS HXT  H N N 87  
EDO C1   C N N 88  
EDO O1   O N N 89  
EDO C2   C N N 90  
EDO O2   O N N 91  
EDO H11  H N N 92  
EDO H12  H N N 93  
EDO HO1  H N N 94  
EDO H21  H N N 95  
EDO H22  H N N 96  
EDO HO2  H N N 97  
GLN N    N N N 98  
GLN CA   C N S 99  
GLN C    C N N 100 
GLN O    O N N 101 
GLN CB   C N N 102 
GLN CG   C N N 103 
GLN CD   C N N 104 
GLN OE1  O N N 105 
GLN NE2  N N N 106 
GLN OXT  O N N 107 
GLN H    H N N 108 
GLN H2   H N N 109 
GLN HA   H N N 110 
GLN HB2  H N N 111 
GLN HB3  H N N 112 
GLN HG2  H N N 113 
GLN HG3  H N N 114 
GLN HE21 H N N 115 
GLN HE22 H N N 116 
GLN HXT  H N N 117 
GLU N    N N N 118 
GLU CA   C N S 119 
GLU C    C N N 120 
GLU O    O N N 121 
GLU CB   C N N 122 
GLU CG   C N N 123 
GLU CD   C N N 124 
GLU OE1  O N N 125 
GLU OE2  O N N 126 
GLU OXT  O N N 127 
GLU H    H N N 128 
GLU H2   H N N 129 
GLU HA   H N N 130 
GLU HB2  H N N 131 
GLU HB3  H N N 132 
GLU HG2  H N N 133 
GLU HG3  H N N 134 
GLU HE2  H N N 135 
GLU HXT  H N N 136 
GLY N    N N N 137 
GLY CA   C N N 138 
GLY C    C N N 139 
GLY O    O N N 140 
GLY OXT  O N N 141 
GLY H    H N N 142 
GLY H2   H N N 143 
GLY HA2  H N N 144 
GLY HA3  H N N 145 
GLY HXT  H N N 146 
HIS N    N N N 147 
HIS CA   C N S 148 
HIS C    C N N 149 
HIS O    O N N 150 
HIS CB   C N N 151 
HIS CG   C Y N 152 
HIS ND1  N Y N 153 
HIS CD2  C Y N 154 
HIS CE1  C Y N 155 
HIS NE2  N Y N 156 
HIS OXT  O N N 157 
HIS H    H N N 158 
HIS H2   H N N 159 
HIS HA   H N N 160 
HIS HB2  H N N 161 
HIS HB3  H N N 162 
HIS HD1  H N N 163 
HIS HD2  H N N 164 
HIS HE1  H N N 165 
HIS HE2  H N N 166 
HIS HXT  H N N 167 
HOH O    O N N 168 
HOH H1   H N N 169 
HOH H2   H N N 170 
ILE N    N N N 171 
ILE CA   C N S 172 
ILE C    C N N 173 
ILE O    O N N 174 
ILE CB   C N S 175 
ILE CG1  C N N 176 
ILE CG2  C N N 177 
ILE CD1  C N N 178 
ILE OXT  O N N 179 
ILE H    H N N 180 
ILE H2   H N N 181 
ILE HA   H N N 182 
ILE HB   H N N 183 
ILE HG12 H N N 184 
ILE HG13 H N N 185 
ILE HG21 H N N 186 
ILE HG22 H N N 187 
ILE HG23 H N N 188 
ILE HD11 H N N 189 
ILE HD12 H N N 190 
ILE HD13 H N N 191 
ILE HXT  H N N 192 
LEU N    N N N 193 
LEU CA   C N S 194 
LEU C    C N N 195 
LEU O    O N N 196 
LEU CB   C N N 197 
LEU CG   C N N 198 
LEU CD1  C N N 199 
LEU CD2  C N N 200 
LEU OXT  O N N 201 
LEU H    H N N 202 
LEU H2   H N N 203 
LEU HA   H N N 204 
LEU HB2  H N N 205 
LEU HB3  H N N 206 
LEU HG   H N N 207 
LEU HD11 H N N 208 
LEU HD12 H N N 209 
LEU HD13 H N N 210 
LEU HD21 H N N 211 
LEU HD22 H N N 212 
LEU HD23 H N N 213 
LEU HXT  H N N 214 
LYS N    N N N 215 
LYS CA   C N S 216 
LYS C    C N N 217 
LYS O    O N N 218 
LYS CB   C N N 219 
LYS CG   C N N 220 
LYS CD   C N N 221 
LYS CE   C N N 222 
LYS NZ   N N N 223 
LYS OXT  O N N 224 
LYS H    H N N 225 
LYS H2   H N N 226 
LYS HA   H N N 227 
LYS HB2  H N N 228 
LYS HB3  H N N 229 
LYS HG2  H N N 230 
LYS HG3  H N N 231 
LYS HD2  H N N 232 
LYS HD3  H N N 233 
LYS HE2  H N N 234 
LYS HE3  H N N 235 
LYS HZ1  H N N 236 
LYS HZ2  H N N 237 
LYS HZ3  H N N 238 
LYS HXT  H N N 239 
MET N    N N N 240 
MET CA   C N S 241 
MET C    C N N 242 
MET O    O N N 243 
MET CB   C N N 244 
MET CG   C N N 245 
MET SD   S N N 246 
MET CE   C N N 247 
MET OXT  O N N 248 
MET H    H N N 249 
MET H2   H N N 250 
MET HA   H N N 251 
MET HB2  H N N 252 
MET HB3  H N N 253 
MET HG2  H N N 254 
MET HG3  H N N 255 
MET HE1  H N N 256 
MET HE2  H N N 257 
MET HE3  H N N 258 
MET HXT  H N N 259 
PHE N    N N N 260 
PHE CA   C N S 261 
PHE C    C N N 262 
PHE O    O N N 263 
PHE CB   C N N 264 
PHE CG   C Y N 265 
PHE CD1  C Y N 266 
PHE CD2  C Y N 267 
PHE CE1  C Y N 268 
PHE CE2  C Y N 269 
PHE CZ   C Y N 270 
PHE OXT  O N N 271 
PHE H    H N N 272 
PHE H2   H N N 273 
PHE HA   H N N 274 
PHE HB2  H N N 275 
PHE HB3  H N N 276 
PHE HD1  H N N 277 
PHE HD2  H N N 278 
PHE HE1  H N N 279 
PHE HE2  H N N 280 
PHE HZ   H N N 281 
PHE HXT  H N N 282 
PRO N    N N N 283 
PRO CA   C N S 284 
PRO C    C N N 285 
PRO O    O N N 286 
PRO CB   C N N 287 
PRO CG   C N N 288 
PRO CD   C N N 289 
PRO OXT  O N N 290 
PRO H    H N N 291 
PRO HA   H N N 292 
PRO HB2  H N N 293 
PRO HB3  H N N 294 
PRO HG2  H N N 295 
PRO HG3  H N N 296 
PRO HD2  H N N 297 
PRO HD3  H N N 298 
PRO HXT  H N N 299 
SER N    N N N 300 
SER CA   C N S 301 
SER C    C N N 302 
SER O    O N N 303 
SER CB   C N N 304 
SER OG   O N N 305 
SER OXT  O N N 306 
SER H    H N N 307 
SER H2   H N N 308 
SER HA   H N N 309 
SER HB2  H N N 310 
SER HB3  H N N 311 
SER HG   H N N 312 
SER HXT  H N N 313 
SO4 S    S N N 314 
SO4 O1   O N N 315 
SO4 O2   O N N 316 
SO4 O3   O N N 317 
SO4 O4   O N N 318 
THR N    N N N 319 
THR CA   C N S 320 
THR C    C N N 321 
THR O    O N N 322 
THR CB   C N R 323 
THR OG1  O N N 324 
THR CG2  C N N 325 
THR OXT  O N N 326 
THR H    H N N 327 
THR H2   H N N 328 
THR HA   H N N 329 
THR HB   H N N 330 
THR HG1  H N N 331 
THR HG21 H N N 332 
THR HG22 H N N 333 
THR HG23 H N N 334 
THR HXT  H N N 335 
TRP N    N N N 336 
TRP CA   C N S 337 
TRP C    C N N 338 
TRP O    O N N 339 
TRP CB   C N N 340 
TRP CG   C Y N 341 
TRP CD1  C Y N 342 
TRP CD2  C Y N 343 
TRP NE1  N Y N 344 
TRP CE2  C Y N 345 
TRP CE3  C Y N 346 
TRP CZ2  C Y N 347 
TRP CZ3  C Y N 348 
TRP CH2  C Y N 349 
TRP OXT  O N N 350 
TRP H    H N N 351 
TRP H2   H N N 352 
TRP HA   H N N 353 
TRP HB2  H N N 354 
TRP HB3  H N N 355 
TRP HD1  H N N 356 
TRP HE1  H N N 357 
TRP HE3  H N N 358 
TRP HZ2  H N N 359 
TRP HZ3  H N N 360 
TRP HH2  H N N 361 
TRP HXT  H N N 362 
TYR N    N N N 363 
TYR CA   C N S 364 
TYR C    C N N 365 
TYR O    O N N 366 
TYR CB   C N N 367 
TYR CG   C Y N 368 
TYR CD1  C Y N 369 
TYR CD2  C Y N 370 
TYR CE1  C Y N 371 
TYR CE2  C Y N 372 
TYR CZ   C Y N 373 
TYR OH   O N N 374 
TYR OXT  O N N 375 
TYR H    H N N 376 
TYR H2   H N N 377 
TYR HA   H N N 378 
TYR HB2  H N N 379 
TYR HB3  H N N 380 
TYR HD1  H N N 381 
TYR HD2  H N N 382 
TYR HE1  H N N 383 
TYR HE2  H N N 384 
TYR HH   H N N 385 
TYR HXT  H N N 386 
VAL N    N N N 387 
VAL CA   C N S 388 
VAL C    C N N 389 
VAL O    O N N 390 
VAL CB   C N N 391 
VAL CG1  C N N 392 
VAL CG2  C N N 393 
VAL OXT  O N N 394 
VAL H    H N N 395 
VAL H2   H N N 396 
VAL HA   H N N 397 
VAL HB   H N N 398 
VAL HG11 H N N 399 
VAL HG12 H N N 400 
VAL HG13 H N N 401 
VAL HG21 H N N 402 
VAL HG22 H N N 403 
VAL HG23 H N N 404 
VAL HXT  H N N 405 
# 
loop_
_chem_comp_bond.comp_id 
_chem_comp_bond.atom_id_1 
_chem_comp_bond.atom_id_2 
_chem_comp_bond.value_order 
_chem_comp_bond.pdbx_aromatic_flag 
_chem_comp_bond.pdbx_stereo_config 
_chem_comp_bond.pdbx_ordinal 
ALA N   CA   sing N N 1   
ALA N   H    sing N N 2   
ALA N   H2   sing N N 3   
ALA CA  C    sing N N 4   
ALA CA  CB   sing N N 5   
ALA CA  HA   sing N N 6   
ALA C   O    doub N N 7   
ALA C   OXT  sing N N 8   
ALA CB  HB1  sing N N 9   
ALA CB  HB2  sing N N 10  
ALA CB  HB3  sing N N 11  
ALA OXT HXT  sing N N 12  
ARG N   CA   sing N N 13  
ARG N   H    sing N N 14  
ARG N   H2   sing N N 15  
ARG CA  C    sing N N 16  
ARG CA  CB   sing N N 17  
ARG CA  HA   sing N N 18  
ARG C   O    doub N N 19  
ARG C   OXT  sing N N 20  
ARG CB  CG   sing N N 21  
ARG CB  HB2  sing N N 22  
ARG CB  HB3  sing N N 23  
ARG CG  CD   sing N N 24  
ARG CG  HG2  sing N N 25  
ARG CG  HG3  sing N N 26  
ARG CD  NE   sing N N 27  
ARG CD  HD2  sing N N 28  
ARG CD  HD3  sing N N 29  
ARG NE  CZ   sing N N 30  
ARG NE  HE   sing N N 31  
ARG CZ  NH1  sing N N 32  
ARG CZ  NH2  doub N N 33  
ARG NH1 HH11 sing N N 34  
ARG NH1 HH12 sing N N 35  
ARG NH2 HH21 sing N N 36  
ARG NH2 HH22 sing N N 37  
ARG OXT HXT  sing N N 38  
ASN N   CA   sing N N 39  
ASN N   H    sing N N 40  
ASN N   H2   sing N N 41  
ASN CA  C    sing N N 42  
ASN CA  CB   sing N N 43  
ASN CA  HA   sing N N 44  
ASN C   O    doub N N 45  
ASN C   OXT  sing N N 46  
ASN CB  CG   sing N N 47  
ASN CB  HB2  sing N N 48  
ASN CB  HB3  sing N N 49  
ASN CG  OD1  doub N N 50  
ASN CG  ND2  sing N N 51  
ASN ND2 HD21 sing N N 52  
ASN ND2 HD22 sing N N 53  
ASN OXT HXT  sing N N 54  
ASP N   CA   sing N N 55  
ASP N   H    sing N N 56  
ASP N   H2   sing N N 57  
ASP CA  C    sing N N 58  
ASP CA  CB   sing N N 59  
ASP CA  HA   sing N N 60  
ASP C   O    doub N N 61  
ASP C   OXT  sing N N 62  
ASP CB  CG   sing N N 63  
ASP CB  HB2  sing N N 64  
ASP CB  HB3  sing N N 65  
ASP CG  OD1  doub N N 66  
ASP CG  OD2  sing N N 67  
ASP OD2 HD2  sing N N 68  
ASP OXT HXT  sing N N 69  
CYS N   CA   sing N N 70  
CYS N   H    sing N N 71  
CYS N   H2   sing N N 72  
CYS CA  C    sing N N 73  
CYS CA  CB   sing N N 74  
CYS CA  HA   sing N N 75  
CYS C   O    doub N N 76  
CYS C   OXT  sing N N 77  
CYS CB  SG   sing N N 78  
CYS CB  HB2  sing N N 79  
CYS CB  HB3  sing N N 80  
CYS SG  HG   sing N N 81  
CYS OXT HXT  sing N N 82  
EDO C1  O1   sing N N 83  
EDO C1  C2   sing N N 84  
EDO C1  H11  sing N N 85  
EDO C1  H12  sing N N 86  
EDO O1  HO1  sing N N 87  
EDO C2  O2   sing N N 88  
EDO C2  H21  sing N N 89  
EDO C2  H22  sing N N 90  
EDO O2  HO2  sing N N 91  
GLN N   CA   sing N N 92  
GLN N   H    sing N N 93  
GLN N   H2   sing N N 94  
GLN CA  C    sing N N 95  
GLN CA  CB   sing N N 96  
GLN CA  HA   sing N N 97  
GLN C   O    doub N N 98  
GLN C   OXT  sing N N 99  
GLN CB  CG   sing N N 100 
GLN CB  HB2  sing N N 101 
GLN CB  HB3  sing N N 102 
GLN CG  CD   sing N N 103 
GLN CG  HG2  sing N N 104 
GLN CG  HG3  sing N N 105 
GLN CD  OE1  doub N N 106 
GLN CD  NE2  sing N N 107 
GLN NE2 HE21 sing N N 108 
GLN NE2 HE22 sing N N 109 
GLN OXT HXT  sing N N 110 
GLU N   CA   sing N N 111 
GLU N   H    sing N N 112 
GLU N   H2   sing N N 113 
GLU CA  C    sing N N 114 
GLU CA  CB   sing N N 115 
GLU CA  HA   sing N N 116 
GLU C   O    doub N N 117 
GLU C   OXT  sing N N 118 
GLU CB  CG   sing N N 119 
GLU CB  HB2  sing N N 120 
GLU CB  HB3  sing N N 121 
GLU CG  CD   sing N N 122 
GLU CG  HG2  sing N N 123 
GLU CG  HG3  sing N N 124 
GLU CD  OE1  doub N N 125 
GLU CD  OE2  sing N N 126 
GLU OE2 HE2  sing N N 127 
GLU OXT HXT  sing N N 128 
GLY N   CA   sing N N 129 
GLY N   H    sing N N 130 
GLY N   H2   sing N N 131 
GLY CA  C    sing N N 132 
GLY CA  HA2  sing N N 133 
GLY CA  HA3  sing N N 134 
GLY C   O    doub N N 135 
GLY C   OXT  sing N N 136 
GLY OXT HXT  sing N N 137 
HIS N   CA   sing N N 138 
HIS N   H    sing N N 139 
HIS N   H2   sing N N 140 
HIS CA  C    sing N N 141 
HIS CA  CB   sing N N 142 
HIS CA  HA   sing N N 143 
HIS C   O    doub N N 144 
HIS C   OXT  sing N N 145 
HIS CB  CG   sing N N 146 
HIS CB  HB2  sing N N 147 
HIS CB  HB3  sing N N 148 
HIS CG  ND1  sing Y N 149 
HIS CG  CD2  doub Y N 150 
HIS ND1 CE1  doub Y N 151 
HIS ND1 HD1  sing N N 152 
HIS CD2 NE2  sing Y N 153 
HIS CD2 HD2  sing N N 154 
HIS CE1 NE2  sing Y N 155 
HIS CE1 HE1  sing N N 156 
HIS NE2 HE2  sing N N 157 
HIS OXT HXT  sing N N 158 
HOH O   H1   sing N N 159 
HOH O   H2   sing N N 160 
ILE N   CA   sing N N 161 
ILE N   H    sing N N 162 
ILE N   H2   sing N N 163 
ILE CA  C    sing N N 164 
ILE CA  CB   sing N N 165 
ILE CA  HA   sing N N 166 
ILE C   O    doub N N 167 
ILE C   OXT  sing N N 168 
ILE CB  CG1  sing N N 169 
ILE CB  CG2  sing N N 170 
ILE CB  HB   sing N N 171 
ILE CG1 CD1  sing N N 172 
ILE CG1 HG12 sing N N 173 
ILE CG1 HG13 sing N N 174 
ILE CG2 HG21 sing N N 175 
ILE CG2 HG22 sing N N 176 
ILE CG2 HG23 sing N N 177 
ILE CD1 HD11 sing N N 178 
ILE CD1 HD12 sing N N 179 
ILE CD1 HD13 sing N N 180 
ILE OXT HXT  sing N N 181 
LEU N   CA   sing N N 182 
LEU N   H    sing N N 183 
LEU N   H2   sing N N 184 
LEU CA  C    sing N N 185 
LEU CA  CB   sing N N 186 
LEU CA  HA   sing N N 187 
LEU C   O    doub N N 188 
LEU C   OXT  sing N N 189 
LEU CB  CG   sing N N 190 
LEU CB  HB2  sing N N 191 
LEU CB  HB3  sing N N 192 
LEU CG  CD1  sing N N 193 
LEU CG  CD2  sing N N 194 
LEU CG  HG   sing N N 195 
LEU CD1 HD11 sing N N 196 
LEU CD1 HD12 sing N N 197 
LEU CD1 HD13 sing N N 198 
LEU CD2 HD21 sing N N 199 
LEU CD2 HD22 sing N N 200 
LEU CD2 HD23 sing N N 201 
LEU OXT HXT  sing N N 202 
LYS N   CA   sing N N 203 
LYS N   H    sing N N 204 
LYS N   H2   sing N N 205 
LYS CA  C    sing N N 206 
LYS CA  CB   sing N N 207 
LYS CA  HA   sing N N 208 
LYS C   O    doub N N 209 
LYS C   OXT  sing N N 210 
LYS CB  CG   sing N N 211 
LYS CB  HB2  sing N N 212 
LYS CB  HB3  sing N N 213 
LYS CG  CD   sing N N 214 
LYS CG  HG2  sing N N 215 
LYS CG  HG3  sing N N 216 
LYS CD  CE   sing N N 217 
LYS CD  HD2  sing N N 218 
LYS CD  HD3  sing N N 219 
LYS CE  NZ   sing N N 220 
LYS CE  HE2  sing N N 221 
LYS CE  HE3  sing N N 222 
LYS NZ  HZ1  sing N N 223 
LYS NZ  HZ2  sing N N 224 
LYS NZ  HZ3  sing N N 225 
LYS OXT HXT  sing N N 226 
MET N   CA   sing N N 227 
MET N   H    sing N N 228 
MET N   H2   sing N N 229 
MET CA  C    sing N N 230 
MET CA  CB   sing N N 231 
MET CA  HA   sing N N 232 
MET C   O    doub N N 233 
MET C   OXT  sing N N 234 
MET CB  CG   sing N N 235 
MET CB  HB2  sing N N 236 
MET CB  HB3  sing N N 237 
MET CG  SD   sing N N 238 
MET CG  HG2  sing N N 239 
MET CG  HG3  sing N N 240 
MET SD  CE   sing N N 241 
MET CE  HE1  sing N N 242 
MET CE  HE2  sing N N 243 
MET CE  HE3  sing N N 244 
MET OXT HXT  sing N N 245 
PHE N   CA   sing N N 246 
PHE N   H    sing N N 247 
PHE N   H2   sing N N 248 
PHE CA  C    sing N N 249 
PHE CA  CB   sing N N 250 
PHE CA  HA   sing N N 251 
PHE C   O    doub N N 252 
PHE C   OXT  sing N N 253 
PHE CB  CG   sing N N 254 
PHE CB  HB2  sing N N 255 
PHE CB  HB3  sing N N 256 
PHE CG  CD1  doub Y N 257 
PHE CG  CD2  sing Y N 258 
PHE CD1 CE1  sing Y N 259 
PHE CD1 HD1  sing N N 260 
PHE CD2 CE2  doub Y N 261 
PHE CD2 HD2  sing N N 262 
PHE CE1 CZ   doub Y N 263 
PHE CE1 HE1  sing N N 264 
PHE CE2 CZ   sing Y N 265 
PHE CE2 HE2  sing N N 266 
PHE CZ  HZ   sing N N 267 
PHE OXT HXT  sing N N 268 
PRO N   CA   sing N N 269 
PRO N   CD   sing N N 270 
PRO N   H    sing N N 271 
PRO CA  C    sing N N 272 
PRO CA  CB   sing N N 273 
PRO CA  HA   sing N N 274 
PRO C   O    doub N N 275 
PRO C   OXT  sing N N 276 
PRO CB  CG   sing N N 277 
PRO CB  HB2  sing N N 278 
PRO CB  HB3  sing N N 279 
PRO CG  CD   sing N N 280 
PRO CG  HG2  sing N N 281 
PRO CG  HG3  sing N N 282 
PRO CD  HD2  sing N N 283 
PRO CD  HD3  sing N N 284 
PRO OXT HXT  sing N N 285 
SER N   CA   sing N N 286 
SER N   H    sing N N 287 
SER N   H2   sing N N 288 
SER CA  C    sing N N 289 
SER CA  CB   sing N N 290 
SER CA  HA   sing N N 291 
SER C   O    doub N N 292 
SER C   OXT  sing N N 293 
SER CB  OG   sing N N 294 
SER CB  HB2  sing N N 295 
SER CB  HB3  sing N N 296 
SER OG  HG   sing N N 297 
SER OXT HXT  sing N N 298 
SO4 S   O1   doub N N 299 
SO4 S   O2   doub N N 300 
SO4 S   O3   sing N N 301 
SO4 S   O4   sing N N 302 
THR N   CA   sing N N 303 
THR N   H    sing N N 304 
THR N   H2   sing N N 305 
THR CA  C    sing N N 306 
THR CA  CB   sing N N 307 
THR CA  HA   sing N N 308 
THR C   O    doub N N 309 
THR C   OXT  sing N N 310 
THR CB  OG1  sing N N 311 
THR CB  CG2  sing N N 312 
THR CB  HB   sing N N 313 
THR OG1 HG1  sing N N 314 
THR CG2 HG21 sing N N 315 
THR CG2 HG22 sing N N 316 
THR CG2 HG23 sing N N 317 
THR OXT HXT  sing N N 318 
TRP N   CA   sing N N 319 
TRP N   H    sing N N 320 
TRP N   H2   sing N N 321 
TRP CA  C    sing N N 322 
TRP CA  CB   sing N N 323 
TRP CA  HA   sing N N 324 
TRP C   O    doub N N 325 
TRP C   OXT  sing N N 326 
TRP CB  CG   sing N N 327 
TRP CB  HB2  sing N N 328 
TRP CB  HB3  sing N N 329 
TRP CG  CD1  doub Y N 330 
TRP CG  CD2  sing Y N 331 
TRP CD1 NE1  sing Y N 332 
TRP CD1 HD1  sing N N 333 
TRP CD2 CE2  doub Y N 334 
TRP CD2 CE3  sing Y N 335 
TRP NE1 CE2  sing Y N 336 
TRP NE1 HE1  sing N N 337 
TRP CE2 CZ2  sing Y N 338 
TRP CE3 CZ3  doub Y N 339 
TRP CE3 HE3  sing N N 340 
TRP CZ2 CH2  doub Y N 341 
TRP CZ2 HZ2  sing N N 342 
TRP CZ3 CH2  sing Y N 343 
TRP CZ3 HZ3  sing N N 344 
TRP CH2 HH2  sing N N 345 
TRP OXT HXT  sing N N 346 
TYR N   CA   sing N N 347 
TYR N   H    sing N N 348 
TYR N   H2   sing N N 349 
TYR CA  C    sing N N 350 
TYR CA  CB   sing N N 351 
TYR CA  HA   sing N N 352 
TYR C   O    doub N N 353 
TYR C   OXT  sing N N 354 
TYR CB  CG   sing N N 355 
TYR CB  HB2  sing N N 356 
TYR CB  HB3  sing N N 357 
TYR CG  CD1  doub Y N 358 
TYR CG  CD2  sing Y N 359 
TYR CD1 CE1  sing Y N 360 
TYR CD1 HD1  sing N N 361 
TYR CD2 CE2  doub Y N 362 
TYR CD2 HD2  sing N N 363 
TYR CE1 CZ   doub Y N 364 
TYR CE1 HE1  sing N N 365 
TYR CE2 CZ   sing Y N 366 
TYR CE2 HE2  sing N N 367 
TYR CZ  OH   sing N N 368 
TYR OH  HH   sing N N 369 
TYR OXT HXT  sing N N 370 
VAL N   CA   sing N N 371 
VAL N   H    sing N N 372 
VAL N   H2   sing N N 373 
VAL CA  C    sing N N 374 
VAL CA  CB   sing N N 375 
VAL CA  HA   sing N N 376 
VAL C   O    doub N N 377 
VAL C   OXT  sing N N 378 
VAL CB  CG1  sing N N 379 
VAL CB  CG2  sing N N 380 
VAL CB  HB   sing N N 381 
VAL CG1 HG11 sing N N 382 
VAL CG1 HG12 sing N N 383 
VAL CG1 HG13 sing N N 384 
VAL CG2 HG21 sing N N 385 
VAL CG2 HG22 sing N N 386 
VAL CG2 HG23 sing N N 387 
VAL OXT HXT  sing N N 388 
# 
_pdbx_audit_support.funding_organization   'Ministerio de Ciencia e Innovacion (MCIN)' 
_pdbx_audit_support.country                Spain 
_pdbx_audit_support.grant_number           PID2020-116261GB-I00 
_pdbx_audit_support.ordinal                1 
# 
_pdbx_initial_refinement_model.id               1 
_pdbx_initial_refinement_model.entity_id_list   ? 
_pdbx_initial_refinement_model.type             'experimental model' 
_pdbx_initial_refinement_model.source_name      PDB 
_pdbx_initial_refinement_model.accession_code   2GV1 
_pdbx_initial_refinement_model.details          ? 
# 
_pdbx_related_exp_data_set.ordinal              1 
_pdbx_related_exp_data_set.data_reference       10.15151/ESRF-ES-541423054 
_pdbx_related_exp_data_set.metadata_reference   ? 
_pdbx_related_exp_data_set.data_set_type        'diffraction image data' 
_pdbx_related_exp_data_set.details              ? 
# 
_atom_sites.entry_id                    8BV9 
_atom_sites.Cartn_transf_matrix[1][1]   ? 
_atom_sites.Cartn_transf_matrix[1][2]   ? 
_atom_sites.Cartn_transf_matrix[1][3]   ? 
_atom_sites.Cartn_transf_matrix[2][1]   ? 
_atom_sites.Cartn_transf_matrix[2][2]   ? 
_atom_sites.Cartn_transf_matrix[2][3]   ? 
_atom_sites.Cartn_transf_matrix[3][1]   ? 
_atom_sites.Cartn_transf_matrix[3][2]   ? 
_atom_sites.Cartn_transf_matrix[3][3]   ? 
_atom_sites.Cartn_transf_vector[1]      ? 
_atom_sites.Cartn_transf_vector[2]      ? 
_atom_sites.Cartn_transf_vector[3]      ? 
_atom_sites.Cartn_transform_axes        ? 
_atom_sites.fract_transf_matrix[1][1]   0.02168035 
_atom_sites.fract_transf_matrix[1][2]   -0.00253205 
_atom_sites.fract_transf_matrix[1][3]   0.01165191 
_atom_sites.fract_transf_matrix[2][1]   0.00471909 
_atom_sites.fract_transf_matrix[2][2]   0.00893749 
_atom_sites.fract_transf_matrix[2][3]   -0.00683847 
_atom_sites.fract_transf_matrix[3][1]   -0.00449331 
_atom_sites.fract_transf_matrix[3][2]   0.01051847 
_atom_sites.fract_transf_matrix[3][3]   0.01064630 
_atom_sites.fract_transf_vector[1]      -0.010040 
_atom_sites.fract_transf_vector[2]      0.203983 
_atom_sites.fract_transf_vector[3]      0.247983 
_atom_sites.solution_primary            ? 
_atom_sites.solution_secondary          ? 
_atom_sites.solution_hydrogens          ? 
_atom_sites.special_details             ? 
# 
loop_
_atom_type.symbol 
C 
N 
O 
S 
# 
loop_
_atom_site.group_PDB 
_atom_site.id 
_atom_site.type_symbol 
_atom_site.label_atom_id 
_atom_site.label_alt_id 
_atom_site.label_comp_id 
_atom_site.label_asym_id 
_atom_site.label_entity_id 
_atom_site.label_seq_id 
_atom_site.pdbx_PDB_ins_code 
_atom_site.Cartn_x 
_atom_site.Cartn_y 
_atom_site.Cartn_z 
_atom_site.occupancy 
_atom_site.B_iso_or_equiv 
_atom_site.pdbx_formal_charge 
_atom_site.auth_seq_id 
_atom_site.auth_comp_id 
_atom_site.auth_asym_id 
_atom_site.auth_atom_id 
_atom_site.pdbx_PDB_model_num 
ATOM   1   N N   . SER A 1 1  ? -4.218  17.006  2.983   1.000 99.022  0 2   SER A N   1 
ATOM   2   C CA  . SER A 1 1  ? -5.553  16.418  3.283   1.000 104.700 0 2   SER A CA  1 
ATOM   3   C C   . SER A 1 1  ? -5.521  14.910  3.006   1.000 99.866  0 2   SER A C   1 
ATOM   4   O O   . SER A 1 1  ? -4.446  14.331  2.859   1.000 82.849  0 2   SER A O   1 
ATOM   5   C CB  . SER A 1 1  ? -6.645  17.143  2.509   1.000 111.162 0 2   SER A CB  1 
ATOM   6   O OG  . SER A 1 1  ? -7.935  16.900  3.061   1.000 126.935 0 2   SER A OG  1 
ATOM   7   N N   . LYS A 1 2  ? -6.702  14.275  2.943   1.000 102.051 0 3   LYS A N   1 
ATOM   8   C CA  . LYS A 1 2  ? -6.816  12.825  2.850   1.000 95.335  0 3   LYS A CA  1 
ATOM   9   C C   . LYS A 1 2  ? -6.654  12.369  1.400   1.000 94.636  0 3   LYS A C   1 
ATOM   10  O O   . LYS A 1 2  ? -7.453  12.753  0.545   1.000 87.172  0 3   LYS A O   1 
ATOM   11  C CB  . LYS A 1 2  ? -8.180  12.322  3.341   1.000 103.748 0 3   LYS A CB  1 
ATOM   12  C CG  . LYS A 1 2  ? -8.644  12.821  4.700   1.000 107.624 0 3   LYS A CG  1 
ATOM   13  C CD  . LYS A 1 2  ? -7.863  12.198  5.849   1.000 105.411 0 3   LYS A CD  1 
ATOM   14  C CE  . LYS A 1 2  ? -8.335  12.683  7.175   1.000 108.879 0 3   LYS A CE  1 
ATOM   15  N NZ  . LYS A 1 2  ? -9.780  12.491  7.338   1.000 115.011 0 3   LYS A NZ  1 
ATOM   16  N N   . VAL A 1 3  ? -5.639  11.515  1.157   1.000 90.813  0 4   VAL A N   1 
ATOM   17  C CA  . VAL A 1 3  ? -5.402  10.867  -0.129  1.000 73.811  0 4   VAL A CA  1 
ATOM   18  C C   . VAL A 1 3  ? -5.684  9.368   0.005   1.000 67.401  0 4   VAL A C   1 
ATOM   19  O O   . VAL A 1 3  ? -5.643  8.850   1.118   1.000 75.436  0 4   VAL A O   1 
ATOM   20  C CB  . VAL A 1 3  ? -3.970  11.086  -0.666  1.000 70.654  0 4   VAL A CB  1 
ATOM   21  C CG1 . VAL A 1 3  ? -3.641  12.552  -0.881  1.000 62.395  0 4   VAL A CG1 1 
ATOM   22  C CG2 . VAL A 1 3  ? -2.904  10.413  0.191   1.000 73.656  0 4   VAL A CG2 1 
ATOM   23  N N   . CYS A 1 4  ? -5.959  8.686   -1.125  1.000 56.080  0 5   CYS A N   1 
ATOM   24  C CA  . CYS A 1 4  ? -5.999  7.222   -1.175  1.000 55.653  0 5   CYS A CA  1 
ATOM   25  C C   . CYS A 1 4  ? -5.017  6.664   -2.212  1.000 52.980  0 5   CYS A C   1 
ATOM   26  O O   . CYS A 1 4  ? -4.701  7.327   -3.208  1.000 50.534  0 5   CYS A O   1 
ATOM   27  C CB  . CYS A 1 4  ? -7.377  6.659   -1.527  1.000 65.967  0 5   CYS A CB  1 
ATOM   28  S SG  . CYS A 1 4  ? -8.690  6.992   -0.323  1.000 75.190  0 5   CYS A SG  1 
ATOM   29  N N   . ILE A 1 5  ? -4.538  5.429   -1.961  1.000 43.349  0 6   ILE A N   1 
ATOM   30  C CA  . ILE A 1 5  ? -3.760  4.657   -2.929  1.000 41.118  0 6   ILE A CA  1 
ATOM   31  C C   . ILE A 1 5  ? -4.311  3.232   -2.968  1.000 39.934  0 6   ILE A C   1 
ATOM   32  O O   . ILE A 1 5  ? -4.983  2.789   -2.026  1.000 45.181  0 6   ILE A O   1 
ATOM   33  C CB  . ILE A 1 5  ? -2.243  4.647   -2.623  1.000 44.565  0 6   ILE A CB  1 
ATOM   34  C CG1 . ILE A 1 5  ? -1.920  4.035   -1.251  1.000 44.232  0 6   ILE A CG1 1 
ATOM   35  C CG2 . ILE A 1 5  ? -1.634  6.035   -2.760  1.000 54.069  0 6   ILE A CG2 1 
ATOM   36  C CD1 . ILE A 1 5  ? -1.543  2.572   -1.300  1.000 50.132  0 6   ILE A CD1 1 
ATOM   37  N N   . ILE A 1 6  ? -4.002  2.530   -4.072  1.000 44.691  0 7   ILE A N   1 
ATOM   38  C CA  . ILE A 1 6  ? -4.156  1.081   -4.188  1.000 53.409  0 7   ILE A CA  1 
ATOM   39  C C   . ILE A 1 6  ? -2.853  0.461   -4.707  1.000 44.539  0 7   ILE A C   1 
ATOM   40  O O   . ILE A 1 6  ? -2.302  0.880   -5.715  1.000 41.621  0 7   ILE A O   1 
ATOM   41  C CB  . ILE A 1 6  ? -5.384  0.657   -5.027  1.000 53.760  0 7   ILE A CB  1 
ATOM   42  C CG1 . ILE A 1 6  ? -5.610  -0.833  -4.939  1.000 60.042  0 7   ILE A CG1 1 
ATOM   43  C CG2 . ILE A 1 6  ? -5.266  1.095   -6.475  1.000 56.857  0 7   ILE A CG2 1 
ATOM   44  C CD1 . ILE A 1 6  ? -7.015  -1.239  -5.337  1.000 75.902  0 7   ILE A CD1 1 
ATOM   45  N N   . ALA A 1 7  ? -2.377  -0.542  -3.968  1.000 47.448  0 8   ALA A N   1 
ATOM   46  C CA  . ALA A 1 7  ? -1.091  -1.172  -4.186  1.000 46.060  0 8   ALA A CA  1 
ATOM   47  C C   . ALA A 1 7  ? -1.346  -2.651  -4.383  1.000 45.563  0 8   ALA A C   1 
ATOM   48  O O   . ALA A 1 7  ? -2.203  -3.206  -3.717  1.000 53.252  0 8   ALA A O   1 
ATOM   49  C CB  . ALA A 1 7  ? -0.169  -0.933  -3.004  1.000 45.040  0 8   ALA A CB  1 
ATOM   50  N N   . TRP A 1 8  ? -0.622  -3.245  -5.326  1.000 45.830  0 9   TRP A N   1 
ATOM   51  C CA  . TRP A 1 8  ? -0.549  -4.680  -5.483  1.000 46.733  0 9   TRP A CA  1 
ATOM   52  C C   . TRP A 1 8  ? 0.906   -5.111  -5.284  1.000 46.976  0 9   TRP A C   1 
ATOM   53  O O   . TRP A 1 8  ? 1.829   -4.587  -5.936  1.000 38.258  0 9   TRP A O   1 
ATOM   54  C CB  . TRP A 1 8  ? -1.054  -5.118  -6.869  1.000 46.778  0 9   TRP A CB  1 
ATOM   55  C CG  . TRP A 1 8  ? -2.494  -4.793  -7.169  1.000 54.854  0 9   TRP A CG  1 
ATOM   56  C CD1 . TRP A 1 8  ? -3.563  -5.630  -7.007  1.000 60.663  0 9   TRP A CD1 1 
ATOM   57  C CD2 . TRP A 1 8  ? -3.026  -3.567  -7.723  1.000 49.726  0 9   TRP A CD2 1 
ATOM   58  N NE1 . TRP A 1 8  ? -4.718  -5.006  -7.395  1.000 56.262  0 9   TRP A NE1 1 
ATOM   59  C CE2 . TRP A 1 8  ? -4.423  -3.745  -7.844  1.000 54.245  0 9   TRP A CE2 1 
ATOM   60  C CE3 . TRP A 1 8  ? -2.467  -2.346  -8.122  1.000 52.847  0 9   TRP A CE3 1 
ATOM   61  C CZ2 . TRP A 1 8  ? -5.262  -2.749  -8.350  1.000 52.277  0 9   TRP A CZ2 1 
ATOM   62  C CZ3 . TRP A 1 8  ? -3.294  -1.351  -8.596  1.000 50.455  0 9   TRP A CZ3 1 
ATOM   63  C CH2 . TRP A 1 8  ? -4.674  -1.556  -8.716  1.000 53.897  0 9   TRP A CH2 1 
ATOM   64  N N   . VAL A 1 9  ? 1.054   -6.137  -4.436  1.000 44.447  0 10  VAL A N   1 
ATOM   65  C CA  . VAL A 1 9  ? 2.330   -6.608  -3.934  1.000 43.028  0 10  VAL A CA  1 
ATOM   66  C C   . VAL A 1 9  ? 2.534   -8.050  -4.368  1.000 44.241  0 10  VAL A C   1 
ATOM   67  O O   . VAL A 1 9  ? 1.724   -8.915  -4.033  1.000 47.853  0 10  VAL A O   1 
ATOM   68  C CB  . VAL A 1 9  ? 2.327   -6.457  -2.404  1.000 40.585  0 10  VAL A CB  1 
ATOM   69  C CG1 . VAL A 1 9  ? 3.657   -6.857  -1.814  1.000 48.514  0 10  VAL A CG1 1 
ATOM   70  C CG2 . VAL A 1 9  ? 2.000   -5.027  -2.010  1.000 40.400  0 10  VAL A CG2 1 
ATOM   71  N N   . TYR A 1 10 ? 3.622   -8.270  -5.119  1.000 44.569  0 11  TYR A N   1 
ATOM   72  C CA  . TYR A 1 10 ? 3.966   -9.572  -5.663  1.000 45.745  0 11  TYR A CA  1 
ATOM   73  C C   . TYR A 1 10 ? 5.279   -10.056 -5.057  1.000 48.893  0 11  TYR A C   1 
ATOM   74  O O   . TYR A 1 10 ? 6.146   -9.258  -4.693  1.000 44.514  0 11  TYR A O   1 
ATOM   75  C CB  . TYR A 1 10 ? 4.108   -9.538  -7.183  1.000 47.500  0 11  TYR A CB  1 
ATOM   76  C CG  . TYR A 1 10 ? 2.988   -8.825  -7.935  1.000 49.943  0 11  TYR A CG  1 
ATOM   77  C CD1 . TYR A 1 10 ? 2.977   -7.439  -8.092  1.000 47.950  0 11  TYR A CD1 1 
ATOM   78  C CD2 . TYR A 1 10 ? 1.949   -9.552  -8.499  1.000 55.011  0 11  TYR A CD2 1 
ATOM   79  C CE1 . TYR A 1 10 ? 1.924   -6.812  -8.738  1.000 55.610  0 11  TYR A CE1 1 
ATOM   80  C CE2 . TYR A 1 10 ? 0.921   -8.939  -9.197  1.000 52.556  0 11  TYR A CE2 1 
ATOM   81  C CZ  . TYR A 1 10 ? 0.912   -7.570  -9.313  1.000 54.315  0 11  TYR A CZ  1 
ATOM   82  O OH  . TYR A 1 10 ? -0.149  -7.047  -9.969  1.000 62.827  0 11  TYR A OH  1 
ATOM   83  N N   . GLY A 1 11 ? 5.409   -11.390 -4.990  1.000 56.244  0 12  GLY A N   1 
ATOM   84  C CA  . GLY A 1 11 ? 6.548   -12.054 -4.375  1.000 51.628  0 12  GLY A CA  1 
ATOM   85  C C   . GLY A 1 11 ? 6.086   -13.219 -3.505  1.000 55.442  0 12  GLY A C   1 
ATOM   86  O O   . GLY A 1 11 ? 5.096   -13.884 -3.832  1.000 51.240  0 12  GLY A O   1 
ATOM   87  N N   . ARG A 1 12 ? 6.815   -13.467 -2.404  1.000 58.936  0 13  ARG A N   1 
ATOM   88  C CA  . ARG A 1 12 ? 6.342   -14.388 -1.378  1.000 60.824  0 13  ARG A CA  1 
ATOM   89  C C   . ARG A 1 12 ? 5.585   -13.559 -0.346  1.000 60.109  0 13  ARG A C   1 
ATOM   90  O O   . ARG A 1 12 ? 6.204   -12.971 0.536   1.000 71.838  0 13  ARG A O   1 
ATOM   91  C CB  . ARG A 1 12 ? 7.495   -15.195 -0.766  1.000 69.431  0 13  ARG A CB  1 
ATOM   92  C CG  . ARG A 1 12 ? 7.053   -16.292 0.202   1.000 78.625  0 13  ARG A CG  1 
ATOM   93  C CD  . ARG A 1 12 ? 8.198   -17.143 0.763   1.000 82.278  0 13  ARG A CD  1 
ATOM   94  N NE  . ARG A 1 12 ? 9.172   -16.388 1.564   1.000 92.403  0 13  ARG A NE  1 
ATOM   95  C CZ  . ARG A 1 12 ? 10.458  -16.127 1.263   1.000 107.154 0 13  ARG A CZ  1 
ATOM   96  N NH1 . ARG A 1 12 ? 10.997  -16.575 0.139   1.000 117.666 0 13  ARG A NH1 1 
ATOM   97  N NH2 . ARG A 1 12 ? 11.207  -15.408 2.091   1.000 103.242 0 13  ARG A NH2 1 
ATOM   98  N N   . VAL A 1 13 ? 4.256   -13.454 -0.514  1.000 62.045  0 14  VAL A N   1 
ATOM   99  C CA  . VAL A 1 13 ? 3.458   -12.443 0.175   1.000 49.476  0 14  VAL A CA  1 
ATOM   100 C C   . VAL A 1 13 ? 2.213   -13.074 0.797   1.000 49.646  0 14  VAL A C   1 
ATOM   101 O O   . VAL A 1 13 ? 1.578   -12.481 1.671   1.000 64.920  0 14  VAL A O   1 
ATOM   102 C CB  . VAL A 1 13 ? 3.073   -11.240 -0.718  1.000 46.507  0 14  VAL A CB  1 
ATOM   103 C CG1 . VAL A 1 13 ? 4.282   -10.400 -1.054  1.000 43.146  0 14  VAL A CG1 1 
ATOM   104 C CG2 . VAL A 1 13 ? 2.315   -11.610 -1.997  1.000 52.862  0 14  VAL A CG2 1 
ATOM   105 N N   . GLN A 1 14 ? 1.853   -14.273 0.358   1.000 53.525  0 15  GLN A N   1 
ATOM   106 C CA  . GLN A 1 14 ? 0.728   -14.967 0.960   1.000 66.737  0 15  GLN A CA  1 
ATOM   107 C C   . GLN A 1 14 ? 1.228   -16.008 1.958   1.000 70.179  0 15  GLN A C   1 
ATOM   108 O O   . GLN A 1 14 ? 2.263   -16.647 1.744   1.000 57.717  0 15  GLN A O   1 
ATOM   109 C CB  . GLN A 1 14 ? -0.132  -15.561 -0.151  1.000 67.397  0 15  GLN A CB  1 
ATOM   110 C CG  . GLN A 1 14 ? -1.048  -14.536 -0.797  1.000 62.764  0 15  GLN A CG  1 
ATOM   111 C CD  . GLN A 1 14 ? -1.750  -15.091 -2.011  1.000 64.106  0 15  GLN A CD  1 
ATOM   112 O OE1 . GLN A 1 14 ? -2.110  -16.265 -2.062  1.000 68.462  0 15  GLN A OE1 1 
ATOM   113 N NE2 . GLN A 1 14 ? -1.927  -14.261 -3.024  1.000 80.578  0 15  GLN A NE2 1 
ATOM   114 N N   . GLY A 1 15 ? 0.484   -16.139 3.064   1.000 81.303  0 16  GLY A N   1 
ATOM   115 C CA  . GLY A 1 15 ? 0.731   -17.181 4.053   1.000 76.633  0 16  GLY A CA  1 
ATOM   116 C C   . GLY A 1 15 ? 2.023   -16.969 4.845   1.000 73.241  0 16  GLY A C   1 
ATOM   117 O O   . GLY A 1 15 ? 2.615   -17.928 5.338   1.000 87.092  0 16  GLY A O   1 
ATOM   118 N N   . VAL A 1 16 ? 2.441   -15.706 4.965   1.000 67.219  0 17  VAL A N   1 
ATOM   119 C CA  . VAL A 1 16 ? 3.617   -15.322 5.721   1.000 58.061  0 17  VAL A CA  1 
ATOM   120 C C   . VAL A 1 16 ? 3.273   -14.121 6.606   1.000 55.626  0 17  VAL A C   1 
ATOM   121 O O   . VAL A 1 16 ? 4.167   -13.372 7.010   1.000 49.665  0 17  VAL A O   1 
ATOM   122 C CB  . VAL A 1 16 ? 4.768   -15.018 4.742   1.000 64.210  0 17  VAL A CB  1 
ATOM   123 C CG1 . VAL A 1 16 ? 5.088   -16.226 3.874   1.000 62.281  0 17  VAL A CG1 1 
ATOM   124 C CG2 . VAL A 1 16 ? 4.476   -13.805 3.861   1.000 70.393  0 17  VAL A CG2 1 
ATOM   125 N N   . GLY A 1 17 ? 1.966   -13.949 6.884   1.000 47.491  0 18  GLY A N   1 
ATOM   126 C CA  . GLY A 1 17 ? 1.501   -12.929 7.800   1.000 45.722  0 18  GLY A CA  1 
ATOM   127 C C   . GLY A 1 17 ? 1.391   -11.557 7.147   1.000 55.686  0 18  GLY A C   1 
ATOM   128 O O   . GLY A 1 17 ? 1.146   -10.595 7.864   1.000 60.646  0 18  GLY A O   1 
ATOM   129 N N   . PHE A 1 18 ? 1.525   -11.452 5.813   1.000 53.719  0 19  PHE A N   1 
ATOM   130 C CA  . PHE A 1 18 ? 1.523   -10.136 5.171   1.000 56.822  0 19  PHE A CA  1 
ATOM   131 C C   . PHE A 1 18 ? 0.247   -9.321  5.470   1.000 55.443  0 19  PHE A C   1 
ATOM   132 O O   . PHE A 1 18 ? 0.329   -8.140  5.828   1.000 55.584  0 19  PHE A O   1 
ATOM   133 C CB  . PHE A 1 18 ? 1.736   -10.238 3.659   1.000 57.326  0 19  PHE A CB  1 
ATOM   134 C CG  . PHE A 1 18 ? 2.270   -8.941  3.057   1.000 55.190  0 19  PHE A CG  1 
ATOM   135 C CD1 . PHE A 1 18 ? 1.429   -7.857  2.823   1.000 57.044  0 19  PHE A CD1 1 
ATOM   136 C CD2 . PHE A 1 18 ? 3.614   -8.818  2.709   1.000 50.858  0 19  PHE A CD2 1 
ATOM   137 C CE1 . PHE A 1 18 ? 1.928   -6.685  2.277   1.000 59.609  0 19  PHE A CE1 1 
ATOM   138 C CE2 . PHE A 1 18 ? 4.110   -7.642  2.171   1.000 47.433  0 19  PHE A CE2 1 
ATOM   139 C CZ  . PHE A 1 18 ? 3.271   -6.572  1.973   1.000 56.869  0 19  PHE A CZ  1 
ATOM   140 N N   . ARG A 1 19 ? -0.941  -9.931  5.354   1.000 51.192  0 20  ARG A N   1 
ATOM   141 C CA  . ARG A 1 19 ? -2.186  -9.203  5.596   1.000 58.819  0 20  ARG A CA  1 
ATOM   142 C C   . ARG A 1 19 ? -2.280  -8.672  7.027   1.000 59.476  0 20  ARG A C   1 
ATOM   143 O O   . ARG A 1 19 ? -2.655  -7.514  7.245   1.000 57.973  0 20  ARG A O   1 
ATOM   144 C CB  . ARG A 1 19 ? -3.416  -10.057 5.282   1.000 55.235  0 20  ARG A CB  1 
ATOM   145 C CG  . ARG A 1 19 ? -3.599  -10.291 3.793   1.000 57.453  0 20  ARG A CG  1 
ATOM   146 C CD  . ARG A 1 19 ? -4.775  -11.202 3.554   1.000 65.355  0 20  ARG A CD  1 
ATOM   147 N NE  . ARG A 1 19 ? -4.612  -12.481 4.254   1.000 68.314  0 20  ARG A NE  1 
ATOM   148 C CZ  . ARG A 1 19 ? -5.618  -13.278 4.577   1.000 61.733  0 20  ARG A CZ  1 
ATOM   149 N NH1 . ARG A 1 19 ? -6.830  -12.935 4.202   1.000 63.691  0 20  ARG A NH1 1 
ATOM   150 N NH2 . ARG A 1 19 ? -5.415  -14.388 5.272   1.000 63.382  0 20  ARG A NH2 1 
ATOM   151 N N   . TYR A 1 20 ? -1.923  -9.532  7.989   1.000 73.644  0 21  TYR A N   1 
ATOM   152 C CA  . TYR A 1 20 ? -2.079  -9.244  9.410   1.000 77.973  0 21  TYR A CA  1 
ATOM   153 C C   . TYR A 1 20 ? -1.167  -8.087  9.834   1.000 51.951  0 21  TYR A C   1 
ATOM   154 O O   . TYR A 1 20 ? -1.625  -7.211  10.563  1.000 52.387  0 21  TYR A O   1 
ATOM   155 C CB  . TYR A 1 20 ? -1.908  -10.562 10.183  1.000 99.440  0 21  TYR A CB  1 
ATOM   156 C CG  . TYR A 1 20 ? -2.152  -10.478 11.687  1.000 128.369 0 21  TYR A CG  1 
ATOM   157 C CD1 . TYR A 1 20 ? -3.445  -10.361 12.197  1.000 150.041 0 21  TYR A CD1 1 
ATOM   158 C CD2 . TYR A 1 20 ? -1.097  -10.542 12.603  1.000 127.880 0 21  TYR A CD2 1 
ATOM   159 C CE1 . TYR A 1 20 ? -3.678  -10.287 13.563  1.000 146.412 0 21  TYR A CE1 1 
ATOM   160 C CE2 . TYR A 1 20 ? -1.318  -10.470 13.970  1.000 122.705 0 21  TYR A CE2 1 
ATOM   161 C CZ  . TYR A 1 20 ? -2.614  -10.342 14.447  1.000 136.068 0 21  TYR A CZ  1 
ATOM   162 O OH  . TYR A 1 20 ? -2.873  -10.272 15.783  1.000 143.019 0 21  TYR A OH  1 
ATOM   163 N N   . THR A 1 21 ? 0.072   -8.045  9.321   1.000 52.959  0 22  THR A N   1 
ATOM   164 C CA  . THR A 1 21 ? 1.062   -6.998  9.604   1.000 55.632  0 22  THR A CA  1 
ATOM   165 C C   . THR A 1 21 ? 0.738   -5.667  8.920   1.000 58.630  0 22  THR A C   1 
ATOM   166 O O   . THR A 1 21 ? 1.087   -4.594  9.437   1.000 60.622  0 22  THR A O   1 
ATOM   167 C CB  . THR A 1 21 ? 2.445   -7.432  9.124   1.000 60.399  0 22  THR A CB  1 
ATOM   168 O OG1 . THR A 1 21 ? 2.487   -8.847  9.192   1.000 61.825  0 22  THR A OG1 1 
ATOM   169 C CG2 . THR A 1 21 ? 3.571   -6.882  9.983   1.000 63.825  0 22  THR A CG2 1 
ATOM   170 N N   . THR A 1 22 ? 0.172   -5.729  7.706   1.000 57.389  0 23  THR A N   1 
ATOM   171 C CA  . THR A 1 22 ? -0.298  -4.518  7.049   1.000 51.289  0 23  THR A CA  1 
ATOM   172 C C   . THR A 1 22 ? -1.391  -3.886  7.920   1.000 56.667  0 23  THR A C   1 
ATOM   173 O O   . THR A 1 22 ? -1.321  -2.689  8.230   1.000 47.581  0 23  THR A O   1 
ATOM   174 C CB  . THR A 1 22 ? -0.745  -4.865  5.626   1.000 54.384  0 23  THR A CB  1 
ATOM   175 O OG1 . THR A 1 22 ? 0.416   -5.521  5.098   1.000 49.189  0 23  THR A OG1 1 
ATOM   176 C CG2 . THR A 1 22 ? -1.197  -3.644  4.830   1.000 45.885  0 23  THR A CG2 1 
ATOM   177 N N   . GLN A 1 23 ? -2.360  -4.709  8.373   1.000 56.647  0 24  GLN A N   1 
ATOM   178 C CA  . GLN A 1 23 ? -3.406  -4.244  9.274   1.000 54.788  0 24  GLN A CA  1 
ATOM   179 C C   . GLN A 1 23 ? -2.749  -3.501  10.428  1.000 57.584  0 24  GLN A C   1 
ATOM   180 O O   . GLN A 1 23 ? -3.063  -2.339  10.669  1.000 61.328  0 24  GLN A O   1 
ATOM   181 C CB  . GLN A 1 23 ? -4.296  -5.405  9.737   1.000 58.992  0 24  GLN A CB  1 
ATOM   182 C CG  . GLN A 1 23 ? -5.468  -5.027  10.647  1.000 55.611  0 24  GLN A CG  1 
ATOM   183 C CD  . GLN A 1 23 ? -6.286  -6.233  11.089  1.000 61.543  0 24  GLN A CD  1 
ATOM   184 O OE1 . GLN A 1 23 ? -5.791  -7.142  11.767  1.000 73.154  0 24  GLN A OE1 1 
ATOM   185 N NE2 . GLN A 1 23 ? -7.554  -6.280  10.712  1.000 67.981  0 24  GLN A NE2 1 
ATOM   186 N N   . TYR A 1 24 ? -1.795  -4.159  11.100  1.000 58.209  0 25  TYR A N   1 
ATOM   187 C CA  . TYR A 1 24 ? -1.143  -3.574  12.258  1.000 58.413  0 25  TYR A CA  1 
ATOM   188 C C   . TYR A 1 24 ? -0.490  -2.239  11.893  1.000 52.477  0 25  TYR A C   1 
ATOM   189 O O   . TYR A 1 24 ? -0.684  -1.248  12.593  1.000 55.574  0 25  TYR A O   1 
ATOM   190 C CB  . TYR A 1 24 ? -0.130  -4.531  12.892  1.000 70.902  0 25  TYR A CB  1 
ATOM   191 C CG  . TYR A 1 24 ? 0.669   -3.915  14.036  1.000 87.300  0 25  TYR A CG  1 
ATOM   192 C CD1 . TYR A 1 24 ? 0.218   -3.989  15.351  1.000 86.496  0 25  TYR A CD1 1 
ATOM   193 C CD2 . TYR A 1 24 ? 1.874   -3.250  13.798  1.000 102.805 0 25  TYR A CD2 1 
ATOM   194 C CE1 . TYR A 1 24 ? 0.936   -3.420  16.392  1.000 96.795  0 25  TYR A CE1 1 
ATOM   195 C CE2 . TYR A 1 24 ? 2.598   -2.673  14.830  1.000 109.371 0 25  TYR A CE2 1 
ATOM   196 C CZ  . TYR A 1 24 ? 2.129   -2.764  16.130  1.000 108.943 0 25  TYR A CZ  1 
ATOM   197 O OH  . TYR A 1 24 ? 2.846   -2.204  17.144  1.000 124.874 0 25  TYR A OH  1 
ATOM   198 N N   . GLU A 1 25 ? 0.325   -2.188  10.839  1.000 49.545  0 26  GLU A N   1 
ATOM   199 C CA  . GLU A 1 25 ? 0.991   -0.933  10.547  1.000 57.051  0 26  GLU A CA  1 
ATOM   200 C C   . GLU A 1 25 ? -0.005  0.094   10.010  1.000 56.892  0 26  GLU A C   1 
ATOM   201 O O   . GLU A 1 25 ? 0.230   1.288   10.153  1.000 58.602  0 26  GLU A O   1 
ATOM   202 C CB  . GLU A 1 25 ? 2.170   -1.085  9.594   1.000 74.050  0 26  GLU A CB  1 
ATOM   203 C CG  . GLU A 1 25 ? 3.247   -0.020  9.816   1.000 86.722  0 26  GLU A CG  1 
ATOM   204 C CD  . GLU A 1 25 ? 4.318   -0.323  10.864  1.000 98.733  0 26  GLU A CD  1 
ATOM   205 O OE1 . GLU A 1 25 ? 4.327   -1.445  11.453  1.000 80.334  0 26  GLU A OE1 1 
ATOM   206 O OE2 . GLU A 1 25 ? 5.180   0.582   11.055  1.000 110.450 0 26  GLU A OE2 1 
ATOM   207 N N   . ALA A 1 26 ? -1.111  -0.331  9.381   1.000 58.504  0 27  ALA A N   1 
ATOM   208 C CA  . ALA A 1 26 ? -2.038  0.646   8.813   1.000 64.499  0 27  ALA A CA  1 
ATOM   209 C C   . ALA A 1 26 ? -2.755  1.375   9.950   1.000 60.502  0 27  ALA A C   1 
ATOM   210 O O   . ALA A 1 26 ? -2.924  2.589   9.889   1.000 66.066  0 27  ALA A O   1 
ATOM   211 C CB  . ALA A 1 26 ? -3.007  0.005   7.823   1.000 60.514  0 27  ALA A CB  1 
ATOM   212 N N   . LYS A 1 27 ? -3.120  0.630   11.002  1.000 62.967  0 28  LYS A N   1 
ATOM   213 C CA  . LYS A 1 27 ? -3.709  1.189   12.215  1.000 69.021  0 28  LYS A CA  1 
ATOM   214 C C   . LYS A 1 27 ? -2.774  2.200   12.893  1.000 76.320  0 28  LYS A C   1 
ATOM   215 O O   . LYS A 1 27 ? -3.205  3.328   13.133  1.000 82.054  0 28  LYS A O   1 
ATOM   216 C CB  . LYS A 1 27 ? -4.094  0.069   13.189  1.000 67.704  0 28  LYS A CB  1 
ATOM   217 C CG  . LYS A 1 27 ? -5.300  -0.790  12.792  1.000 70.949  0 28  LYS A CG  1 
ATOM   218 C CD  . LYS A 1 27 ? -5.812  -1.718  13.891  1.000 74.315  0 28  LYS A CD  1 
ATOM   219 C CE  . LYS A 1 27 ? -6.786  -2.784  13.443  1.000 84.145  0 28  LYS A CE  1 
ATOM   220 N NZ  . LYS A 1 27 ? -8.087  -2.290  12.972  1.000 82.271  0 28  LYS A NZ  1 
ATOM   221 N N   . ARG A 1 28 ? -1.517  1.796   13.192  1.000 75.986  0 29  ARG A N   1 
ATOM   222 C CA  A ARG A 1 28 ? -0.534  2.644   13.861  0.600 79.859  0 29  ARG A CA  1 
ATOM   223 C CA  B ARG A 1 28 ? -0.531  2.643   13.854  0.400 78.364  0 29  ARG A CA  1 
ATOM   224 C C   . ARG A 1 28 ? -0.368  3.974   13.117  1.000 74.635  0 29  ARG A C   1 
ATOM   225 O O   . ARG A 1 28 ? -0.036  4.992   13.724  1.000 94.177  0 29  ARG A O   1 
ATOM   226 C CB  A ARG A 1 28 ? 0.829   1.941   14.005  0.600 83.608  0 29  ARG A CB  1 
ATOM   227 C CB  B ARG A 1 28 ? 0.874   2.022   13.926  0.400 80.517  0 29  ARG A CB  1 
ATOM   228 C CG  A ARG A 1 28 ? 1.939   2.783   14.628  0.600 85.857  0 29  ARG A CG  1 
ATOM   229 C CG  B ARG A 1 28 ? 1.166   1.018   15.033  0.400 80.828  0 29  ARG A CG  1 
ATOM   230 C CD  A ARG A 1 28 ? 3.352   2.488   14.116  0.600 91.322  0 29  ARG A CD  1 
ATOM   231 C CD  B ARG A 1 28 ? 2.663   0.680   15.099  0.400 85.949  0 29  ARG A CD  1 
ATOM   232 N NE  A ARG A 1 28 ? 4.116   3.726   13.903  0.600 92.412  0 29  ARG A NE  1 
ATOM   233 N NE  B ARG A 1 28 ? 3.529   1.774   15.562  0.400 88.211  0 29  ARG A NE  1 
ATOM   234 C CZ  A ARG A 1 28 ? 5.227   3.816   13.189  0.600 90.195  0 29  ARG A CZ  1 
ATOM   235 C CZ  B ARG A 1 28 ? 4.860   1.806   15.470  0.400 81.671  0 29  ARG A CZ  1 
ATOM   236 N NH1 A ARG A 1 28 ? 5.852   2.713   12.817  0.600 93.352  0 29  ARG A NH1 1 
ATOM   237 N NH1 B ARG A 1 28 ? 5.518   0.829   14.873  0.400 78.833  0 29  ARG A NH1 1 
ATOM   238 N NH2 A ARG A 1 28 ? 5.721   5.003   12.877  0.600 83.602  0 29  ARG A NH2 1 
ATOM   239 N NH2 B ARG A 1 28 ? 5.532   2.831   15.962  0.400 79.031  0 29  ARG A NH2 1 
ATOM   240 N N   . LEU A 1 29 ? -0.565  3.961   11.796  1.000 70.476  0 30  LEU A N   1 
ATOM   241 C CA  . LEU A 1 29 ? -0.375  5.147   10.979  1.000 62.607  0 30  LEU A CA  1 
ATOM   242 C C   . LEU A 1 29 ? -1.693  5.912   10.855  1.000 60.544  0 30  LEU A C   1 
ATOM   243 O O   . LEU A 1 29 ? -1.738  6.999   10.267  1.000 54.250  0 30  LEU A O   1 
ATOM   244 C CB  . LEU A 1 29 ? 0.138   4.668   9.623   1.000 66.253  0 30  LEU A CB  1 
ATOM   245 C CG  . LEU A 1 29 ? 1.577   4.156   9.587   1.000 63.972  0 30  LEU A CG  1 
ATOM   246 C CD1 . LEU A 1 29 ? 1.861   3.316   8.350   1.000 66.201  0 30  LEU A CD1 1 
ATOM   247 C CD2 . LEU A 1 29 ? 2.503   5.353   9.648   1.000 72.703  0 30  LEU A CD2 1 
ATOM   248 N N   . GLY A 1 30 ? -2.763  5.316   11.395  1.000 58.664  0 31  GLY A N   1 
ATOM   249 C CA  . GLY A 1 30 ? -4.041  5.993   11.547  1.000 71.059  0 31  GLY A CA  1 
ATOM   250 C C   . GLY A 1 30 ? -4.777  6.057   10.215  1.000 69.749  0 31  GLY A C   1 
ATOM   251 O O   . GLY A 1 30 ? -5.484  7.033   9.941   1.000 65.888  0 31  GLY A O   1 
ATOM   252 N N   . LEU A 1 31 ? -4.561  4.992   9.424   1.000 65.778  0 32  LEU A N   1 
ATOM   253 C CA  . LEU A 1 31 ? -5.003  4.884   8.046   1.000 63.080  0 32  LEU A CA  1 
ATOM   254 C C   . LEU A 1 31 ? -6.197  3.950   8.001   1.000 65.772  0 32  LEU A C   1 
ATOM   255 O O   . LEU A 1 31 ? -6.352  3.071   8.849   1.000 78.542  0 32  LEU A O   1 
ATOM   256 C CB  . LEU A 1 31 ? -3.917  4.345   7.119   1.000 56.698  0 32  LEU A CB  1 
ATOM   257 C CG  . LEU A 1 31 ? -2.656  5.199   7.003   1.000 56.340  0 32  LEU A CG  1 
ATOM   258 C CD1 . LEU A 1 31 ? -1.690  4.499   6.088   1.000 46.658  0 32  LEU A CD1 1 
ATOM   259 C CD2 . LEU A 1 31 ? -2.915  6.621   6.524   1.000 58.077  0 32  LEU A CD2 1 
ATOM   260 N N   . THR A 1 32 ? -7.004  4.134   6.960   1.000 59.488  0 33  THR A N   1 
ATOM   261 C CA  . THR A 1 32 ? -8.223  3.374   6.813   1.000 58.775  0 33  THR A CA  1 
ATOM   262 C C   . THR A 1 32 ? -8.127  2.628   5.490   1.000 48.198  0 33  THR A C   1 
ATOM   263 O O   . THR A 1 32 ? -7.289  2.970   4.669   1.000 54.669  0 33  THR A O   1 
ATOM   264 C CB  . THR A 1 32 ? -9.418  4.324   6.964   1.000 63.699  0 33  THR A CB  1 
ATOM   265 O OG1 . THR A 1 32 ? -10.459 3.371   6.831   1.000 69.355  0 33  THR A OG1 1 
ATOM   266 C CG2 . THR A 1 32 ? -9.499  5.474   5.969   1.000 61.753  0 33  THR A CG2 1 
ATOM   267 N N   . GLY A 1 33 ? -8.875  1.534   5.346   1.000 42.416  0 34  GLY A N   1 
ATOM   268 C CA  . GLY A 1 33 ? -8.820  0.732   4.129   1.000 43.955  0 34  GLY A CA  1 
ATOM   269 C C   . GLY A 1 33 ? -8.923  -0.773  4.386   1.000 43.530  0 34  GLY A C   1 
ATOM   270 O O   . GLY A 1 33 ? -9.635  -1.208  5.293   1.000 48.911  0 34  GLY A O   1 
ATOM   271 N N   . TYR A 1 34 ? -8.226  -1.574  3.564   1.000 39.368  0 35  TYR A N   1 
ATOM   272 C CA  . TYR A 1 34 ? -8.233  -3.019  3.750   1.000 45.807  0 35  TYR A CA  1 
ATOM   273 C C   . TYR A 1 34 ? -7.127  -3.703  2.933   1.000 48.390  0 35  TYR A C   1 
ATOM   274 O O   . TYR A 1 34 ? -6.563  -3.083  2.023   1.000 44.856  0 35  TYR A O   1 
ATOM   275 C CB  . TYR A 1 34 ? -9.608  -3.564  3.362   1.000 43.450  0 35  TYR A CB  1 
ATOM   276 C CG  . TYR A 1 34 ? -9.932  -3.416  1.887   1.000 44.476  0 35  TYR A CG  1 
ATOM   277 C CD1 . TYR A 1 34 ? -9.510  -4.343  0.932   1.000 47.835  0 35  TYR A CD1 1 
ATOM   278 C CD2 . TYR A 1 34 ? -10.700 -2.339  1.455   1.000 49.962  0 35  TYR A CD2 1 
ATOM   279 C CE1 . TYR A 1 34 ? -9.855  -4.189  -0.409  1.000 54.971  0 35  TYR A CE1 1 
ATOM   280 C CE2 . TYR A 1 34 ? -11.068 -2.185  0.125   1.000 49.189  0 35  TYR A CE2 1 
ATOM   281 C CZ  . TYR A 1 34 ? -10.645 -3.109  -0.808  1.000 55.590  0 35  TYR A CZ  1 
ATOM   282 O OH  . TYR A 1 34 ? -11.029 -2.833  -2.083  1.000 56.355  0 35  TYR A OH  1 
ATOM   283 N N   . ALA A 1 35 ? -6.854  -4.991  3.242   1.000 43.496  0 36  ALA A N   1 
ATOM   284 C CA  . ALA A 1 35 ? -5.917  -5.804  2.473   1.000 44.860  0 36  ALA A CA  1 
ATOM   285 C C   . ALA A 1 35 ? -6.558  -7.145  2.138   1.000 45.802  0 36  ALA A C   1 
ATOM   286 O O   . ALA A 1 35 ? -7.278  -7.694  2.958   1.000 49.046  0 36  ALA A O   1 
ATOM   287 C CB  . ALA A 1 35 ? -4.632  -5.998  3.246   1.000 46.985  0 36  ALA A CB  1 
ATOM   288 N N   . LYS A 1 36 ? -6.281  -7.674  0.941   1.000 53.373  0 37  LYS A N   1 
ATOM   289 C CA  . LYS A 1 36 ? -6.988  -8.837  0.417   1.000 56.959  0 37  LYS A CA  1 
ATOM   290 C C   . LYS A 1 36 ? -6.068  -9.673  -0.475  1.000 56.433  0 37  LYS A C   1 
ATOM   291 O O   . LYS A 1 36 ? -5.373  -9.135  -1.327  1.000 61.832  0 37  LYS A O   1 
ATOM   292 C CB  . LYS A 1 36 ? -8.231  -8.330  -0.330  1.000 64.595  0 37  LYS A CB  1 
ATOM   293 C CG  . LYS A 1 36 ? -8.753  -9.180  -1.487  1.000 67.129  0 37  LYS A CG  1 
ATOM   294 C CD  . LYS A 1 36 ? -10.230 -9.035  -1.860  1.000 74.769  0 37  LYS A CD  1 
ATOM   295 C CE  . LYS A 1 36 ? -10.734 -7.657  -2.110  1.000 75.048  0 37  LYS A CE  1 
ATOM   296 N NZ  . LYS A 1 36 ? -12.196 -7.613  -1.992  1.000 83.671  0 37  LYS A NZ  1 
ATOM   297 N N   . ASN A 1 37 ? -6.099  -11.001 -0.302  1.000 58.307  0 38  ASN A N   1 
ATOM   298 C CA  . ASN A 1 37 ? -5.381  -11.917 -1.180  1.000 60.170  0 38  ASN A CA  1 
ATOM   299 C C   . ASN A 1 37 ? -6.131  -12.127 -2.499  1.000 58.172  0 38  ASN A C   1 
ATOM   300 O O   . ASN A 1 37 ? -7.357  -12.129 -2.531  1.000 63.889  0 38  ASN A O   1 
ATOM   301 C CB  . ASN A 1 37 ? -5.145  -13.272 -0.517  1.000 58.766  0 38  ASN A CB  1 
ATOM   302 C CG  . ASN A 1 37 ? -4.083  -13.247 0.564   1.000 62.074  0 38  ASN A CG  1 
ATOM   303 O OD1 . ASN A 1 37 ? -3.519  -12.199 0.899   1.000 65.961  0 38  ASN A OD1 1 
ATOM   304 N ND2 . ASN A 1 37 ? -3.794  -14.406 1.132   1.000 62.907  0 38  ASN A ND2 1 
ATOM   305 N N   . LEU A 1 38 ? -5.372  -12.337 -3.582  1.000 58.347  0 39  LEU A N   1 
ATOM   306 C CA  . LEU A 1 38 ? -5.912  -12.532 -4.917  1.000 62.763  0 39  LEU A CA  1 
ATOM   307 C C   . LEU A 1 38 ? -5.419  -13.886 -5.429  1.000 62.185  0 39  LEU A C   1 
ATOM   308 O O   . LEU A 1 38 ? -4.377  -14.364 -4.986  1.000 66.946  0 39  LEU A O   1 
ATOM   309 C CB  . LEU A 1 38 ? -5.512  -11.406 -5.889  1.000 67.232  0 39  LEU A CB  1 
ATOM   310 C CG  . LEU A 1 38 ? -5.743  -9.948  -5.464  1.000 64.596  0 39  LEU A CG  1 
ATOM   311 C CD1 . LEU A 1 38 ? -5.375  -9.010  -6.597  1.000 64.097  0 39  LEU A CD1 1 
ATOM   312 C CD2 . LEU A 1 38 ? -7.156  -9.649  -5.036  1.000 60.923  0 39  LEU A CD2 1 
ATOM   313 N N   . ASP A 1 39 ? -6.140  -14.429 -6.428  1.000 67.046  0 40  ASP A N   1 
ATOM   314 C CA  . ASP A 1 39 ? -5.931  -15.740 -7.034  1.000 64.336  0 40  ASP A CA  1 
ATOM   315 C C   . ASP A 1 39 ? -4.593  -15.860 -7.767  1.000 65.453  0 40  ASP A C   1 
ATOM   316 O O   . ASP A 1 39 ? -4.182  -16.962 -8.117  1.000 70.671  0 40  ASP A O   1 
ATOM   317 C CB  . ASP A 1 39 ? -7.053  -16.055 -8.012  1.000 77.641  0 40  ASP A CB  1 
ATOM   318 C CG  . ASP A 1 39 ? -7.324  -15.003 -9.086  1.000 93.920  0 40  ASP A CG  1 
ATOM   319 O OD1 . ASP A 1 39 ? -7.788  -13.891 -8.729  1.000 107.182 0 40  ASP A OD1 1 
ATOM   320 O OD2 . ASP A 1 39 ? -7.077  -15.293 -10.278 1.000 87.153  0 40  ASP A OD2 1 
ATOM   321 N N   . ASP A 1 40 ? -3.914  -14.737 -8.013  1.000 63.562  0 41  ASP A N   1 
ATOM   322 C CA  . ASP A 1 40 ? -2.707  -14.720 -8.815  1.000 51.260  0 41  ASP A CA  1 
ATOM   323 C C   . ASP A 1 40 ? -1.451  -14.741 -7.935  1.000 55.972  0 41  ASP A C   1 
ATOM   324 O O   . ASP A 1 40 ? -0.351  -14.575 -8.438  1.000 58.906  0 41  ASP A O   1 
ATOM   325 C CB  . ASP A 1 40 ? -2.778  -13.547 -9.778  1.000 54.600  0 41  ASP A CB  1 
ATOM   326 C CG  . ASP A 1 40 ? -2.594  -12.161 -9.185  1.000 64.962  0 41  ASP A CG  1 
ATOM   327 O OD1 . ASP A 1 40 ? -2.850  -12.000 -7.972  1.000 81.967  0 41  ASP A OD1 1 
ATOM   328 O OD2 . ASP A 1 40 ? -2.138  -11.261 -9.925  1.000 69.000  0 41  ASP A OD2 1 
ATOM   329 N N   . GLY A 1 41 ? -1.593  -14.937 -6.619  1.000 58.482  0 42  GLY A N   1 
ATOM   330 C CA  . GLY A 1 41 ? -0.439  -15.059 -5.738  1.000 55.827  0 42  GLY A CA  1 
ATOM   331 C C   . GLY A 1 41 ? 0.035   -13.716 -5.176  1.000 60.631  0 42  GLY A C   1 
ATOM   332 O O   . GLY A 1 41 ? 1.153   -13.588 -4.680  1.000 60.356  0 42  GLY A O   1 
ATOM   333 N N   . SER A 1 42 ? -0.847  -12.717 -5.227  1.000 56.242  0 43  SER A N   1 
ATOM   334 C CA  . SER A 1 42 ? -0.481  -11.360 -4.894  1.000 50.435  0 43  SER A CA  1 
ATOM   335 C C   . SER A 1 42 ? -1.473  -10.871 -3.857  1.000 48.745  0 43  SER A C   1 
ATOM   336 O O   . SER A 1 42 ? -2.508  -11.492 -3.681  1.000 53.430  0 43  SER A O   1 
ATOM   337 C CB  . SER A 1 42 ? -0.491  -10.465 -6.129  1.000 48.531  0 43  SER A CB  1 
ATOM   338 O OG  . SER A 1 42 ? -1.819  -10.034 -6.382  1.000 48.545  0 43  SER A OG  1 
ATOM   339 N N   . VAL A 1 43 ? -1.153  -9.729  -3.244  1.000 50.247  0 44  VAL A N   1 
ATOM   340 C CA  . VAL A 1 43 ? -1.961  -9.102  -2.220  1.000 46.576  0 44  VAL A CA  1 
ATOM   341 C C   . VAL A 1 43 ? -2.252  -7.659  -2.645  1.000 43.532  0 44  VAL A C   1 
ATOM   342 O O   . VAL A 1 43 ? -1.365  -6.901  -3.012  1.000 43.498  0 44  VAL A O   1 
ATOM   343 C CB  . VAL A 1 43 ? -1.170  -9.167  -0.898  1.000 52.376  0 44  VAL A CB  1 
ATOM   344 C CG1 . VAL A 1 43 ? -1.803  -8.355  0.223   1.000 48.336  0 44  VAL A CG1 1 
ATOM   345 C CG2 . VAL A 1 43 ? -0.941  -10.601 -0.452  1.000 59.186  0 44  VAL A CG2 1 
ATOM   346 N N   . GLU A 1 44 ? -3.507  -7.265  -2.513  1.000 42.014  0 45  GLU A N   1 
ATOM   347 C CA  . GLU A 1 44 ? -3.953  -5.913  -2.789  1.000 49.128  0 45  GLU A CA  1 
ATOM   348 C C   . GLU A 1 44 ? -4.058  -5.151  -1.470  1.000 43.505  0 45  GLU A C   1 
ATOM   349 O O   . GLU A 1 44 ? -4.635  -5.637  -0.510  1.000 46.653  0 45  GLU A O   1 
ATOM   350 C CB  . GLU A 1 44 ? -5.305  -5.983  -3.508  1.000 49.404  0 45  GLU A CB  1 
ATOM   351 C CG  . GLU A 1 44 ? -5.936  -4.623  -3.799  1.000 54.570  0 45  GLU A CG  1 
ATOM   352 C CD  . GLU A 1 44 ? -7.303  -4.647  -4.503  1.000 56.875  0 45  GLU A CD  1 
ATOM   353 O OE1 . GLU A 1 44 ? -7.403  -5.331  -5.524  1.000 56.907  0 45  GLU A OE1 1 
ATOM   354 O OE2 . GLU A 1 44 ? -8.268  -3.964  -4.093  1.000 62.824  0 45  GLU A OE2 1 
ATOM   355 N N   . VAL A 1 45 ? -3.579  -3.910  -1.451  1.000 46.290  0 46  VAL A N   1 
ATOM   356 C CA  . VAL A 1 45 ? -3.751  -3.051  -0.296  1.000 47.852  0 46  VAL A CA  1 
ATOM   357 C C   . VAL A 1 45 ? -4.414  -1.750  -0.757  1.000 47.281  0 46  VAL A C   1 
ATOM   358 O O   . VAL A 1 45 ? -3.993  -1.157  -1.745  1.000 48.031  0 46  VAL A O   1 
ATOM   359 C CB  . VAL A 1 45 ? -2.373  -2.845  0.387   1.000 51.496  0 46  VAL A CB  1 
ATOM   360 C CG1 . VAL A 1 45 ? -2.473  -1.912  1.582   1.000 51.874  0 46  VAL A CG1 1 
ATOM   361 C CG2 . VAL A 1 45 ? -1.730  -4.163  0.832   1.000 54.187  0 46  VAL A CG2 1 
ATOM   362 N N   . VAL A 1 46 ? -5.450  -1.318  -0.020  1.000 52.814  0 47  VAL A N   1 
ATOM   363 C CA  . VAL A 1 46 ? -6.175  -0.064  -0.223  1.000 49.312  0 47  VAL A CA  1 
ATOM   364 C C   . VAL A 1 46 ? -6.065  0.746   1.063   1.000 47.654  0 47  VAL A C   1 
ATOM   365 O O   . VAL A 1 46 ? -6.392  0.223   2.121   1.000 56.654  0 47  VAL A O   1 
ATOM   366 C CB  . VAL A 1 46 ? -7.660  -0.354  -0.531  1.000 48.114  0 47  VAL A CB  1 
ATOM   367 C CG1 . VAL A 1 46 ? -8.468  0.920   -0.755  1.000 47.839  0 47  VAL A CG1 1 
ATOM   368 C CG2 . VAL A 1 46 ? -7.804  -1.323  -1.695  1.000 50.122  0 47  VAL A CG2 1 
ATOM   369 N N   . ALA A 1 47 ? -5.603  2.001   0.984   1.000 50.264  0 48  ALA A N   1 
ATOM   370 C CA  . ALA A 1 47 ? -5.283  2.776   2.180   1.000 48.080  0 48  ALA A CA  1 
ATOM   371 C C   . ALA A 1 47 ? -5.586  4.256   1.942   1.000 45.653  0 48  ALA A C   1 
ATOM   372 O O   . ALA A 1 47 ? -5.216  4.793   0.905   1.000 41.485  0 48  ALA A O   1 
ATOM   373 C CB  . ALA A 1 47 ? -3.826  2.578   2.584   1.000 43.933  0 48  ALA A CB  1 
ATOM   374 N N   . CYS A 1 48 ? -6.258  4.886   2.918   1.000 52.745  0 49  CYS A N   1 
ATOM   375 C CA  . CYS A 1 48 ? -6.585  6.302   2.894   1.000 58.534  0 49  CYS A CA  1 
ATOM   376 C C   . CYS A 1 48 ? -6.222  6.930   4.238   1.000 59.486  0 49  CYS A C   1 
ATOM   377 O O   . CYS A 1 48 ? -6.297  6.297   5.288   1.000 64.413  0 49  CYS A O   1 
ATOM   378 C CB  . CYS A 1 48 ? -8.068  6.541   2.607   1.000 63.844  0 49  CYS A CB  1 
ATOM   379 S SG  . CYS A 1 48 ? -8.689  5.583   1.193   1.000 68.529  0 49  CYS A SG  1 
ATOM   380 N N   . GLY A 1 49 ? -5.853  8.202   4.162   1.000 57.847  0 50  GLY A N   1 
ATOM   381 C CA  . GLY A 1 49 ? -5.539  9.030   5.306   1.000 53.524  0 50  GLY A CA  1 
ATOM   382 C C   . GLY A 1 49 ? -4.619  10.145  4.833   1.000 58.656  0 50  GLY A C   1 
ATOM   383 O O   . GLY A 1 49 ? -4.599  10.439  3.641   1.000 62.089  0 50  GLY A O   1 
ATOM   384 N N   . GLU A 1 50 ? -3.811  10.707  5.743   1.000 61.458  0 51  GLU A N   1 
ATOM   385 C CA  . GLU A 1 50 ? -3.052  11.907  5.436   1.000 59.605  0 51  GLU A CA  1 
ATOM   386 C C   . GLU A 1 50 ? -1.836  11.487  4.617   1.000 64.476  0 51  GLU A C   1 
ATOM   387 O O   . GLU A 1 50 ? -1.257  10.433  4.866   1.000 68.390  0 51  GLU A O   1 
ATOM   388 C CB  . GLU A 1 50 ? -2.632  12.652  6.707   1.000 76.351  0 51  GLU A CB  1 
ATOM   389 C CG  . GLU A 1 50 ? -3.730  12.809  7.762   1.000 88.047  0 51  GLU A CG  1 
ATOM   390 C CD  . GLU A 1 50 ? -4.698  13.985  7.676   1.000 96.222  0 51  GLU A CD  1 
ATOM   391 O OE1 . GLU A 1 50 ? -4.472  14.919  6.872   1.000 90.128  0 51  GLU A OE1 1 
ATOM   392 O OE2 . GLU A 1 50 ? -5.710  13.950  8.427   1.000 101.606 0 51  GLU A OE2 1 
ATOM   393 N N   . GLU A 1 51 ? -1.423  12.354  3.687   1.000 70.333  0 52  GLU A N   1 
ATOM   394 C CA  . GLU A 1 51 ? -0.586  11.969  2.559   1.000 73.004  0 52  GLU A CA  1 
ATOM   395 C C   . GLU A 1 51 ? 0.786   11.463  2.995   1.000 68.756  0 52  GLU A C   1 
ATOM   396 O O   . GLU A 1 51 ? 1.457   10.764  2.236   1.000 65.189  0 52  GLU A O   1 
ATOM   397 C CB  . GLU A 1 51 ? -0.413  13.144  1.601   1.000 80.926  0 52  GLU A CB  1 
ATOM   398 C CG  . GLU A 1 51 ? 0.431   12.774  0.382   1.000 101.929 0 52  GLU A CG  1 
ATOM   399 C CD  . GLU A 1 51 ? 0.387   13.741  -0.790  1.000 114.569 0 52  GLU A CD  1 
ATOM   400 O OE1 . GLU A 1 51 ? -0.401  14.734  -0.807  1.000 94.905  0 52  GLU A OE1 1 
ATOM   401 O OE2 . GLU A 1 51 ? 1.194   13.451  -1.707  1.000 115.089 0 52  GLU A OE2 1 
ATOM   402 N N   . GLY A 1 52 ? 1.212   11.870  4.194   1.000 71.956  0 53  GLY A N   1 
ATOM   403 C CA  . GLY A 1 52 ? 2.537   11.544  4.696   1.000 67.918  0 53  GLY A CA  1 
ATOM   404 C C   . GLY A 1 52 ? 2.509   10.200  5.401   1.000 65.243  0 53  GLY A C   1 
ATOM   405 O O   . GLY A 1 52 ? 3.476   9.448   5.322   1.000 74.111  0 53  GLY A O   1 
ATOM   406 N N   . GLN A 1 53 ? 1.374   9.925   6.057   1.000 64.167  0 54  GLN A N   1 
ATOM   407 C CA  . GLN A 1 53 ? 1.087   8.633   6.668   1.000 67.454  0 54  GLN A CA  1 
ATOM   408 C C   . GLN A 1 53 ? 0.888   7.540   5.611   1.000 67.429  0 54  GLN A C   1 
ATOM   409 O O   . GLN A 1 53 ? 1.202   6.378   5.876   1.000 62.050  0 54  GLN A O   1 
ATOM   410 C CB  . GLN A 1 53 ? -0.153  8.703   7.573   1.000 73.001  0 54  GLN A CB  1 
ATOM   411 C CG  . GLN A 1 53 ? -0.042  9.696   8.730   1.000 79.982  0 54  GLN A CG  1 
ATOM   412 C CD  . GLN A 1 53 ? 1.052   9.349   9.720   1.000 72.563  0 54  GLN A CD  1 
ATOM   413 O OE1 . GLN A 1 53 ? 2.195   9.810   9.607   1.000 66.831  0 54  GLN A OE1 1 
ATOM   414 N NE2 . GLN A 1 53 ? 0.717   8.478   10.659  1.000 65.761  0 54  GLN A NE2 1 
ATOM   415 N N   . VAL A 1 54 ? 0.331   7.890   4.436   1.000 64.314  0 55  VAL A N   1 
ATOM   416 C CA  . VAL A 1 54 ? 0.103   6.919   3.366   1.000 60.705  0 55  VAL A CA  1 
ATOM   417 C C   . VAL A 1 54 ? 1.460   6.534   2.748   1.000 58.876  0 55  VAL A C   1 
ATOM   418 O O   . VAL A 1 54 ? 1.713   5.358   2.451   1.000 53.097  0 55  VAL A O   1 
ATOM   419 C CB  . VAL A 1 54 ? -0.876  7.463   2.293   1.000 54.701  0 55  VAL A CB  1 
ATOM   420 C CG1 . VAL A 1 54 ? -0.879  6.599   1.033   1.000 52.198  0 55  VAL A CG1 1 
ATOM   421 C CG2 . VAL A 1 54 ? -2.299  7.661   2.815   1.000 50.092  0 55  VAL A CG2 1 
ATOM   422 N N   . GLU A 1 55 ? 2.329   7.551   2.568   1.000 58.525  0 56  GLU A N   1 
ATOM   423 C CA  . GLU A 1 55 ? 3.663   7.381   2.005   1.000 63.788  0 56  GLU A CA  1 
ATOM   424 C C   . GLU A 1 55 ? 4.546   6.532   2.923   1.000 51.719  0 56  GLU A C   1 
ATOM   425 O O   . GLU A 1 55 ? 5.344   5.752   2.420   1.000 49.616  0 56  GLU A O   1 
ATOM   426 C CB  . GLU A 1 55 ? 4.317   8.719   1.649   1.000 75.706  0 56  GLU A CB  1 
ATOM   427 C CG  . GLU A 1 55 ? 3.796   9.321   0.341   1.000 91.322  0 56  GLU A CG  1 
ATOM   428 C CD  . GLU A 1 55 ? 4.385   8.775   -0.957  1.000 97.896  0 56  GLU A CD  1 
ATOM   429 O OE1 . GLU A 1 55 ? 5.341   7.966   -0.863  1.000 106.954 0 56  GLU A OE1 1 
ATOM   430 O OE2 . GLU A 1 55 ? 3.904   9.153   -2.059  1.000 84.113  0 56  GLU A OE2 1 
ATOM   431 N N   . LYS A 1 56 ? 4.354   6.608   4.244   1.000 52.629  0 57  LYS A N   1 
ATOM   432 C CA  . LYS A 1 56 ? 5.032   5.704   5.180   1.000 64.108  0 57  LYS A CA  1 
ATOM   433 C C   . LYS A 1 56 ? 4.591   4.247   4.988   1.000 67.377  0 57  LYS A C   1 
ATOM   434 O O   . LYS A 1 56 ? 5.421   3.345   5.101   1.000 69.137  0 57  LYS A O   1 
ATOM   435 C CB  . LYS A 1 56 ? 4.882   6.124   6.650   1.000 68.125  0 57  LYS A CB  1 
ATOM   436 C CG  . LYS A 1 56 ? 5.668   7.364   7.110   1.000 71.720  0 57  LYS A CG  1 
ATOM   437 C CD  . LYS A 1 56 ? 5.328   7.743   8.546   1.000 80.272  0 57  LYS A CD  1 
ATOM   438 C CE  . LYS A 1 56 ? 6.029   8.950   9.062   1.000 89.063  0 57  LYS A CE  1 
ATOM   439 N NZ  . LYS A 1 56 ? 5.802   8.995   10.508  1.000 100.613 0 57  LYS A NZ  1 
ATOM   440 N N   . LEU A 1 57 ? 3.306   4.005   4.667   1.000 72.502  0 58  LEU A N   1 
ATOM   441 C CA  . LEU A 1 57 ? 2.842   2.676   4.275   1.000 64.536  0 58  LEU A CA  1 
ATOM   442 C C   . LEU A 1 57 ? 3.435   2.233   2.933   1.000 59.604  0 58  LEU A C   1 
ATOM   443 O O   . LEU A 1 57 ? 3.830   1.074   2.828   1.000 54.680  0 58  LEU A O   1 
ATOM   444 C CB  . LEU A 1 57 ? 1.323   2.597   4.203   1.000 64.947  0 58  LEU A CB  1 
ATOM   445 C CG  . LEU A 1 57 ? 0.759   1.180   4.048   1.000 64.416  0 58  LEU A CG  1 
ATOM   446 C CD1 . LEU A 1 57 ? 0.996   0.383   5.317   1.000 64.364  0 58  LEU A CD1 1 
ATOM   447 C CD2 . LEU A 1 57 ? -0.716  1.172   3.695   1.000 58.196  0 58  LEU A CD2 1 
ATOM   448 N N   . MET A 1 58 ? 3.468   3.110   1.908   1.000 56.377  0 59  MET A N   1 
ATOM   449 C CA  A MET A 1 58 ? 4.065   2.763   0.624   0.440 63.218  0 59  MET A CA  1 
ATOM   450 C CA  B MET A 1 58 ? 4.059   2.738   0.627   0.560 63.003  0 59  MET A CA  1 
ATOM   451 C C   . MET A 1 58 ? 5.530   2.361   0.810   1.000 58.989  0 59  MET A C   1 
ATOM   452 O O   . MET A 1 58 ? 6.019   1.468   0.130   1.000 67.308  0 59  MET A O   1 
ATOM   453 C CB  A MET A 1 58 ? 3.979   3.919   -0.382  0.440 71.480  0 59  MET A CB  1 
ATOM   454 C CB  B MET A 1 58 ? 3.917   3.827   -0.445  0.560 71.532  0 59  MET A CB  1 
ATOM   455 C CG  A MET A 1 58 ? 2.580   4.197   -0.916  0.440 81.476  0 59  MET A CG  1 
ATOM   456 C CG  B MET A 1 58 ? 2.785   3.585   -1.443  0.560 80.710  0 59  MET A CG  1 
ATOM   457 S SD  A MET A 1 58 ? 2.521   5.599   -2.057  0.440 96.269  0 59  MET A SD  1 
ATOM   458 S SD  B MET A 1 58 ? 2.639   4.877   -2.699  0.560 106.975 0 59  MET A SD  1 
ATOM   459 C CE  A MET A 1 58 ? 3.553   4.989   -3.397  0.440 93.559  0 59  MET A CE  1 
ATOM   460 C CE  B MET A 1 58 ? 2.127   6.292   -1.710  0.560 96.177  0 59  MET A CE  1 
ATOM   461 N N   . GLN A 1 59 ? 6.234   3.021   1.736   1.000 59.734  0 60  GLN A N   1 
ATOM   462 C CA  . GLN A 1 59 ? 7.640   2.718   2.025   1.000 64.291  0 60  GLN A CA  1 
ATOM   463 C C   . GLN A 1 59 ? 7.835   1.370   2.743   1.000 53.603  0 60  GLN A C   1 
ATOM   464 O O   . GLN A 1 59 ? 8.719   0.586   2.391   1.000 47.243  0 60  GLN A O   1 
ATOM   465 C CB  . GLN A 1 59 ? 8.296   3.810   2.876   1.000 68.797  0 60  GLN A CB  1 
ATOM   466 C CG  . GLN A 1 59 ? 8.887   4.969   2.079   1.000 68.938  0 60  GLN A CG  1 
ATOM   467 C CD  . GLN A 1 59 ? 9.959   5.710   2.845   1.000 71.685  0 60  GLN A CD  1 
ATOM   468 O OE1 . GLN A 1 59 ? 10.236  5.445   4.022   1.000 75.197  0 60  GLN A OE1 1 
ATOM   469 N NE2 . GLN A 1 59 ? 10.568  6.668   2.172   1.000 72.245  0 60  GLN A NE2 1 
ATOM   470 N N   . TRP A 1 60 ? 7.033   1.120   3.783   1.000 50.691  0 61  TRP A N   1 
ATOM   471 C CA  . TRP A 1 60 ? 6.982   -0.167  4.458   1.000 51.103  0 61  TRP A CA  1 
ATOM   472 C C   . TRP A 1 60 ? 6.686   -1.322  3.493   1.000 55.852  0 61  TRP A C   1 
ATOM   473 O O   . TRP A 1 60 ? 7.326   -2.370  3.539   1.000 55.244  0 61  TRP A O   1 
ATOM   474 C CB  . TRP A 1 60 ? 5.935   -0.070  5.576   1.000 53.959  0 61  TRP A CB  1 
ATOM   475 C CG  . TRP A 1 60 ? 5.897   -1.266  6.486   1.000 55.842  0 61  TRP A CG  1 
ATOM   476 C CD1 . TRP A 1 60 ? 6.689   -1.520  7.564   1.000 48.422  0 61  TRP A CD1 1 
ATOM   477 C CD2 . TRP A 1 60 ? 4.972   -2.373  6.398   1.000 62.410  0 61  TRP A CD2 1 
ATOM   478 N NE1 . TRP A 1 60 ? 6.359   -2.723  8.125   1.000 54.133  0 61  TRP A NE1 1 
ATOM   479 C CE2 . TRP A 1 60 ? 5.300   -3.263  7.451   1.000 55.294  0 61  TRP A CE2 1 
ATOM   480 C CE3 . TRP A 1 60 ? 3.912   -2.692  5.539   1.000 49.149  0 61  TRP A CE3 1 
ATOM   481 C CZ2 . TRP A 1 60 ? 4.610   -4.454  7.658   1.000 52.021  0 61  TRP A CZ2 1 
ATOM   482 C CZ3 . TRP A 1 60 ? 3.230   -3.870  5.745   1.000 51.614  0 61  TRP A CZ3 1 
ATOM   483 C CH2 . TRP A 1 60 ? 3.578   -4.737  6.789   1.000 55.785  0 61  TRP A CH2 1 
ATOM   484 N N   . LEU A 1 61 ? 5.695   -1.157  2.608   1.000 64.019  0 62  LEU A N   1 
ATOM   485 C CA  . LEU A 1 61 ? 5.369   -2.206  1.654   1.000 57.848  0 62  LEU A CA  1 
ATOM   486 C C   . LEU A 1 61 ? 6.562   -2.472  0.739   1.000 53.342  0 62  LEU A C   1 
ATOM   487 O O   . LEU A 1 61 ? 6.929   -3.628  0.529   1.000 57.420  0 62  LEU A O   1 
ATOM   488 C CB  . LEU A 1 61 ? 4.124   -1.797  0.871   1.000 59.500  0 62  LEU A CB  1 
ATOM   489 C CG  . LEU A 1 61 ? 2.828   -1.804  1.685   1.000 61.862  0 62  LEU A CG  1 
ATOM   490 C CD1 . LEU A 1 61 ? 1.740   -1.028  0.938   1.000 55.396  0 62  LEU A CD1 1 
ATOM   491 C CD2 . LEU A 1 61 ? 2.402   -3.239  2.019   1.000 59.716  0 62  LEU A CD2 1 
ATOM   492 N N   . LYS A 1 62 ? 7.153   -1.390  0.201   1.000 49.232  0 63  LYS A N   1 
ATOM   493 C CA  . LYS A 1 62 ? 8.230   -1.472  -0.780  1.000 47.392  0 63  LYS A CA  1 
ATOM   494 C C   . LYS A 1 62 ? 9.520   -1.986  -0.139  1.000 55.709  0 63  LYS A C   1 
ATOM   495 O O   . LYS A 1 62 ? 10.198  -2.784  -0.756  1.000 59.653  0 63  LYS A O   1 
ATOM   496 C CB  . LYS A 1 62 ? 8.425   -0.121  -1.472  1.000 50.521  0 63  LYS A CB  1 
ATOM   497 C CG  . LYS A 1 62 ? 7.404   0.192   -2.565  1.000 56.152  0 63  LYS A CG  1 
ATOM   498 C CD  . LYS A 1 62 ? 7.379   1.619   -3.110  1.000 66.746  0 63  LYS A CD  1 
ATOM   499 C CE  . LYS A 1 62 ? 8.663   2.079   -3.729  1.000 71.886  0 63  LYS A CE  1 
ATOM   500 N NZ  . LYS A 1 62 ? 9.203   1.086   -4.664  1.000 79.822  0 63  LYS A NZ  1 
ATOM   501 N N   . SER A 1 63 ? 9.830   -1.566  1.099   1.000 59.651  0 64  SER A N   1 
ATOM   502 C CA  . SER A 1 63 ? 10.979  -2.063  1.853   1.000 55.173  0 64  SER A CA  1 
ATOM   503 C C   . SER A 1 63 ? 10.814  -3.521  2.291   1.000 54.768  0 64  SER A C   1 
ATOM   504 O O   . SER A 1 63 ? 11.675  -4.027  3.009   1.000 54.941  0 64  SER A O   1 
ATOM   505 C CB  . SER A 1 63 ? 11.262  -1.188  3.076   1.000 59.340  0 64  SER A CB  1 
ATOM   506 O OG  . SER A 1 63 ? 10.478  -1.550  4.215   1.000 61.164  0 64  SER A OG  1 
ATOM   507 N N   . GLY A 1 64 ? 9.695   -4.180  1.932   1.000 56.381  0 65  GLY A N   1 
ATOM   508 C CA  . GLY A 1 64 ? 9.584   -5.636  2.029   1.000 52.505  0 65  GLY A CA  1 
ATOM   509 C C   . GLY A 1 64 ? 8.470   -6.139  2.956   1.000 54.435  0 65  GLY A C   1 
ATOM   510 O O   . GLY A 1 64 ? 8.303   -7.350  3.100   1.000 59.213  0 65  GLY A O   1 
ATOM   511 N N   . GLY A 1 65 ? 7.697   -5.251  3.593   1.000 50.786  0 66  GLY A N   1 
ATOM   512 C CA  . GLY A 1 65 ? 6.682   -5.713  4.531   1.000 58.869  0 66  GLY A CA  1 
ATOM   513 C C   . GLY A 1 65 ? 7.260   -6.407  5.775   1.000 57.455  0 66  GLY A C   1 
ATOM   514 O O   . GLY A 1 65 ? 8.253   -5.953  6.343   1.000 58.152  0 66  GLY A O   1 
ATOM   515 N N   . PRO A 1 66 ? 6.607   -7.476  6.294   1.000 64.963  0 67  PRO A N   1 
ATOM   516 C CA  . PRO A 1 66 ? 7.161   -8.284  7.385   1.000 62.584  0 67  PRO A CA  1 
ATOM   517 C C   . PRO A 1 66 ? 8.406   -9.073  6.990   1.000 71.402  0 67  PRO A C   1 
ATOM   518 O O   . PRO A 1 66 ? 8.655   -9.257  5.802   1.000 83.518  0 67  PRO A O   1 
ATOM   519 C CB  . PRO A 1 66 ? 6.045   -9.280  7.689   1.000 64.406  0 67  PRO A CB  1 
ATOM   520 C CG  . PRO A 1 66 ? 5.235   -9.366  6.406   1.000 64.228  0 67  PRO A CG  1 
ATOM   521 C CD  . PRO A 1 66 ? 5.287   -7.965  5.849   1.000 65.651  0 67  PRO A CD  1 
ATOM   522 N N   A ARG A 1 67 ? 9.148   -9.581  7.986   0.580 80.352  0 68  ARG A N   1 
ATOM   523 N N   B ARG A 1 67 ? 9.153   -9.569  7.989   0.420 75.210  0 68  ARG A N   1 
ATOM   524 C CA  A ARG A 1 67 ? 10.447  -10.194 7.735   0.580 78.904  0 68  ARG A CA  1 
ATOM   525 C CA  B ARG A 1 67 ? 10.448  -10.205 7.767   0.420 72.056  0 68  ARG A CA  1 
ATOM   526 C C   A ARG A 1 67 ? 10.293  -11.592 7.127   0.580 66.852  0 68  ARG A C   1 
ATOM   527 C C   B ARG A 1 67 ? 10.299  -11.597 7.148   0.420 64.452  0 68  ARG A C   1 
ATOM   528 O O   A ARG A 1 67 ? 11.202  -12.082 6.458   0.580 60.053  0 68  ARG A O   1 
ATOM   529 O O   B ARG A 1 67 ? 11.215  -12.084 6.489   0.420 59.821  0 68  ARG A O   1 
ATOM   530 C CB  A ARG A 1 67 ? 11.298  -10.186 9.012   0.580 91.932  0 68  ARG A CB  1 
ATOM   531 C CB  B ARG A 1 67 ? 11.230  -10.212 9.087   0.420 78.056  0 68  ARG A CB  1 
ATOM   532 C CG  A ARG A 1 67 ? 11.111  -11.333 9.997   0.580 101.887 0 68  ARG A CG  1 
ATOM   533 C CG  B ARG A 1 67 ? 12.227  -11.346 9.296   0.420 81.091  0 68  ARG A CG  1 
ATOM   534 C CD  A ARG A 1 67 ? 9.824   -11.323 10.813  0.580 104.790 0 68  ARG A CD  1 
ATOM   535 C CD  B ARG A 1 67 ? 11.606  -12.544 10.012  0.420 80.394  0 68  ARG A CD  1 
ATOM   536 N NE  A ARG A 1 67 ? 9.985   -12.342 11.856  0.580 102.758 0 68  ARG A NE  1 
ATOM   537 N NE  B ARG A 1 67 ? 12.617  -13.479 10.519  0.420 78.786  0 68  ARG A NE  1 
ATOM   538 C CZ  A ARG A 1 67 ? 9.991   -13.653 11.642  0.580 100.868 0 68  ARG A CZ  1 
ATOM   539 C CZ  B ARG A 1 67 ? 13.563  -13.147 11.383  0.420 80.046  0 68  ARG A CZ  1 
ATOM   540 N NH1 A ARG A 1 67 ? 9.399   -14.160 10.576  0.580 93.438  0 68  ARG A NH1 1 
ATOM   541 N NH1 B ARG A 1 67 ? 13.638  -11.910 11.836  0.420 72.828  0 68  ARG A NH1 1 
ATOM   542 N NH2 A ARG A 1 67 ? 10.534  -14.466 12.530  0.580 103.835 0 68  ARG A NH2 1 
ATOM   543 N NH2 B ARG A 1 67 ? 14.427  -14.053 11.798  0.420 89.092  0 68  ARG A NH2 1 
ATOM   544 N N   . SER A 1 68 ? 9.133   -12.227 7.339   1.000 60.104  0 69  SER A N   1 
ATOM   545 C CA  . SER A 1 68 ? 8.858   -13.551 6.804   1.000 63.042  0 69  SER A CA  1 
ATOM   546 C C   . SER A 1 68 ? 8.544   -13.527 5.303   1.000 72.251  0 69  SER A C   1 
ATOM   547 O O   . SER A 1 68 ? 8.311   -14.582 4.723   1.000 81.965  0 69  SER A O   1 
ATOM   548 C CB  . SER A 1 68 ? 7.744   -14.221 7.605   1.000 70.692  0 69  SER A CB  1 
ATOM   549 O OG  . SER A 1 68 ? 6.888   -13.279 8.253   1.000 78.153  0 69  SER A OG  1 
ATOM   550 N N   . ALA A 1 69 ? 8.546   -12.340 4.667   1.000 74.078  0 70  ALA A N   1 
ATOM   551 C CA  . ALA A 1 69 ? 8.093   -12.185 3.296   1.000 63.489  0 70  ALA A CA  1 
ATOM   552 C C   . ALA A 1 69 ? 9.244   -11.708 2.432   1.000 63.450  0 70  ALA A C   1 
ATOM   553 O O   . ALA A 1 69 ? 10.221  -11.173 2.948   1.000 56.302  0 70  ALA A O   1 
ATOM   554 C CB  . ALA A 1 69 ? 6.940   -11.204 3.206   1.000 61.663  0 70  ALA A CB  1 
ATOM   555 N N   A ARG A 1 70 ? 9.079   -11.885 1.116   0.560 64.038  0 71  ARG A N   1 
ATOM   556 N N   B ARG A 1 70 ? 9.080   -11.894 1.117   0.440 62.907  0 71  ARG A N   1 
ATOM   557 C CA  A ARG A 1 70 ? 10.061  -11.499 0.119   0.560 67.548  0 71  ARG A CA  1 
ATOM   558 C CA  B ARG A 1 70 ? 10.055  -11.493 0.120   0.440 65.052  0 71  ARG A CA  1 
ATOM   559 C C   A ARG A 1 70 ? 9.313   -10.789 -1.004  0.560 65.223  0 71  ARG A C   1 
ATOM   560 C C   B ARG A 1 70 ? 9.307   -10.788 -1.003  0.440 63.503  0 71  ARG A C   1 
ATOM   561 O O   A ARG A 1 70 ? 8.790   -11.438 -1.912  0.560 66.250  0 71  ARG A O   1 
ATOM   562 O O   B ARG A 1 70 ? 8.790   -11.437 -1.912  0.440 64.368  0 71  ARG A O   1 
ATOM   563 C CB  A ARG A 1 70 ? 10.819  -12.751 -0.349  0.560 72.581  0 71  ARG A CB  1 
ATOM   564 C CB  B ARG A 1 70 ? 10.800  -12.719 -0.423  0.440 67.911  0 71  ARG A CB  1 
ATOM   565 C CG  A ARG A 1 70 ? 12.029  -12.504 -1.243  0.560 77.769  0 71  ARG A CG  1 
ATOM   566 C CG  B ARG A 1 70 ? 11.745  -12.414 -1.578  0.440 70.540  0 71  ARG A CG  1 
ATOM   567 C CD  A ARG A 1 70 ? 13.013  -13.685 -1.302  0.560 76.471  0 71  ARG A CD  1 
ATOM   568 C CD  B ARG A 1 70 ? 12.845  -11.421 -1.208  0.440 71.296  0 71  ARG A CD  1 
ATOM   569 N NE  A ARG A 1 70 ? 12.509  -14.863 -2.019  0.560 75.910  0 71  ARG A NE  1 
ATOM   570 N NE  B ARG A 1 70 ? 13.518  -10.922 -2.411  0.440 69.029  0 71  ARG A NE  1 
ATOM   571 C CZ  A ARG A 1 70 ? 12.154  -14.888 -3.300  0.560 77.488  0 71  ARG A CZ  1 
ATOM   572 C CZ  B ARG A 1 70 ? 13.751  -9.642  -2.637  0.440 67.540  0 71  ARG A CZ  1 
ATOM   573 N NH1 A ARG A 1 70 ? 12.328  -13.819 -4.051  0.560 78.515  0 71  ARG A NH1 1 
ATOM   574 N NH1 B ARG A 1 70 ? 13.592  -8.766  -1.663  0.440 70.835  0 71  ARG A NH1 1 
ATOM   575 N NH2 A ARG A 1 70 ? 11.650  -15.984 -3.845  0.560 76.467  0 71  ARG A NH2 1 
ATOM   576 N NH2 B ARG A 1 70 ? 14.176  -9.244  -3.816  0.440 66.191  0 71  ARG A NH2 1 
ATOM   577 N N   . VAL A 1 71 ? 9.246   -9.457  -0.910  1.000 57.592  0 72  VAL A N   1 
ATOM   578 C CA  . VAL A 1 71 ? 8.536   -8.655  -1.886  1.000 55.509  0 72  VAL A CA  1 
ATOM   579 C C   . VAL A 1 71 ? 9.407   -8.433  -3.117  1.000 56.257  0 72  VAL A C   1 
ATOM   580 O O   . VAL A 1 71 ? 10.537  -7.968  -2.991  1.000 79.007  0 72  VAL A O   1 
ATOM   581 C CB  . VAL A 1 71 ? 8.111   -7.328  -1.241  1.000 57.762  0 72  VAL A CB  1 
ATOM   582 C CG1 . VAL A 1 71 ? 7.582   -6.311  -2.255  1.000 57.108  0 72  VAL A CG1 1 
ATOM   583 C CG2 . VAL A 1 71 ? 7.105   -7.589  -0.128  1.000 55.929  0 72  VAL A CG2 1 
ATOM   584 N N   . GLU A 1 72 ? 8.845   -8.742  -4.298  1.000 51.720  0 73  GLU A N   1 
ATOM   585 C CA  . GLU A 1 72 ? 9.568   -8.649  -5.555  1.000 49.675  0 73  GLU A CA  1 
ATOM   586 C C   . GLU A 1 72 ? 9.156   -7.415  -6.343  1.000 53.100  0 73  GLU A C   1 
ATOM   587 O O   . GLU A 1 72 ? 9.985   -6.885  -7.069  1.000 56.649  0 73  GLU A O   1 
ATOM   588 C CB  . GLU A 1 72 ? 9.419   -9.905  -6.402  1.000 50.843  0 73  GLU A CB  1 
ATOM   589 C CG  . GLU A 1 72 ? 10.049  -11.107 -5.708  1.000 55.754  0 73  GLU A CG  1 
ATOM   590 C CD  . GLU A 1 72 ? 9.871   -12.438 -6.408  1.000 66.313  0 73  GLU A CD  1 
ATOM   591 O OE1 . GLU A 1 72 ? 9.301   -12.509 -7.536  1.000 65.953  0 73  GLU A OE1 1 
ATOM   592 O OE2 . GLU A 1 72 ? 10.272  -13.428 -5.740  1.000 75.713  0 73  GLU A OE2 1 
ATOM   593 N N   . ARG A 1 73 ? 7.905   -6.958  -6.184  1.000 58.194  0 74  ARG A N   1 
ATOM   594 C CA  . ARG A 1 73 ? 7.380   -5.865  -6.984  1.000 54.494  0 74  ARG A CA  1 
ATOM   595 C C   . ARG A 1 73 ? 6.124   -5.313  -6.324  1.000 56.830  0 74  ARG A C   1 
ATOM   596 O O   . ARG A 1 73 ? 5.311   -6.071  -5.796  1.000 49.182  0 74  ARG A O   1 
ATOM   597 C CB  . ARG A 1 73 ? 7.059   -6.400  -8.380  1.000 61.066  0 74  ARG A CB  1 
ATOM   598 C CG  . ARG A 1 73 ? 6.448   -5.465  -9.415  1.000 62.788  0 74  ARG A CG  1 
ATOM   599 C CD  . ARG A 1 73 ? 6.600   -6.144  -10.776 1.000 76.124  0 74  ARG A CD  1 
ATOM   600 N NE  . ARG A 1 73 ? 5.670   -5.720  -11.826 1.000 106.655 0 74  ARG A NE  1 
ATOM   601 C CZ  . ARG A 1 73 ? 5.921   -4.781  -12.730 1.000 123.446 0 74  ARG A CZ  1 
ATOM   602 N NH1 . ARG A 1 73 ? 7.041   -4.079  -12.662 1.000 119.806 0 74  ARG A NH1 1 
ATOM   603 N NH2 . ARG A 1 73 ? 5.028   -4.520  -13.673 1.000 132.578 0 74  ARG A NH2 1 
ATOM   604 N N   . VAL A 1 74 ? 6.010   -3.978  -6.359  1.000 50.253  0 75  VAL A N   1 
ATOM   605 C CA  . VAL A 1 74 ? 4.888   -3.241  -5.815  1.000 47.167  0 75  VAL A CA  1 
ATOM   606 C C   . VAL A 1 74 ? 4.380   -2.307  -6.914  1.000 53.836  0 75  VAL A C   1 
ATOM   607 O O   . VAL A 1 74 ? 5.151   -1.551  -7.473  1.000 54.593  0 75  VAL A O   1 
ATOM   608 C CB  . VAL A 1 74 ? 5.294   -2.460  -4.556  1.000 41.425  0 75  VAL A CB  1 
ATOM   609 C CG1 . VAL A 1 74 ? 4.157   -1.586  -4.064  1.000 41.193  0 75  VAL A CG1 1 
ATOM   610 C CG2 . VAL A 1 74 ? 5.746   -3.404  -3.444  1.000 47.646  0 75  VAL A CG2 1 
ATOM   611 N N   . LEU A 1 75 ? 3.090   -2.388  -7.247  1.000 48.532  0 76  LEU A N   1 
ATOM   612 C CA  . LEU A 1 75 ? 2.484   -1.477  -8.197  1.000 50.310  0 76  LEU A CA  1 
ATOM   613 C C   . LEU A 1 75 ? 1.422   -0.664  -7.467  1.000 49.199  0 76  LEU A C   1 
ATOM   614 O O   . LEU A 1 75 ? 0.391   -1.217  -7.103  1.000 56.265  0 76  LEU A O   1 
ATOM   615 C CB  . LEU A 1 75 ? 1.857   -2.293  -9.331  1.000 59.732  0 76  LEU A CB  1 
ATOM   616 C CG  . LEU A 1 75 ? 2.792   -3.193  -10.149 1.000 72.474  0 76  LEU A CG  1 
ATOM   617 C CD1 . LEU A 1 75 ? 2.026   -4.027  -11.178 1.000 76.628  0 76  LEU A CD1 1 
ATOM   618 C CD2 . LEU A 1 75 ? 3.866   -2.381  -10.857 1.000 87.481  0 76  LEU A CD2 1 
ATOM   619 N N   . SER A 1 76 ? 1.670   0.633   -7.249  1.000 50.950  0 77  SER A N   1 
ATOM   620 C CA  . SER A 1 76 ? 0.724   1.491   -6.539  1.000 53.536  0 77  SER A CA  1 
ATOM   621 C C   . SER A 1 76 ? 0.067   2.430   -7.545  1.000 52.918  0 77  SER A C   1 
ATOM   622 O O   . SER A 1 76 ? 0.632   2.654   -8.610  1.000 47.973  0 77  SER A O   1 
ATOM   623 C CB  . SER A 1 76 ? 1.364   2.260   -5.391  1.000 55.993  0 77  SER A CB  1 
ATOM   624 O OG  . SER A 1 76 ? 2.362   3.184   -5.825  1.000 68.388  0 77  SER A OG  1 
ATOM   625 N N   . GLU A 1 77 ? -1.132  2.938   -7.204  1.000 53.862  0 78  GLU A N   1 
ATOM   626 C CA  . GLU A 1 77 ? -1.863  3.868   -8.054  1.000 51.032  0 78  GLU A CA  1 
ATOM   627 C C   . GLU A 1 77 ? -2.612  4.873   -7.189  1.000 46.089  0 78  GLU A C   1 
ATOM   628 O O   . GLU A 1 77 ? -3.147  4.536   -6.153  1.000 51.386  0 78  GLU A O   1 
ATOM   629 C CB  . GLU A 1 77 ? -2.915  3.213   -8.951  1.000 56.639  0 78  GLU A CB  1 
ATOM   630 C CG  . GLU A 1 77 ? -2.338  2.388   -10.095 1.000 60.846  0 78  GLU A CG  1 
ATOM   631 C CD  . GLU A 1 77 ? -1.743  3.182   -11.236 1.000 67.038  0 78  GLU A CD  1 
ATOM   632 O OE1 . GLU A 1 77 ? -1.760  4.437   -11.287 1.000 71.938  0 78  GLU A OE1 1 
ATOM   633 O OE2 . GLU A 1 77 ? -1.257  2.474   -12.128 1.000 84.146  0 78  GLU A OE2 1 
ATOM   634 N N   . PRO A 1 78 ? -2.634  6.166   -7.528  1.000 49.816  0 79  PRO A N   1 
ATOM   635 C CA  . PRO A 1 78 ? -1.696  6.753   -8.477  1.000 54.923  0 79  PRO A CA  1 
ATOM   636 C C   . PRO A 1 78 ? -0.274  6.848   -7.932  1.000 56.733  0 79  PRO A C   1 
ATOM   637 O O   . PRO A 1 78 ? -0.053  6.768   -6.717  1.000 58.948  0 79  PRO A O   1 
ATOM   638 C CB  . PRO A 1 78 ? -2.263  8.128   -8.765  1.000 57.592  0 79  PRO A CB  1 
ATOM   639 C CG  . PRO A 1 78 ? -3.486  8.276   -7.876  1.000 59.717  0 79  PRO A CG  1 
ATOM   640 C CD  . PRO A 1 78 ? -3.556  7.130   -6.932  1.000 56.023  0 79  PRO A CD  1 
ATOM   641 N N   . HIS A 1 79 ? 0.674   7.000   -8.873  1.000 67.124  0 80  HIS A N   1 
ATOM   642 C CA  . HIS A 1 79 ? 2.097   7.096   -8.575  1.000 81.060  0 80  HIS A CA  1 
ATOM   643 C C   . HIS A 1 79 ? 2.429   8.413   -7.873  1.000 85.098  0 80  HIS A C   1 
ATOM   644 O O   . HIS A 1 79 ? 3.408   8.490   -7.136  1.000 94.539  0 80  HIS A O   1 
ATOM   645 C CB  . HIS A 1 79 ? 2.939   6.886   -9.840  1.000 83.348  0 80  HIS A CB  1 
ATOM   646 C CG  . HIS A 1 79 ? 2.947   5.474   -10.317 1.000 91.748  0 80  HIS A CG  1 
ATOM   647 N ND1 . HIS A 1 79 ? 2.415   5.074   -11.527 1.000 84.088  0 80  HIS A ND1 1 
ATOM   648 C CD2 . HIS A 1 79 ? 3.460   4.374   -9.733  1.000 91.644  0 80  HIS A CD2 1 
ATOM   649 C CE1 . HIS A 1 79 ? 2.594   3.769   -11.663 1.000 92.559  0 80  HIS A CE1 1 
ATOM   650 N NE2 . HIS A 1 79 ? 3.223   3.323   -10.580 1.000 106.594 0 80  HIS A NE2 1 
ATOM   651 N N   . HIS A 1 80 ? 1.615   9.448   -8.124  1.000 99.109  0 81  HIS A N   1 
ATOM   652 C CA  . HIS A 1 80 ? 1.688   10.708  -7.400  1.000 88.823  0 81  HIS A CA  1 
ATOM   653 C C   . HIS A 1 80 ? 0.302   11.007  -6.806  1.000 88.370  0 81  HIS A C   1 
ATOM   654 O O   . HIS A 1 80 ? -0.547  11.593  -7.495  1.000 84.290  0 81  HIS A O   1 
ATOM   655 C CB  . HIS A 1 80 ? 2.248   11.799  -8.327  1.000 99.405  0 81  HIS A CB  1 
ATOM   656 C CG  . HIS A 1 80 ? 3.571   11.479  -8.971  1.000 98.945  0 81  HIS A CG  1 
ATOM   657 N ND1 . HIS A 1 80 ? 4.787   11.806  -8.409  1.000 83.751  0 81  HIS A ND1 1 
ATOM   658 C CD2 . HIS A 1 80 ? 3.859   10.869  -10.142 1.000 99.921  0 81  HIS A CD2 1 
ATOM   659 C CE1 . HIS A 1 80 ? 5.759   11.394  -9.213  1.000 90.514  0 81  HIS A CE1 1 
ATOM   660 N NE2 . HIS A 1 80 ? 5.222   10.810  -10.265 1.000 83.130  0 81  HIS A NE2 1 
ATOM   661 N N   . PRO A 1 81 ? 0.022   10.579  -5.538  1.000 79.387  0 82  PRO A N   1 
ATOM   662 C CA  . PRO A 1 81 ? -1.301  10.755  -4.920  1.000 76.255  0 82  PRO A CA  1 
ATOM   663 C C   . PRO A 1 81 ? -1.702  12.208  -4.622  1.000 71.412  0 82  PRO A C   1 
ATOM   664 O O   . PRO A 1 81 ? -2.822  12.491  -4.178  1.000 67.310  0 82  PRO A O   1 
ATOM   665 C CB  . PRO A 1 81 ? -1.238  9.866   -3.658  1.000 74.765  0 82  PRO A CB  1 
ATOM   666 C CG  . PRO A 1 81 ? 0.238   9.652   -3.379  1.000 80.498  0 82  PRO A CG  1 
ATOM   667 C CD  . PRO A 1 81 ? 0.965   9.825   -4.683  1.000 77.930  0 82  PRO A CD  1 
ATOM   668 N N   . SER A 1 82 ? -0.776  13.136  -4.872  1.000 72.050  0 83  SER A N   1 
ATOM   669 C CA  . SER A 1 82 ? -0.985  14.561  -4.667  1.000 72.443  0 83  SER A CA  1 
ATOM   670 C C   . SER A 1 82 ? -1.808  15.156  -5.807  1.000 64.913  0 83  SER A C   1 
ATOM   671 O O   . SER A 1 82 ? -2.411  16.212  -5.638  1.000 64.844  0 83  SER A O   1 
ATOM   672 C CB  . SER A 1 82 ? 0.358   15.280  -4.543  1.000 76.182  0 83  SER A CB  1 
ATOM   673 O OG  . SER A 1 82 ? 1.145   15.194  -5.733  1.000 69.656  0 83  SER A OG  1 
ATOM   674 N N   . GLY A 1 83 ? -1.797  14.477  -6.968  1.000 70.497  0 84  GLY A N   1 
ATOM   675 C CA  . GLY A 1 83 ? -2.585  14.857  -8.133  1.000 68.712  0 84  GLY A CA  1 
ATOM   676 C C   . GLY A 1 83 ? -4.088  14.716  -7.895  1.000 61.390  0 84  GLY A C   1 
ATOM   677 O O   . GLY A 1 83 ? -4.879  15.268  -8.667  1.000 77.687  0 84  GLY A O   1 
ATOM   678 N N   . GLU A 1 84 ? -4.462  14.005  -6.817  1.000 53.682  0 85  GLU A N   1 
ATOM   679 C CA  . GLU A 1 84 ? -5.855  13.755  -6.442  1.000 67.252  0 85  GLU A CA  1 
ATOM   680 C C   . GLU A 1 84 ? -6.537  14.930  -5.728  1.000 75.594  0 85  GLU A C   1 
ATOM   681 O O   . GLU A 1 84 ? -7.761  14.916  -5.570  1.000 69.247  0 85  GLU A O   1 
ATOM   682 C CB  . GLU A 1 84 ? -5.968  12.656  -5.384  1.000 66.720  0 85  GLU A CB  1 
ATOM   683 C CG  . GLU A 1 84 ? -5.362  11.311  -5.762  1.000 65.251  0 85  GLU A CG  1 
ATOM   684 C CD  . GLU A 1 84 ? -5.556  10.242  -4.694  1.000 62.067  0 85  GLU A CD  1 
ATOM   685 O OE1 . GLU A 1 84 ? -6.254  10.457  -3.671  1.000 56.885  0 85  GLU A OE1 1 
ATOM   686 O OE2 . GLU A 1 84 ? -4.960  9.170   -4.904  1.000 61.943  0 85  GLU A OE2 1 
ATOM   687 N N   . LEU A 1 85 ? -5.732  15.881  -5.218  1.000 89.502  0 86  LEU A N   1 
ATOM   688 C CA  . LEU A 1 85 ? -6.192  17.010  -4.413  1.000 84.790  0 86  LEU A CA  1 
ATOM   689 C C   . LEU A 1 85 ? -6.417  18.269  -5.262  1.000 86.233  0 86  LEU A C   1 
ATOM   690 O O   . LEU A 1 85 ? -7.071  19.206  -4.804  1.000 83.269  0 86  LEU A O   1 
ATOM   691 C CB  . LEU A 1 85 ? -5.121  17.260  -3.350  1.000 77.607  0 86  LEU A CB  1 
ATOM   692 C CG  . LEU A 1 85 ? -5.158  16.378  -2.099  1.000 75.580  0 86  LEU A CG  1 
ATOM   693 C CD1 . LEU A 1 85 ? -5.724  15.000  -2.322  1.000 74.654  0 86  LEU A CD1 1 
ATOM   694 C CD2 . LEU A 1 85 ? -3.742  16.278  -1.556  1.000 74.555  0 86  LEU A CD2 1 
ATOM   695 N N   . THR A 1 86 ? -5.840  18.307  -6.476  1.000 91.766  0 87  THR A N   1 
ATOM   696 C CA  . THR A 1 86 ? -5.952  19.440  -7.389  1.000 92.107  0 87  THR A CA  1 
ATOM   697 C C   . THR A 1 86 ? -7.347  19.447  -8.030  1.000 93.962  0 87  THR A C   1 
ATOM   698 O O   . THR A 1 86 ? -7.800  18.428  -8.551  1.000 87.385  0 87  THR A O   1 
ATOM   699 C CB  . THR A 1 86 ? -4.841  19.376  -8.449  1.000 96.298  0 87  THR A CB  1 
ATOM   700 O OG1 . THR A 1 86 ? -5.096  18.324  -9.387  1.000 108.350 0 87  THR A OG1 1 
ATOM   701 C CG2 . THR A 1 86 ? -3.460  19.178  -7.843  1.000 92.807  0 87  THR A CG2 1 
ATOM   702 N N   . ASP A 1 87 ? -8.025  20.607  -8.007  1.000 99.425  0 88  ASP A N   1 
ATOM   703 C CA  . ASP A 1 87 ? -9.253  20.798  -8.768  1.000 93.792  0 88  ASP A CA  1 
ATOM   704 C C   . ASP A 1 87 ? -9.025  20.291  -10.188 1.000 86.472  0 88  ASP A C   1 
ATOM   705 O O   . ASP A 1 87 ? -7.913  20.393  -10.722 1.000 74.333  0 88  ASP A O   1 
ATOM   706 C CB  . ASP A 1 87 ? -9.735  22.242  -8.764  1.000 99.409  0 88  ASP A CB  1 
ATOM   707 C CG  . ASP A 1 87 ? -11.159 22.474  -9.268  1.000 106.698 0 88  ASP A CG  1 
ATOM   708 O OD1 . ASP A 1 87 ? -11.981 21.504  -9.297  1.000 89.523  0 88  ASP A OD1 1 
ATOM   709 O OD2 . ASP A 1 87 ? -11.435 23.629  -9.651  1.000 108.899 0 88  ASP A OD2 1 
ATOM   710 N N   . PHE A 1 88 ? -10.105 19.764  -10.782 1.000 76.284  0 89  PHE A N   1 
ATOM   711 C CA  . PHE A 1 88 ? -9.987  18.704  -11.764 1.000 69.190  0 89  PHE A CA  1 
ATOM   712 C C   . PHE A 1 88 ? -9.127  19.182  -12.928 1.000 68.630  0 89  PHE A C   1 
ATOM   713 O O   . PHE A 1 88 ? -9.455  20.177  -13.562 1.000 75.376  0 89  PHE A O   1 
ATOM   714 C CB  . PHE A 1 88 ? -11.370 18.207  -12.184 1.000 71.723  0 89  PHE A CB  1 
ATOM   715 C CG  . PHE A 1 88 ? -11.289 16.763  -12.649 1.000 71.317  0 89  PHE A CG  1 
ATOM   716 C CD1 . PHE A 1 88 ? -11.477 15.724  -11.741 1.000 63.575  0 89  PHE A CD1 1 
ATOM   717 C CD2 . PHE A 1 88 ? -10.953 16.458  -13.968 1.000 64.438  0 89  PHE A CD2 1 
ATOM   718 C CE1 . PHE A 1 88 ? -11.389 14.406  -12.156 1.000 63.966  0 89  PHE A CE1 1 
ATOM   719 C CE2 . PHE A 1 88 ? -10.869 15.144  -14.381 1.000 62.554  0 89  PHE A CE2 1 
ATOM   720 C CZ  . PHE A 1 88 ? -11.085 14.120  -13.474 1.000 64.445  0 89  PHE A CZ  1 
ATOM   721 N N   . ARG A 1 89 ? -8.031  18.456  -13.194 1.000 75.227  0 90  ARG A N   1 
ATOM   722 C CA  . ARG A 1 89 ? -7.038  18.853  -14.181 1.000 75.952  0 90  ARG A CA  1 
ATOM   723 C C   . ARG A 1 89 ? -7.019  17.829  -15.321 1.000 68.805  0 90  ARG A C   1 
ATOM   724 O O   . ARG A 1 89 ? -7.672  16.801  -15.257 1.000 69.786  0 90  ARG A O   1 
ATOM   725 C CB  . ARG A 1 89 ? -5.718  19.070  -13.420 1.000 81.390  0 90  ARG A CB  1 
ATOM   726 C CG  . ARG A 1 89 ? -4.451  19.189  -14.262 1.000 97.368  0 90  ARG A CG  1 
ATOM   727 C CD  . ARG A 1 89 ? -3.192  19.711  -13.541 1.000 105.837 0 90  ARG A CD  1 
ATOM   728 N NE  . ARG A 1 89 ? -1.987  19.686  -14.388 1.000 113.461 0 90  ARG A NE  1 
ATOM   729 C CZ  . ARG A 1 89 ? -0.729  19.930  -13.993 1.000 129.460 0 90  ARG A CZ  1 
ATOM   730 N NH1 . ARG A 1 89 ? -0.467  20.335  -12.760 1.000 128.418 0 90  ARG A NH1 1 
ATOM   731 N NH2 . ARG A 1 89 ? 0.274   19.771  -14.843 1.000 131.787 0 90  ARG A NH2 1 
ATOM   732 N N   . ILE A 1 90 ? -6.312  18.158  -16.400 1.000 69.169  0 91  ILE A N   1 
ATOM   733 C CA  . ILE A 1 90 ? -5.944  17.212  -17.437 1.000 70.783  0 91  ILE A CA  1 
ATOM   734 C C   . ILE A 1 90 ? -4.427  16.987  -17.355 1.000 74.547  0 91  ILE A C   1 
ATOM   735 O O   . ILE A 1 90 ? -3.687  17.887  -16.973 1.000 79.455  0 91  ILE A O   1 
ATOM   736 C CB  . ILE A 1 90 ? -6.384  17.782  -18.800 1.000 72.708  0 91  ILE A CB  1 
ATOM   737 C CG1 . ILE A 1 90 ? -7.898  18.112  -18.837 1.000 79.442  0 91  ILE A CG1 1 
ATOM   738 C CG2 . ILE A 1 90 ? -5.958  16.849  -19.934 1.000 73.217  0 91  ILE A CG2 1 
ATOM   739 C CD1 . ILE A 1 90 ? -8.340  18.899  -20.065 1.000 82.064  0 91  ILE A CD1 1 
ATOM   740 N N   . ARG A 1 91 ? -3.943  15.792  -17.719 1.000 76.507  0 92  ARG A N   1 
ATOM   741 C CA  . ARG A 1 91 ? -2.521  15.489  -17.626 1.000 69.340  0 92  ARG A CA  1 
ATOM   742 C C   . ARG A 1 91 ? -2.039  14.712  -18.856 1.000 74.798  0 92  ARG A C   1 
ATOM   743 O O   . ARG A 1 91 ? -2.795  13.997  -19.536 1.000 74.822  0 92  ARG A O   1 
ATOM   744 C CB  . ARG A 1 91 ? -2.196  14.766  -16.308 1.000 62.927  0 92  ARG A CB  1 
ATOM   745 C CG  . ARG A 1 91 ? -2.539  15.564  -15.060 1.000 63.996  0 92  ARG A CG  1 
ATOM   746 C CD  . ARG A 1 91 ? -1.806  15.126  -13.798 1.000 75.472  0 92  ARG A CD  1 
ATOM   747 N NE  . ARG A 1 91 ? -2.362  15.851  -12.642 1.000 93.815  0 92  ARG A NE  1 
ATOM   748 C CZ  . ARG A 1 91 ? -1.768  16.714  -11.798 1.000 94.412  0 92  ARG A CZ  1 
ATOM   749 N NH1 . ARG A 1 91 ? -0.473  16.991  -11.898 1.000 95.833  0 92  ARG A NH1 1 
ATOM   750 N NH2 . ARG A 1 91 ? -2.493  17.302  -10.852 1.000 85.695  0 92  ARG A NH2 1 
ATOM   751 N N   . LEU A 1 92 ? -0.740  14.876  -19.131 1.000 78.287  0 93  LEU A N   1 
ATOM   752 C CA  . LEU A 1 92 ? -0.092  14.239  -20.265 1.000 87.133  0 93  LEU A CA  1 
ATOM   753 C C   . LEU A 1 92 ? 0.711   13.036  -19.777 1.000 83.150  0 93  LEU A C   1 
ATOM   754 O O   . LEU A 1 92 ? 1.185   13.050  -18.643 1.000 78.574  0 93  LEU A O   1 
ATOM   755 C CB  . LEU A 1 92 ? 0.795   15.283  -20.945 1.000 91.065  0 93  LEU A CB  1 
ATOM   756 C CG  . LEU A 1 92 ? 1.311   14.930  -22.344 1.000 95.818  0 93  LEU A CG  1 
ATOM   757 C CD1 . LEU A 1 92 ? 0.150   14.695  -23.319 1.000 96.300  0 93  LEU A CD1 1 
ATOM   758 C CD2 . LEU A 1 92 ? 2.270   16.007  -22.855 1.000 87.720  0 93  LEU A CD2 1 
ATOM   759 N N   . GLU A 1 93 ? 0.821   12.006  -20.636 1.000 87.625  0 94  GLU A N   1 
ATOM   760 C CA  . GLU A 1 93 ? 1.710   10.872  -20.429 1.000 87.321  0 94  GLU A CA  1 
ATOM   761 C C   . GLU A 1 93 ? 2.921   11.031  -21.364 1.000 74.554  0 94  GLU A C   1 
ATOM   762 O O   . GLU A 1 93 ? 4.020   11.208  -20.793 1.000 89.140  0 94  GLU A O   1 
ATOM   763 C CB  . GLU A 1 93 ? 1.064   9.497   -20.636 1.000 91.298  0 94  GLU A CB  1 
ATOM   764 C CG  . GLU A 1 93 ? 1.914   8.366   -20.050 1.000 105.413 0 94  GLU A CG  1 
ATOM   765 C CD  . GLU A 1 93 ? 1.530   6.923   -20.363 1.000 107.817 0 94  GLU A CD  1 
ATOM   766 O OE1 . GLU A 1 93 ? 1.173   6.625   -21.525 1.000 94.986  0 94  GLU A OE1 1 
ATOM   767 O OE2 . GLU A 1 93 ? 1.648   6.073   -19.446 1.000 104.638 0 94  GLU A OE2 1 
HETATM 768 C C1  . EDO B 2 .  ? -0.014  8.701   -11.546 1.000 72.916  0 101 EDO A C1  1 
HETATM 769 O O1  . EDO B 2 .  ? 0.364   10.003  -11.112 1.000 67.247  0 101 EDO A O1  1 
HETATM 770 C C2  . EDO B 2 .  ? -0.404  8.562   -12.979 1.000 67.759  0 101 EDO A C2  1 
HETATM 771 O O2  . EDO B 2 .  ? -0.600  7.209   -13.368 1.000 60.339  0 101 EDO A O2  1 
HETATM 772 C C1  . EDO C 2 .  ? -3.987  -5.613  -11.888 1.000 78.723  0 102 EDO A C1  1 
HETATM 773 O O1  . EDO C 2 .  ? -2.683  -6.134  -12.136 1.000 63.774  0 102 EDO A O1  1 
HETATM 774 C C2  . EDO C 2 .  ? -4.142  -4.151  -12.217 1.000 80.025  0 102 EDO A C2  1 
HETATM 775 O O2  . EDO C 2 .  ? -2.925  -3.389  -12.179 1.000 65.045  0 102 EDO A O2  1 
HETATM 776 C C1  . EDO D 2 .  ? 3.915   -9.150  -12.582 1.000 73.711  0 103 EDO A C1  1 
HETATM 777 O O1  . EDO D 2 .  ? 4.370   -9.860  -11.469 1.000 68.355  0 103 EDO A O1  1 
HETATM 778 C C2  . EDO D 2 .  ? 2.651   -8.419  -12.372 1.000 77.153  0 103 EDO A C2  1 
HETATM 779 O O2  . EDO D 2 .  ? 2.391   -7.538  -13.447 1.000 70.806  0 103 EDO A O2  1 
HETATM 780 S S   . SO4 E 3 .  ? 3.405   12.888  -4.558  1.000 112.014 0 104 SO4 A S   1 
HETATM 781 O O1  . SO4 E 3 .  ? 3.184   12.159  -3.323  1.000 109.835 0 104 SO4 A O1  1 
HETATM 782 O O2  . SO4 E 3 .  ? 2.222   12.858  -5.367  1.000 125.617 0 104 SO4 A O2  1 
HETATM 783 O O3  . SO4 E 3 .  ? 4.500   12.296  -5.292  1.000 114.261 0 104 SO4 A O3  1 
HETATM 784 O O4  . SO4 E 3 .  ? 3.704   14.257  -4.263  1.000 111.779 0 104 SO4 A O4  1 
HETATM 785 S S   . SO4 F 3 .  ? 0.623   14.946  6.342   1.000 140.982 0 105 SO4 A S   1 
HETATM 786 O O1  . SO4 F 3 .  ? 0.884   15.453  5.017   1.000 124.870 0 105 SO4 A O1  1 
HETATM 787 O O2  . SO4 F 3 .  ? -0.584  15.545  6.843   1.000 148.309 0 105 SO4 A O2  1 
HETATM 788 O O3  . SO4 F 3 .  ? 0.452   13.517  6.304   1.000 125.276 0 105 SO4 A O3  1 
HETATM 789 O O4  . SO4 F 3 .  ? 1.728   15.273  7.214   1.000 135.127 0 105 SO4 A O4  1 
HETATM 790 S S   . SO4 G 3 .  ? -1.484  -13.781 5.966   1.000 69.590  0 106 SO4 A S   1 
HETATM 791 O O1  . SO4 G 3 .  ? -0.688  -14.874 6.428   1.000 87.496  0 106 SO4 A O1  1 
HETATM 792 O O2  . SO4 G 3 .  ? -2.775  -14.278 5.608   1.000 64.123  0 106 SO4 A O2  1 
HETATM 793 O O3  . SO4 G 3 .  ? -1.620  -12.783 7.016   1.000 47.421  0 106 SO4 A O3  1 
HETATM 794 O O4  . SO4 G 3 .  ? -0.815  -13.232 4.811   1.000 84.478  0 106 SO4 A O4  1 
HETATM 795 O O   . HOH H 4 .  ? 5.932   7.100   12.637  1.000 77.847  0 201 HOH A O   1 
HETATM 796 O O   . HOH H 4 .  ? 15.553  -10.962 12.808  1.000 83.444  0 202 HOH A O   1 
HETATM 797 O O   . HOH H 4 .  ? -2.676  -7.391  -14.245 1.000 54.565  0 203 HOH A O   1 
HETATM 798 O O   . HOH H 4 .  ? -7.200  8.114   12.032  1.000 64.430  0 204 HOH A O   1 
HETATM 799 O O   . HOH H 4 .  ? 8.613   -4.149  9.484   1.000 70.795  0 205 HOH A O   1 
HETATM 800 O O   . HOH H 4 .  ? 11.499  -8.028  0.476   1.000 48.471  0 206 HOH A O   1 
HETATM 801 O O   . HOH H 4 .  ? -10.521 13.298  0.067   1.000 78.066  0 207 HOH A O   1 
HETATM 802 O O   . HOH H 4 .  ? -10.813 15.356  3.646   1.000 58.517  0 208 HOH A O   1 
HETATM 803 O O   . HOH H 4 .  ? 7.879   -8.686  11.412  1.000 60.189  0 209 HOH A O   1 
HETATM 804 O O   . HOH H 4 .  ? -4.858  -12.112 9.523   1.000 59.503  0 210 HOH A O   1 
# 
